data_7XIN
#
_entry.id   7XIN
#
_cell.length_a   57.767
_cell.length_b   67.014
_cell.length_c   168.576
_cell.angle_alpha   90.270
_cell.angle_beta   92.380
_cell.angle_gamma   90.360
#
_symmetry.space_group_name_H-M   'P 1'
#
loop_
_entity.id
_entity.type
_entity.pdbx_description
1 polymer 'DOPA decarboxylase'
2 non-polymer "PYRIDOXAL-5'-PHOSPHATE"
#
_entity_poly.entity_id   1
_entity_poly.type   'polypeptide(L)'
_entity_poly.pdbx_seq_one_letter_code
;MATPEQFRQYGHQLIDLIADYRQTVGERPVMAQVEPGYLKAALPATAPQQGEPFAAILDDVNNLVMPGLSHWQHPDFYGY
FPSNGTLSSVLGDFLSTGLGVLGLSWQSSPALSELEETTLDWLRQLLGLSGQWSGVIQDTASTSTLVALISARERATDYA
LVRGGLQAEPKPLIVYVSAHAHSSVDKAALLAGFGRDNIRLIPTDERYALRPEALQAAIEQDLAAGNQPCAVVATTGTTT
TTALDPLRPVGEIAQANGLWLHVDSAMAGSAMILPECRWMWDGIELADSVVVNAHKWLGVAFDCSIYYVRDPQHLIRVMS
TNPSYLQSAVDGEVKNLRDWGIPLGRRFRALKLWFMLRSEGVDALQARLRRDLDNAQWLAGQVEAAAEWEVLAPVQLQTL
CIRHRPAGLEGEALDAHTKGWAERLNASGAAYVTPATLDGRWMVRVSIGALPTERGDVQRLWARLQDVIKGLEHHH
;
_entity_poly.pdbx_strand_id   A,C,E
#
# COMPACT_ATOMS: atom_id res chain seq x y z
N ALA A 2 36.65 41.84 -16.87
CA ALA A 2 35.98 41.40 -18.09
C ALA A 2 36.24 42.37 -19.27
N THR A 3 36.38 41.86 -20.48
CA THR A 3 36.42 42.74 -21.64
C THR A 3 35.00 43.29 -21.87
N PRO A 4 34.88 44.35 -22.66
CA PRO A 4 33.53 44.87 -22.96
C PRO A 4 32.65 43.85 -23.63
N GLU A 5 33.20 42.75 -24.12
CA GLU A 5 32.30 41.84 -24.78
C GLU A 5 32.17 40.56 -24.02
N GLN A 6 33.18 40.27 -23.18
CA GLN A 6 32.91 39.40 -22.06
C GLN A 6 31.75 39.96 -21.23
N PHE A 7 31.78 41.27 -20.90
CA PHE A 7 30.70 41.89 -20.12
C PHE A 7 29.35 41.80 -20.81
N ARG A 8 29.36 41.83 -22.15
CA ARG A 8 28.10 41.77 -22.87
C ARG A 8 27.54 40.35 -22.90
N GLN A 9 28.41 39.34 -22.85
CA GLN A 9 27.94 37.97 -22.66
C GLN A 9 27.41 37.76 -21.24
N TYR A 10 28.02 38.45 -20.28
CA TYR A 10 27.53 38.44 -18.90
C TYR A 10 26.31 39.34 -18.75
N GLY A 11 26.27 40.44 -19.50
CA GLY A 11 25.12 41.33 -19.41
C GLY A 11 23.82 40.62 -19.72
N HIS A 12 23.79 39.91 -20.85
CA HIS A 12 22.53 39.28 -21.27
C HIS A 12 22.12 38.16 -20.31
N GLN A 13 23.08 37.46 -19.71
CA GLN A 13 22.72 36.44 -18.73
C GLN A 13 22.08 37.07 -17.50
N LEU A 14 22.54 38.25 -17.11
CA LEU A 14 22.01 38.92 -15.93
C LEU A 14 20.67 39.57 -16.24
N ILE A 15 20.54 40.19 -17.41
CA ILE A 15 19.24 40.70 -17.85
C ILE A 15 18.19 39.59 -17.79
N ASP A 16 18.56 38.37 -18.17
CA ASP A 16 17.57 37.31 -18.12
C ASP A 16 17.24 36.96 -16.68
N LEU A 17 18.26 36.80 -15.84
CA LEU A 17 18.03 36.45 -14.45
C LEU A 17 17.10 37.46 -13.77
N ILE A 18 17.31 38.76 -14.01
CA ILE A 18 16.48 39.79 -13.39
C ILE A 18 15.07 39.82 -13.98
N ALA A 19 14.92 39.45 -15.25
CA ALA A 19 13.60 39.42 -15.89
C ALA A 19 12.74 38.26 -15.35
N ASP A 20 13.36 37.10 -15.10
CA ASP A 20 12.66 35.99 -14.48
C ASP A 20 12.40 36.24 -12.98
N TYR A 21 13.31 36.94 -12.28
CA TYR A 21 12.98 37.31 -10.91
C TYR A 21 11.71 38.15 -10.87
N ARG A 22 11.72 39.35 -11.48
CA ARG A 22 10.56 40.24 -11.44
C ARG A 22 9.27 39.54 -11.87
N GLN A 23 9.36 38.57 -12.78
CA GLN A 23 8.21 37.81 -13.25
C GLN A 23 7.63 36.92 -12.16
N THR A 24 8.49 36.16 -11.48
CA THR A 24 8.07 35.09 -10.58
C THR A 24 8.30 35.44 -9.12
N VAL A 25 8.36 36.73 -8.79
CA VAL A 25 8.74 37.11 -7.42
C VAL A 25 7.63 36.74 -6.45
N GLY A 26 6.36 36.94 -6.85
CA GLY A 26 5.24 36.63 -5.97
C GLY A 26 5.27 35.22 -5.43
N GLU A 27 5.91 34.29 -6.16
CA GLU A 27 6.03 32.89 -5.78
C GLU A 27 6.97 32.67 -4.61
N ARG A 28 7.54 33.66 -4.09
CA ARG A 28 8.48 33.37 -3.03
C ARG A 28 7.92 33.80 -1.68
N PRO A 29 8.54 33.39 -0.58
CA PRO A 29 8.27 34.07 0.69
C PRO A 29 8.70 35.53 0.62
N VAL A 30 7.78 36.43 0.97
CA VAL A 30 8.07 37.87 0.96
C VAL A 30 9.33 38.17 1.78
N MET A 31 9.34 37.72 3.04
CA MET A 31 10.46 37.99 3.93
C MET A 31 11.42 36.80 3.97
N ALA A 32 12.69 37.10 4.08
CA ALA A 32 13.74 36.07 4.16
C ALA A 32 13.41 35.05 5.23
N GLN A 33 13.62 33.78 4.91
CA GLN A 33 13.52 32.72 5.91
C GLN A 33 14.87 32.08 6.18
N VAL A 34 15.83 32.89 6.60
CA VAL A 34 17.14 32.43 7.01
C VAL A 34 17.41 32.91 8.44
N GLU A 35 18.49 32.43 8.96
CA GLU A 35 19.01 32.71 10.27
C GLU A 35 20.21 33.67 10.18
N PRO A 36 20.40 34.53 11.18
CA PRO A 36 21.60 35.38 11.20
C PRO A 36 22.86 34.53 11.11
N GLY A 37 23.74 34.90 10.20
CA GLY A 37 24.98 34.18 10.00
C GLY A 37 24.98 33.23 8.83
N TYR A 38 23.82 32.95 8.23
CA TYR A 38 23.74 31.96 7.17
C TYR A 38 24.70 32.26 6.02
N LEU A 39 24.82 33.53 5.64
CA LEU A 39 25.63 33.83 4.46
C LEU A 39 27.12 33.93 4.81
N LYS A 40 27.48 34.65 5.88
CA LYS A 40 28.89 34.73 6.27
C LYS A 40 29.48 33.34 6.51
N ALA A 41 28.72 32.44 7.15
CA ALA A 41 29.20 31.06 7.31
C ALA A 41 29.36 30.38 5.97
N ALA A 42 28.53 30.76 5.00
CA ALA A 42 28.50 30.13 3.68
C ALA A 42 29.52 30.70 2.71
N LEU A 43 30.14 31.83 3.01
CA LEU A 43 31.05 32.47 2.08
C LEU A 43 32.50 32.20 2.46
N PRO A 44 33.46 32.35 1.54
CA PRO A 44 34.86 32.22 1.91
C PRO A 44 35.22 33.25 2.98
N ALA A 45 36.39 33.08 3.58
CA ALA A 45 36.80 34.08 4.53
C ALA A 45 37.72 35.13 3.92
N THR A 46 38.23 34.92 2.70
CA THR A 46 39.08 35.89 2.01
C THR A 46 38.72 35.98 0.53
N ALA A 47 39.07 37.13 -0.05
CA ALA A 47 38.96 37.29 -1.50
C ALA A 47 39.82 36.26 -2.22
N PRO A 48 39.49 35.95 -3.49
CA PRO A 48 40.28 34.99 -4.26
C PRO A 48 41.44 35.66 -4.98
N GLN A 49 42.57 34.94 -5.03
CA GLN A 49 43.80 35.49 -5.61
C GLN A 49 43.64 35.71 -7.11
N GLN A 50 43.08 34.74 -7.81
CA GLN A 50 42.86 34.82 -9.25
C GLN A 50 41.36 34.82 -9.55
N GLY A 51 41.00 35.54 -10.60
CA GLY A 51 39.60 35.70 -10.92
C GLY A 51 38.91 34.36 -11.03
N GLU A 52 37.61 34.34 -10.68
CA GLU A 52 36.67 33.23 -10.69
C GLU A 52 35.64 33.44 -11.80
N PRO A 53 35.15 32.36 -12.43
CA PRO A 53 34.21 32.54 -13.53
C PRO A 53 32.87 33.13 -13.08
N PHE A 54 32.24 33.87 -14.00
CA PHE A 54 30.98 34.55 -13.74
C PHE A 54 29.81 33.60 -13.56
N ALA A 55 29.86 32.41 -14.16
CA ALA A 55 28.90 31.37 -13.80
C ALA A 55 28.99 31.01 -12.33
N ALA A 56 30.21 31.02 -11.77
CA ALA A 56 30.37 30.67 -10.37
C ALA A 56 29.62 31.67 -9.49
N ILE A 57 29.83 32.96 -9.75
CA ILE A 57 29.07 33.99 -9.06
C ILE A 57 27.56 33.71 -9.16
N LEU A 58 27.04 33.58 -10.41
CA LEU A 58 25.59 33.47 -10.62
C LEU A 58 24.99 32.27 -9.89
N ASP A 59 25.66 31.12 -9.95
CA ASP A 59 25.34 30.01 -9.07
C ASP A 59 25.21 30.50 -7.62
N ASP A 60 26.29 31.04 -7.07
CA ASP A 60 26.25 31.63 -5.74
C ASP A 60 25.15 32.68 -5.60
N VAL A 61 24.81 33.38 -6.69
CA VAL A 61 23.73 34.38 -6.59
C VAL A 61 22.39 33.68 -6.41
N ASN A 62 22.19 32.54 -7.07
CA ASN A 62 20.93 31.80 -6.95
C ASN A 62 20.88 31.04 -5.62
N ASN A 63 22.01 30.46 -5.20
CA ASN A 63 22.04 29.45 -4.15
C ASN A 63 22.35 30.02 -2.77
N LEU A 64 23.02 31.17 -2.69
CA LEU A 64 23.35 31.79 -1.42
C LEU A 64 22.64 33.12 -1.19
N VAL A 65 22.42 33.89 -2.25
CA VAL A 65 21.96 35.27 -2.11
C VAL A 65 20.44 35.36 -2.17
N MET A 66 19.81 34.59 -3.05
CA MET A 66 18.35 34.64 -3.18
C MET A 66 17.59 34.17 -1.94
N PRO A 67 18.04 33.17 -1.17
CA PRO A 67 17.30 32.84 0.07
C PRO A 67 17.42 33.87 1.19
N GLY A 68 18.36 34.80 1.12
CA GLY A 68 18.53 35.79 2.15
C GLY A 68 18.08 37.16 1.69
N LEU A 69 17.02 37.18 0.89
CA LEU A 69 16.35 38.40 0.45
C LEU A 69 14.96 38.46 1.05
N SER A 70 14.62 39.59 1.64
CA SER A 70 13.24 40.01 1.73
C SER A 70 12.92 40.77 0.45
N HIS A 71 11.77 40.49 -0.14
CA HIS A 71 11.48 40.93 -1.51
C HIS A 71 10.57 42.16 -1.48
N TRP A 72 11.14 43.32 -1.78
CA TRP A 72 10.41 44.57 -1.69
C TRP A 72 9.51 44.80 -2.91
N GLN A 73 9.82 44.14 -4.01
CA GLN A 73 9.14 44.36 -5.28
C GLN A 73 8.07 43.30 -5.56
N HIS A 74 7.47 42.71 -4.50
CA HIS A 74 6.59 41.55 -4.31
C HIS A 74 5.12 41.97 -4.22
N PRO A 75 4.21 41.27 -4.89
CA PRO A 75 2.79 41.65 -4.81
C PRO A 75 2.24 41.64 -3.40
N ASP A 76 2.84 40.86 -2.51
CA ASP A 76 2.39 40.71 -1.13
C ASP A 76 3.29 41.41 -0.12
N PHE A 77 4.09 42.38 -0.54
CA PHE A 77 4.86 43.20 0.39
C PHE A 77 4.01 44.37 0.85
N TYR A 78 3.87 44.51 2.18
CA TYR A 78 3.07 45.58 2.76
C TYR A 78 3.84 46.35 3.83
N GLY A 79 5.13 46.11 3.96
CA GLY A 79 5.88 46.63 5.09
C GLY A 79 6.35 48.07 4.92
N TYR A 80 6.71 48.66 6.06
CA TYR A 80 7.33 49.98 6.11
C TYR A 80 6.56 50.95 5.22
N PHE A 81 7.23 51.42 4.20
CA PHE A 81 6.63 52.05 3.05
C PHE A 81 7.27 51.40 1.83
N PRO A 82 6.59 51.38 0.70
CA PRO A 82 7.19 50.76 -0.49
C PRO A 82 8.54 51.37 -0.82
N SER A 83 9.40 50.58 -1.50
CA SER A 83 10.64 51.08 -2.11
C SER A 83 10.61 50.71 -3.59
N ASN A 84 9.91 51.53 -4.38
CA ASN A 84 9.36 51.07 -5.64
C ASN A 84 10.35 51.25 -6.79
N GLY A 85 10.49 50.19 -7.58
CA GLY A 85 11.52 50.11 -8.60
C GLY A 85 10.99 49.74 -9.97
N THR A 86 10.30 50.69 -10.61
CA THR A 86 9.83 50.48 -11.98
C THR A 86 11.00 50.05 -12.86
N LEU A 87 10.76 49.01 -13.67
CA LEU A 87 11.76 48.48 -14.58
C LEU A 87 12.26 49.51 -15.58
N SER A 88 11.49 50.55 -15.88
CA SER A 88 11.99 51.60 -16.75
C SER A 88 13.08 52.40 -16.05
N SER A 89 12.90 52.69 -14.75
CA SER A 89 13.92 53.35 -13.95
C SER A 89 15.11 52.43 -13.68
N VAL A 90 14.89 51.12 -13.51
CA VAL A 90 16.01 50.20 -13.41
C VAL A 90 16.84 50.25 -14.68
N LEU A 91 16.16 50.36 -15.85
CA LEU A 91 16.87 50.53 -17.12
C LEU A 91 17.63 51.86 -17.20
N GLY A 92 17.11 52.92 -16.59
CA GLY A 92 17.89 54.13 -16.48
C GLY A 92 19.13 53.93 -15.63
N ASP A 93 19.04 53.09 -14.59
CA ASP A 93 20.17 52.91 -13.68
C ASP A 93 21.30 52.09 -14.31
N PHE A 94 20.95 51.07 -15.07
CA PHE A 94 21.92 50.38 -15.91
C PHE A 94 22.74 51.40 -16.70
N LEU A 95 22.06 52.31 -17.41
CA LEU A 95 22.79 53.20 -18.29
C LEU A 95 23.70 54.15 -17.51
N SER A 96 23.26 54.59 -16.34
CA SER A 96 24.08 55.46 -15.53
C SER A 96 25.32 54.72 -15.03
N THR A 97 25.18 53.44 -14.66
CA THR A 97 26.35 52.72 -14.17
C THR A 97 27.28 52.33 -15.32
N GLY A 98 26.73 51.85 -16.44
CA GLY A 98 27.58 51.41 -17.54
C GLY A 98 28.28 52.55 -18.24
N LEU A 99 27.66 53.73 -18.24
CA LEU A 99 28.30 54.90 -18.81
C LEU A 99 29.54 55.29 -18.02
N GLY A 100 29.40 55.46 -16.70
CA GLY A 100 30.55 55.55 -15.84
C GLY A 100 30.94 56.94 -15.45
N VAL A 101 30.14 57.91 -15.86
CA VAL A 101 30.46 59.32 -15.70
C VAL A 101 30.25 59.77 -14.26
N LEU A 102 30.87 60.88 -13.90
CA LEU A 102 30.67 61.46 -12.58
C LEU A 102 30.46 62.96 -12.75
N GLY A 103 29.51 63.49 -12.01
CA GLY A 103 29.36 64.92 -11.92
C GLY A 103 30.07 65.52 -10.71
N LEU A 104 31.29 66.00 -10.94
CA LEU A 104 31.98 66.88 -9.98
C LEU A 104 31.74 68.35 -10.32
N SER A 105 31.30 68.62 -11.54
CA SER A 105 31.06 69.94 -12.11
C SER A 105 30.27 69.73 -13.39
N TRP A 106 29.72 70.83 -13.91
CA TRP A 106 29.06 70.79 -15.21
C TRP A 106 29.98 70.21 -16.26
N GLN A 107 31.21 70.72 -16.34
CA GLN A 107 32.10 70.33 -17.42
C GLN A 107 32.46 68.85 -17.34
N SER A 108 32.53 68.28 -16.13
CA SER A 108 32.91 66.87 -15.97
C SER A 108 31.87 65.91 -16.53
N SER A 109 30.73 66.46 -17.06
CA SER A 109 29.69 65.84 -17.88
C SER A 109 28.47 66.75 -17.88
N PRO A 110 28.26 67.53 -18.96
CA PRO A 110 27.08 68.41 -18.98
C PRO A 110 25.75 67.67 -18.97
N ALA A 111 25.67 66.53 -19.66
CA ALA A 111 24.37 65.90 -19.83
C ALA A 111 23.80 65.44 -18.49
N LEU A 112 24.68 65.10 -17.53
CA LEU A 112 24.25 64.64 -16.20
C LEU A 112 23.54 65.76 -15.44
N SER A 113 24.15 66.95 -15.40
CA SER A 113 23.53 67.99 -14.60
C SER A 113 22.31 68.57 -15.30
N GLU A 114 22.44 68.84 -16.60
CA GLU A 114 21.34 69.46 -17.32
C GLU A 114 20.11 68.56 -17.35
N LEU A 115 20.32 67.25 -17.52
CA LEU A 115 19.17 66.34 -17.43
C LEU A 115 18.51 66.47 -16.06
N GLU A 116 19.31 66.34 -14.99
CA GLU A 116 18.79 66.45 -13.63
C GLU A 116 18.07 67.77 -13.40
N GLU A 117 18.53 68.84 -14.06
CA GLU A 117 17.83 70.11 -13.97
C GLU A 117 16.47 70.02 -14.64
N THR A 118 16.42 69.43 -15.85
CA THR A 118 15.16 69.31 -16.58
C THR A 118 14.16 68.40 -15.84
N THR A 119 14.57 67.17 -15.53
CA THR A 119 13.65 66.21 -14.92
C THR A 119 13.14 66.67 -13.55
N LEU A 120 13.97 67.36 -12.77
CA LEU A 120 13.48 67.91 -11.51
C LEU A 120 12.45 69.02 -11.74
N ASP A 121 12.66 69.86 -12.77
CA ASP A 121 11.62 70.81 -13.13
C ASP A 121 10.39 70.10 -13.70
N TRP A 122 10.60 69.07 -14.51
CA TRP A 122 9.50 68.22 -14.95
C TRP A 122 8.60 67.83 -13.77
N LEU A 123 9.21 67.24 -12.74
CA LEU A 123 8.46 66.70 -11.60
C LEU A 123 7.94 67.81 -10.71
N ARG A 124 8.68 68.92 -10.59
CA ARG A 124 8.23 70.07 -9.82
C ARG A 124 6.85 70.50 -10.27
N GLN A 125 6.65 70.50 -11.58
CA GLN A 125 5.38 70.88 -12.19
C GLN A 125 4.32 69.81 -11.97
N LEU A 126 4.71 68.53 -12.02
CA LEU A 126 3.81 67.39 -11.82
C LEU A 126 3.27 67.30 -10.40
N LEU A 127 3.99 67.87 -9.45
CA LEU A 127 3.62 67.94 -8.05
C LEU A 127 2.78 69.16 -7.70
N GLY A 128 2.56 70.06 -8.65
CA GLY A 128 1.78 71.25 -8.41
C GLY A 128 2.52 72.39 -7.75
N LEU A 129 3.86 72.38 -7.77
CA LEU A 129 4.62 73.37 -7.03
C LEU A 129 4.86 74.62 -7.87
N SER A 130 4.87 75.76 -7.21
CA SER A 130 5.00 77.03 -7.91
C SER A 130 6.37 77.15 -8.54
N GLY A 131 6.58 78.24 -9.28
CA GLY A 131 7.80 78.43 -10.01
C GLY A 131 9.00 78.85 -9.18
N GLN A 132 8.78 79.26 -7.92
CA GLN A 132 9.87 79.66 -7.01
C GLN A 132 10.64 78.47 -6.46
N TRP A 133 10.21 77.25 -6.77
CA TRP A 133 10.87 76.05 -6.29
C TRP A 133 11.87 75.54 -7.32
N SER A 134 12.96 75.00 -6.81
CA SER A 134 14.05 74.48 -7.61
C SER A 134 14.63 73.37 -6.76
N GLY A 135 15.01 72.25 -7.38
CA GLY A 135 15.38 71.04 -6.65
C GLY A 135 16.76 70.48 -7.00
N VAL A 136 17.19 69.50 -6.19
CA VAL A 136 18.37 68.67 -6.46
C VAL A 136 18.09 67.27 -5.93
N ILE A 137 18.74 66.26 -6.50
CA ILE A 137 18.55 64.88 -6.05
C ILE A 137 19.55 64.57 -4.93
N GLN A 138 19.05 64.27 -3.75
CA GLN A 138 19.88 63.76 -2.68
C GLN A 138 19.76 62.24 -2.67
N ASP A 139 20.52 61.59 -1.78
CA ASP A 139 20.44 60.13 -1.77
C ASP A 139 19.22 59.65 -1.01
N THR A 140 18.81 60.35 0.04
CA THR A 140 17.77 59.92 0.98
C THR A 140 17.08 61.15 1.58
N ALA A 141 15.87 60.93 2.10
CA ALA A 141 15.22 62.00 2.86
C ALA A 141 16.05 62.39 4.08
N SER A 142 16.59 61.37 4.76
CA SER A 142 17.49 61.56 5.90
C SER A 142 18.52 62.66 5.61
N THR A 143 19.35 62.44 4.58
CA THR A 143 20.31 63.47 4.18
C THR A 143 19.61 64.80 3.89
N SER A 144 18.44 64.74 3.25
CA SER A 144 17.70 65.94 2.84
C SER A 144 17.29 66.77 4.04
N THR A 145 16.80 66.10 5.09
CA THR A 145 16.37 66.83 6.27
C THR A 145 17.56 67.41 7.04
N LEU A 146 18.71 66.73 6.96
CA LEU A 146 19.97 67.27 7.48
C LEU A 146 20.38 68.51 6.70
N VAL A 147 20.28 68.45 5.38
CA VAL A 147 20.56 69.63 4.53
C VAL A 147 19.70 70.80 4.97
N ALA A 148 18.43 70.53 5.26
CA ALA A 148 17.43 71.54 5.61
C ALA A 148 17.61 72.08 7.03
N LEU A 149 18.05 71.23 7.96
CA LEU A 149 18.35 71.68 9.33
C LEU A 149 19.69 72.37 9.40
N ILE A 150 20.67 71.97 8.59
CA ILE A 150 21.88 72.77 8.45
C ILE A 150 21.56 74.11 7.79
N SER A 151 20.66 74.13 6.79
CA SER A 151 20.18 75.37 6.21
C SER A 151 19.49 76.25 7.24
N ALA A 152 18.60 75.64 8.03
CA ALA A 152 17.92 76.33 9.12
C ALA A 152 18.89 76.97 10.10
N ARG A 153 19.81 76.16 10.64
CA ARG A 153 20.86 76.68 11.50
C ARG A 153 21.51 77.91 10.88
N GLU A 154 21.97 77.77 9.63
CA GLU A 154 22.73 78.83 9.00
C GLU A 154 21.94 80.11 8.84
N ARG A 155 20.63 80.01 8.62
CA ARG A 155 19.82 81.22 8.50
C ARG A 155 19.80 81.97 9.83
N ALA A 156 19.45 81.25 10.90
CA ALA A 156 19.20 81.87 12.19
C ALA A 156 20.47 82.37 12.86
N THR A 157 21.63 81.79 12.52
CA THR A 157 22.92 82.19 13.08
C THR A 157 23.73 83.11 12.16
N ASP A 158 23.16 83.62 11.06
CA ASP A 158 23.83 84.56 10.14
C ASP A 158 25.09 83.96 9.51
N TYR A 159 25.07 82.64 9.26
CA TYR A 159 26.17 81.94 8.59
C TYR A 159 27.40 81.85 9.49
N ALA A 160 27.17 81.42 10.74
CA ALA A 160 28.25 81.28 11.71
C ALA A 160 29.33 80.30 11.25
N LEU A 161 29.01 79.41 10.33
CA LEU A 161 29.95 78.36 9.97
C LEU A 161 31.27 78.93 9.45
N VAL A 162 31.26 80.15 8.91
CA VAL A 162 32.51 80.82 8.57
C VAL A 162 33.03 81.63 9.77
N ARG A 163 32.44 81.45 10.94
CA ARG A 163 32.96 82.07 12.16
C ARG A 163 33.11 81.05 13.28
N GLY A 164 32.51 81.32 14.42
CA GLY A 164 32.62 80.43 15.56
C GLY A 164 31.79 79.18 15.46
N GLY A 165 30.86 79.12 14.53
CA GLY A 165 30.03 77.95 14.40
C GLY A 165 29.07 77.84 15.57
N LEU A 166 28.59 76.61 15.81
CA LEU A 166 27.45 76.42 16.72
C LEU A 166 27.80 76.78 18.17
N GLN A 167 29.03 76.47 18.63
CA GLN A 167 29.34 76.57 20.06
C GLN A 167 29.54 78.00 20.52
N ALA A 168 29.59 78.96 19.57
CA ALA A 168 29.75 80.35 19.95
C ALA A 168 28.44 81.09 19.96
N GLU A 169 27.31 80.38 19.76
CA GLU A 169 26.02 81.07 19.73
C GLU A 169 25.49 81.30 21.13
N PRO A 170 25.00 82.50 21.44
CA PRO A 170 24.63 82.80 22.84
C PRO A 170 23.36 82.08 23.32
N LYS A 171 22.56 81.52 22.43
CA LYS A 171 21.23 81.06 22.73
C LYS A 171 20.97 79.69 22.09
N PRO A 172 20.43 78.73 22.84
CA PRO A 172 20.11 77.42 22.27
C PRO A 172 19.15 77.51 21.08
N LEU A 173 19.55 76.88 19.98
CA LEU A 173 18.73 76.86 18.77
C LEU A 173 17.75 75.69 18.84
N ILE A 174 16.45 76.00 18.91
CA ILE A 174 15.41 75.01 19.08
C ILE A 174 14.90 74.55 17.72
N VAL A 175 14.47 73.29 17.67
CA VAL A 175 13.84 72.66 16.49
C VAL A 175 12.53 72.05 16.95
N TYR A 176 11.44 72.43 16.28
CA TYR A 176 10.11 71.97 16.65
C TYR A 176 9.60 70.95 15.63
N VAL A 177 9.35 69.74 16.09
CA VAL A 177 8.83 68.67 15.25
C VAL A 177 7.61 68.04 15.92
N SER A 178 6.72 67.49 15.09
CA SER A 178 5.61 66.68 15.58
C SER A 178 6.14 65.46 16.31
N ALA A 179 5.43 65.07 17.39
CA ALA A 179 5.83 63.92 18.19
C ALA A 179 5.70 62.60 17.44
N HIS A 180 5.13 62.63 16.22
CA HIS A 180 5.09 61.48 15.32
C HIS A 180 6.04 61.63 14.14
N ALA A 181 6.85 62.70 14.11
CA ALA A 181 7.86 62.84 13.07
C ALA A 181 8.87 61.70 13.10
N HIS A 182 9.23 61.23 11.89
CA HIS A 182 10.18 60.13 11.68
C HIS A 182 11.47 60.35 12.46
N SER A 183 12.08 59.23 12.87
CA SER A 183 13.31 59.27 13.66
C SER A 183 14.48 59.89 12.91
N SER A 184 14.41 59.96 11.57
CA SER A 184 15.46 60.63 10.81
C SER A 184 15.48 62.14 11.08
N VAL A 185 14.32 62.73 11.41
CA VAL A 185 14.25 64.16 11.71
C VAL A 185 15.02 64.49 12.97
N ASP A 186 14.90 63.63 13.97
CA ASP A 186 15.63 63.81 15.22
C ASP A 186 17.12 63.63 15.00
N LYS A 187 17.51 62.51 14.36
CA LYS A 187 18.91 62.29 14.06
C LYS A 187 19.51 63.50 13.35
N ALA A 188 18.82 63.99 12.32
CA ALA A 188 19.36 65.09 11.51
C ALA A 188 19.67 66.30 12.38
N ALA A 189 18.72 66.67 13.25
CA ALA A 189 19.01 67.68 14.27
C ALA A 189 20.31 67.36 14.99
N LEU A 190 20.46 66.12 15.45
CA LEU A 190 21.60 65.79 16.30
C LEU A 190 22.92 65.79 15.53
N LEU A 191 22.91 65.32 14.29
CA LEU A 191 24.10 65.41 13.45
C LEU A 191 24.45 66.86 13.12
N ALA A 192 23.45 67.75 13.06
CA ALA A 192 23.75 69.17 12.89
C ALA A 192 24.07 69.86 14.21
N GLY A 193 24.11 69.14 15.33
CA GLY A 193 24.60 69.66 16.59
C GLY A 193 23.57 70.24 17.54
N PHE A 194 22.27 70.00 17.31
CA PHE A 194 21.26 70.77 18.03
C PHE A 194 21.12 70.35 19.48
N GLY A 195 21.39 69.08 19.81
CA GLY A 195 21.17 68.62 21.17
C GLY A 195 19.76 68.09 21.37
N ARG A 196 19.62 66.94 22.03
CA ARG A 196 18.28 66.41 22.25
C ARG A 196 17.43 67.37 23.06
N ASP A 197 18.02 68.00 24.07
CA ASP A 197 17.34 69.01 24.86
C ASP A 197 16.61 70.02 23.98
N ASN A 198 17.14 70.29 22.79
CA ASN A 198 16.75 71.45 21.99
C ASN A 198 15.67 71.11 20.98
N ILE A 199 15.26 69.85 20.94
CA ILE A 199 14.24 69.36 20.03
C ILE A 199 12.99 69.19 20.86
N ARG A 200 12.00 70.04 20.66
CA ARG A 200 10.74 69.91 21.39
C ARG A 200 9.71 69.23 20.50
N LEU A 201 9.22 68.09 20.98
CA LEU A 201 8.15 67.36 20.30
C LEU A 201 6.84 68.08 20.60
N ILE A 202 6.07 68.37 19.56
CA ILE A 202 4.82 69.09 19.67
C ILE A 202 3.71 68.04 19.75
N PRO A 203 2.81 68.12 20.73
CA PRO A 203 1.73 67.13 20.82
C PRO A 203 0.83 67.16 19.61
N THR A 204 0.12 66.05 19.42
CA THR A 204 -0.70 65.80 18.25
C THR A 204 -2.17 65.76 18.64
N ASP A 205 -3.02 65.68 17.61
CA ASP A 205 -4.47 65.70 17.75
C ASP A 205 -5.08 64.31 17.58
N GLU A 206 -6.40 64.27 17.48
CA GLU A 206 -7.11 63.02 17.24
C GLU A 206 -6.58 62.29 16.01
N ARG A 207 -6.19 63.01 14.96
CA ARG A 207 -5.68 62.39 13.75
C ARG A 207 -4.16 62.36 13.72
N TYR A 208 -3.52 62.53 14.88
CA TYR A 208 -2.08 62.46 15.06
C TYR A 208 -1.32 63.52 14.28
N ALA A 209 -2.02 64.57 13.87
CA ALA A 209 -1.40 65.75 13.28
C ALA A 209 -1.03 66.75 14.38
N LEU A 210 0.12 67.41 14.24
CA LEU A 210 0.58 68.35 15.26
C LEU A 210 -0.42 69.49 15.45
N ARG A 211 -0.58 69.95 16.69
CA ARG A 211 -1.43 71.11 16.97
C ARG A 211 -0.62 72.40 16.81
N PRO A 212 -0.91 73.24 15.80
CA PRO A 212 -0.27 74.56 15.71
C PRO A 212 -0.38 75.40 16.96
N GLU A 213 -1.51 75.28 17.68
CA GLU A 213 -1.64 75.96 18.97
C GLU A 213 -0.54 75.53 19.94
N ALA A 214 -0.10 74.27 19.88
CA ALA A 214 0.99 73.87 20.77
C ALA A 214 2.32 74.41 20.27
N LEU A 215 2.52 74.44 18.96
CA LEU A 215 3.74 75.03 18.38
C LEU A 215 3.93 76.46 18.90
N GLN A 216 2.95 77.32 18.63
CA GLN A 216 2.95 78.69 19.14
C GLN A 216 2.93 78.76 20.67
N ALA A 217 2.51 77.71 21.35
CA ALA A 217 2.74 77.71 22.79
C ALA A 217 4.21 77.44 23.08
N ALA A 218 4.74 76.34 22.54
CA ALA A 218 6.15 76.02 22.72
C ALA A 218 7.06 77.16 22.27
N ILE A 219 6.68 77.88 21.21
CA ILE A 219 7.58 78.90 20.67
C ILE A 219 7.64 80.12 21.59
N GLU A 220 6.50 80.52 22.17
CA GLU A 220 6.50 81.66 23.07
C GLU A 220 7.26 81.31 24.34
N GLN A 221 7.17 80.06 24.78
CA GLN A 221 7.82 79.65 26.01
C GLN A 221 9.33 79.69 25.90
N ASP A 222 9.89 79.38 24.73
CA ASP A 222 11.36 79.40 24.59
C ASP A 222 11.88 80.83 24.50
N LEU A 223 11.15 81.72 23.83
CA LEU A 223 11.47 83.14 23.87
C LEU A 223 11.35 83.67 25.29
N ALA A 224 10.40 83.16 26.06
CA ALA A 224 10.28 83.46 27.47
C ALA A 224 11.22 82.60 28.30
N ALA A 225 12.14 81.89 27.66
CA ALA A 225 13.22 81.24 28.36
C ALA A 225 14.56 81.81 27.96
N GLY A 226 14.59 82.65 26.93
CA GLY A 226 15.83 83.13 26.37
C GLY A 226 16.43 82.22 25.33
N ASN A 227 15.84 81.06 25.08
CA ASN A 227 16.32 80.27 23.97
C ASN A 227 15.92 80.94 22.66
N GLN A 228 16.46 80.42 21.55
CA GLN A 228 16.26 81.03 20.23
C GLN A 228 15.61 80.00 19.31
N PRO A 229 14.31 80.09 19.07
CA PRO A 229 13.69 79.16 18.11
C PRO A 229 14.32 79.35 16.73
N CYS A 230 14.57 78.22 16.04
CA CYS A 230 15.23 78.20 14.74
C CYS A 230 14.39 77.60 13.62
N ALA A 231 13.83 76.39 13.78
CA ALA A 231 13.18 75.71 12.66
C ALA A 231 12.02 74.82 13.09
N VAL A 232 11.03 74.71 12.22
CA VAL A 232 9.93 73.77 12.36
C VAL A 232 10.09 72.68 11.30
N VAL A 233 9.81 71.41 11.68
CA VAL A 233 9.75 70.33 10.69
C VAL A 233 8.37 69.69 10.75
N ALA A 234 7.60 69.86 9.68
CA ALA A 234 6.26 69.28 9.54
C ALA A 234 6.30 68.06 8.63
N THR A 235 5.41 67.12 8.91
CA THR A 235 5.39 65.84 8.21
C THR A 235 4.06 65.66 7.50
N THR A 236 4.12 65.57 6.17
CA THR A 236 2.97 65.27 5.32
C THR A 236 3.01 63.77 5.00
N GLY A 237 2.42 62.98 5.90
CA GLY A 237 2.37 61.56 5.71
C GLY A 237 3.34 60.92 6.66
N THR A 238 2.97 60.79 7.93
CA THR A 238 3.93 60.29 8.89
C THR A 238 4.10 58.79 8.67
N THR A 239 5.16 58.24 9.28
CA THR A 239 5.45 56.83 9.01
C THR A 239 4.47 55.89 9.69
N THR A 240 4.01 56.25 10.88
CA THR A 240 3.13 55.32 11.59
C THR A 240 1.79 55.31 10.87
N THR A 241 1.04 56.41 10.96
CA THR A 241 -0.33 56.46 10.52
C THR A 241 -0.57 57.31 9.27
N THR A 242 0.49 57.74 8.57
CA THR A 242 0.40 58.76 7.51
C THR A 242 -0.50 59.94 7.92
N ALA A 243 -0.21 60.50 9.09
CA ALA A 243 -0.84 61.75 9.50
C ALA A 243 -0.33 62.92 8.64
N LEU A 244 -1.10 64.02 8.69
CA LEU A 244 -0.98 65.13 7.75
C LEU A 244 -0.89 66.46 8.50
N ASP A 245 0.30 66.80 8.98
CA ASP A 245 0.52 68.08 9.65
C ASP A 245 -0.20 69.19 8.88
N PRO A 246 -0.88 70.11 9.56
CA PRO A 246 -1.49 71.23 8.82
C PRO A 246 -0.44 72.30 8.59
N LEU A 247 -0.07 72.46 7.29
CA LEU A 247 1.08 73.28 6.92
C LEU A 247 0.74 74.76 6.70
N ARG A 248 -0.55 75.10 6.56
CA ARG A 248 -0.83 76.52 6.38
C ARG A 248 -0.78 77.21 7.74
N PRO A 249 -1.50 76.74 8.78
CA PRO A 249 -1.27 77.35 10.10
C PRO A 249 0.18 77.24 10.58
N VAL A 250 0.85 76.11 10.36
CA VAL A 250 2.23 75.98 10.84
C VAL A 250 3.15 76.86 10.04
N GLY A 251 2.81 77.13 8.77
CA GLY A 251 3.63 77.97 7.93
C GLY A 251 3.46 79.45 8.24
N GLU A 252 2.24 79.84 8.61
CA GLU A 252 2.03 81.21 9.06
C GLU A 252 2.72 81.47 10.41
N ILE A 253 2.86 80.44 11.26
CA ILE A 253 3.56 80.62 12.54
C ILE A 253 5.06 80.77 12.29
N ALA A 254 5.62 79.83 11.53
CA ALA A 254 7.04 79.86 11.19
C ALA A 254 7.43 81.13 10.45
N GLN A 255 6.51 81.70 9.67
CA GLN A 255 6.78 82.96 8.98
C GLN A 255 6.72 84.14 9.93
N ALA A 256 5.73 84.17 10.81
CA ALA A 256 5.61 85.26 11.76
C ALA A 256 6.75 85.31 12.78
N ASN A 257 7.47 84.21 12.99
CA ASN A 257 8.55 84.18 13.99
C ASN A 257 9.94 84.01 13.41
N GLY A 258 10.09 84.12 12.09
CA GLY A 258 11.42 84.03 11.48
C GLY A 258 12.11 82.67 11.59
N LEU A 259 11.36 81.58 11.47
CA LEU A 259 11.91 80.23 11.58
C LEU A 259 11.91 79.51 10.24
N TRP A 260 12.70 78.45 10.17
CA TRP A 260 12.74 77.65 8.95
C TRP A 260 11.62 76.61 8.98
N LEU A 261 10.82 76.58 7.92
CA LEU A 261 9.84 75.51 7.71
C LEU A 261 10.43 74.53 6.70
N HIS A 262 10.83 73.37 7.19
CA HIS A 262 11.15 72.26 6.32
C HIS A 262 10.06 71.20 6.44
N VAL A 263 9.55 70.71 5.30
CA VAL A 263 8.42 69.79 5.26
C VAL A 263 8.93 68.42 4.83
N ASP A 264 8.63 67.38 5.62
CA ASP A 264 9.10 66.02 5.36
C ASP A 264 7.96 65.26 4.66
N SER A 265 7.90 65.43 3.35
CA SER A 265 6.90 64.73 2.53
C SER A 265 7.53 63.56 1.77
N ALA A 266 8.38 62.79 2.46
CA ALA A 266 9.06 61.66 1.84
C ALA A 266 8.06 60.70 1.19
N MET A 267 7.12 60.18 1.97
CA MET A 267 6.29 59.12 1.44
C MET A 267 5.20 59.76 0.62
N ALA A 268 4.31 60.55 1.26
CA ALA A 268 3.12 61.10 0.60
C ALA A 268 3.43 62.17 -0.45
N GLY A 269 4.69 62.58 -0.61
CA GLY A 269 4.98 63.54 -1.68
C GLY A 269 4.54 63.07 -3.06
N SER A 270 4.69 61.78 -3.35
CA SER A 270 4.35 61.27 -4.67
C SER A 270 2.88 61.49 -5.02
N ALA A 271 1.99 61.38 -4.02
CA ALA A 271 0.56 61.55 -4.27
C ALA A 271 0.23 62.94 -4.79
N MET A 272 1.15 63.89 -4.66
CA MET A 272 0.89 65.24 -5.12
C MET A 272 1.01 65.38 -6.64
N ILE A 273 1.32 64.30 -7.36
CA ILE A 273 1.05 64.30 -8.80
C ILE A 273 -0.42 64.10 -9.08
N LEU A 274 -1.21 63.76 -8.06
CA LEU A 274 -2.64 63.56 -8.22
C LEU A 274 -3.33 64.85 -7.82
N PRO A 275 -4.01 65.53 -8.73
CA PRO A 275 -4.63 66.83 -8.39
C PRO A 275 -5.66 66.76 -7.28
N GLU A 276 -6.34 65.63 -7.14
CA GLU A 276 -7.33 65.43 -6.09
C GLU A 276 -6.72 65.29 -4.70
N CYS A 277 -5.40 65.14 -4.56
CA CYS A 277 -4.80 64.96 -3.24
C CYS A 277 -4.01 66.16 -2.71
N ARG A 278 -3.85 67.25 -3.51
CA ARG A 278 -3.06 68.40 -3.05
C ARG A 278 -3.75 69.25 -2.01
N TRP A 279 -4.94 68.87 -1.51
CA TRP A 279 -5.40 69.42 -0.23
C TRP A 279 -4.41 69.08 0.87
N MET A 280 -3.80 67.88 0.80
CA MET A 280 -2.85 67.48 1.82
C MET A 280 -1.69 68.45 1.96
N TRP A 281 -1.35 69.16 0.89
CA TRP A 281 -0.19 70.04 0.87
C TRP A 281 -0.53 71.51 1.06
N ASP A 282 -1.74 71.84 1.47
CA ASP A 282 -2.06 73.25 1.50
C ASP A 282 -1.19 73.97 2.53
N GLY A 283 -0.62 75.10 2.11
CA GLY A 283 0.34 75.86 2.89
C GLY A 283 1.77 75.67 2.42
N ILE A 284 2.02 74.62 1.64
CA ILE A 284 3.39 74.22 1.29
C ILE A 284 4.15 75.36 0.63
N GLU A 285 3.43 76.28 -0.03
CA GLU A 285 4.04 77.47 -0.59
C GLU A 285 4.63 78.38 0.48
N LEU A 286 4.30 78.14 1.74
CA LEU A 286 4.89 78.92 2.81
C LEU A 286 6.17 78.30 3.36
N ALA A 287 6.53 77.11 2.88
CA ALA A 287 7.65 76.34 3.38
C ALA A 287 8.95 76.75 2.69
N ASP A 288 10.05 76.62 3.44
CA ASP A 288 11.38 76.93 2.92
C ASP A 288 11.96 75.77 2.11
N SER A 289 11.75 74.54 2.57
CA SER A 289 12.23 73.35 1.86
C SER A 289 11.16 72.27 1.89
N VAL A 290 11.31 71.29 0.99
CA VAL A 290 10.44 70.13 0.96
C VAL A 290 11.21 68.98 0.32
N VAL A 291 10.96 67.77 0.81
CA VAL A 291 11.66 66.60 0.31
C VAL A 291 10.63 65.52 -0.01
N VAL A 292 10.77 64.91 -1.19
CA VAL A 292 9.93 63.80 -1.59
C VAL A 292 10.83 62.70 -2.09
N ASN A 293 10.47 61.46 -1.77
CA ASN A 293 11.29 60.31 -2.10
C ASN A 293 10.66 59.68 -3.32
N ALA A 294 11.12 60.09 -4.49
CA ALA A 294 10.68 59.42 -5.70
C ALA A 294 11.07 57.96 -5.68
N HIS A 295 12.07 57.58 -4.87
CA HIS A 295 12.42 56.18 -4.75
C HIS A 295 11.52 55.41 -3.78
N LYS A 296 10.41 55.99 -3.33
CA LYS A 296 9.56 55.25 -2.40
C LYS A 296 8.32 54.70 -3.11
N TRP A 297 7.28 55.54 -3.26
CA TRP A 297 6.01 55.19 -3.86
C TRP A 297 5.96 55.47 -5.35
N LEU A 298 6.47 56.64 -5.77
CA LEU A 298 6.41 57.04 -7.19
C LEU A 298 6.99 55.97 -8.10
N GLY A 299 8.11 55.34 -7.70
CA GLY A 299 8.61 54.19 -8.42
C GLY A 299 9.99 54.28 -9.05
N VAL A 300 10.76 55.36 -8.82
CA VAL A 300 12.14 55.41 -9.28
C VAL A 300 13.02 54.58 -8.35
N ALA A 301 13.93 53.77 -8.89
CA ALA A 301 14.73 52.89 -8.05
C ALA A 301 15.60 53.67 -7.07
N PHE A 302 15.70 53.17 -5.83
CA PHE A 302 16.61 53.75 -4.84
C PHE A 302 18.03 53.73 -5.37
N ASP A 303 18.83 54.81 -5.17
CA ASP A 303 18.51 56.08 -4.49
C ASP A 303 18.07 57.21 -5.43
N CYS A 304 17.09 57.98 -5.00
CA CYS A 304 16.67 59.19 -5.71
C CYS A 304 15.73 59.95 -4.78
N SER A 305 16.33 60.83 -3.97
CA SER A 305 15.63 61.65 -3.00
C SER A 305 15.64 63.07 -3.51
N ILE A 306 14.48 63.68 -3.60
CA ILE A 306 14.30 65.00 -4.19
C ILE A 306 14.15 66.02 -3.07
N TYR A 307 14.87 67.13 -3.17
CA TYR A 307 14.88 68.21 -2.20
C TYR A 307 14.63 69.50 -2.96
N TYR A 308 13.60 70.25 -2.57
CA TYR A 308 13.21 71.48 -3.25
C TYR A 308 13.29 72.66 -2.30
N VAL A 309 13.97 73.72 -2.72
CA VAL A 309 14.05 74.96 -1.95
C VAL A 309 13.49 76.08 -2.79
N ARG A 310 12.96 77.08 -2.11
CA ARG A 310 12.59 78.36 -2.72
C ARG A 310 13.73 79.37 -2.71
N ASP A 311 14.76 79.12 -1.91
CA ASP A 311 15.91 80.01 -1.74
C ASP A 311 17.17 79.21 -2.04
N PRO A 312 17.39 78.86 -3.32
CA PRO A 312 18.62 78.12 -3.65
C PRO A 312 19.90 78.91 -3.39
N GLN A 313 19.83 80.24 -3.43
CA GLN A 313 20.98 81.06 -3.08
C GLN A 313 21.42 80.82 -1.65
N HIS A 314 20.48 80.51 -0.75
CA HIS A 314 20.91 80.19 0.62
C HIS A 314 21.43 78.77 0.72
N LEU A 315 20.92 77.85 -0.10
CA LEU A 315 21.49 76.51 -0.12
C LEU A 315 22.95 76.58 -0.60
N ILE A 316 23.17 77.23 -1.73
CA ILE A 316 24.52 77.34 -2.28
C ILE A 316 25.46 78.03 -1.29
N ARG A 317 24.99 79.08 -0.61
CA ARG A 317 25.85 79.78 0.34
C ARG A 317 26.36 78.81 1.41
N VAL A 318 25.47 77.96 1.93
CA VAL A 318 25.84 77.07 3.03
C VAL A 318 26.75 75.95 2.54
N MET A 319 26.31 75.23 1.51
CA MET A 319 27.02 74.02 1.11
C MET A 319 28.31 74.34 0.37
N SER A 320 28.37 75.46 -0.33
CA SER A 320 29.65 75.96 -0.79
C SER A 320 30.42 76.74 0.28
N THR A 321 29.93 76.76 1.53
CA THR A 321 30.51 77.53 2.64
C THR A 321 30.96 78.91 2.21
N ASN A 322 30.25 79.49 1.24
CA ASN A 322 30.54 80.84 0.75
C ASN A 322 29.30 81.71 0.90
N PRO A 323 29.10 82.32 2.07
CA PRO A 323 27.87 83.13 2.29
C PRO A 323 27.84 84.46 1.55
N SER A 324 28.94 84.89 0.93
CA SER A 324 28.95 86.11 0.13
C SER A 324 28.31 85.93 -1.25
N TYR A 325 27.78 84.74 -1.55
CA TYR A 325 27.38 84.39 -2.90
C TYR A 325 26.04 85.01 -3.25
N LEU A 326 25.97 85.54 -4.47
CA LEU A 326 24.74 86.11 -5.02
C LEU A 326 24.38 85.33 -6.27
N GLN A 327 23.12 84.89 -6.36
CA GLN A 327 22.66 84.16 -7.54
C GLN A 327 22.59 85.06 -8.77
N SER A 328 22.35 86.35 -8.58
CA SER A 328 22.12 87.27 -9.68
C SER A 328 23.40 87.81 -10.30
N ALA A 329 24.53 87.66 -9.62
CA ALA A 329 25.79 88.15 -10.17
C ALA A 329 26.38 87.16 -11.17
N LYS A 335 24.51 75.94 -13.41
CA LYS A 335 24.25 75.22 -12.16
C LYS A 335 25.38 74.21 -11.82
N ASN A 336 25.61 74.03 -10.53
CA ASN A 336 26.75 73.29 -9.96
C ASN A 336 26.16 72.55 -8.76
N LEU A 337 25.62 71.35 -9.02
CA LEU A 337 24.92 70.57 -8.00
C LEU A 337 25.83 70.20 -6.83
N ARG A 338 27.14 70.26 -7.04
CA ARG A 338 28.15 70.31 -6.01
C ARG A 338 27.70 71.14 -4.81
N ASP A 339 27.16 72.35 -5.10
CA ASP A 339 26.73 73.32 -4.09
C ASP A 339 25.29 73.08 -3.62
N TRP A 340 24.62 72.02 -4.05
CA TRP A 340 23.24 71.78 -3.66
C TRP A 340 23.09 70.61 -2.69
N GLY A 341 24.16 70.23 -2.01
CA GLY A 341 24.05 69.15 -1.05
C GLY A 341 25.42 68.76 -0.53
N ILE A 342 25.43 67.68 0.27
CA ILE A 342 26.65 67.25 0.93
C ILE A 342 27.65 66.74 -0.10
N PRO A 343 27.35 65.69 -0.90
CA PRO A 343 28.38 65.16 -1.80
C PRO A 343 28.74 66.12 -2.93
N LEU A 344 30.03 66.19 -3.20
CA LEU A 344 30.50 67.01 -4.30
C LEU A 344 30.46 66.26 -5.62
N GLY A 345 30.20 64.96 -5.58
CA GLY A 345 30.13 64.12 -6.75
C GLY A 345 28.84 63.34 -6.77
N ARG A 346 28.29 63.18 -7.97
CA ARG A 346 27.05 62.46 -8.16
C ARG A 346 27.20 61.55 -9.36
N ARG A 347 26.44 60.47 -9.34
CA ARG A 347 26.28 59.68 -10.54
C ARG A 347 25.05 60.16 -11.31
N PHE A 348 24.76 59.46 -12.41
CA PHE A 348 23.75 59.91 -13.37
C PHE A 348 22.37 59.34 -12.98
N ARG A 349 21.92 59.75 -11.79
CA ARG A 349 20.60 59.39 -11.28
C ARG A 349 19.46 60.06 -12.02
N ALA A 350 19.74 61.12 -12.77
CA ALA A 350 18.73 61.75 -13.60
C ALA A 350 18.34 60.86 -14.78
N LEU A 351 19.20 59.93 -15.17
CA LEU A 351 18.77 58.94 -16.14
C LEU A 351 17.55 58.17 -15.62
N LYS A 352 17.57 57.83 -14.34
CA LYS A 352 16.48 57.03 -13.79
C LYS A 352 15.16 57.78 -13.86
N LEU A 353 15.14 59.02 -13.38
CA LEU A 353 13.90 59.81 -13.43
C LEU A 353 13.45 60.00 -14.86
N TRP A 354 14.39 60.32 -15.74
CA TRP A 354 14.06 60.57 -17.13
C TRP A 354 13.38 59.35 -17.76
N PHE A 355 13.98 58.18 -17.60
CA PHE A 355 13.43 56.97 -18.20
C PHE A 355 12.05 56.63 -17.63
N MET A 356 11.85 56.82 -16.32
CA MET A 356 10.56 56.46 -15.74
C MET A 356 9.48 57.43 -16.17
N LEU A 357 9.75 58.73 -15.99
CA LEU A 357 8.79 59.77 -16.38
C LEU A 357 8.40 59.61 -17.85
N ARG A 358 9.35 59.28 -18.73
CA ARG A 358 9.02 59.04 -20.13
C ARG A 358 8.28 57.71 -20.32
N SER A 359 8.98 56.60 -20.12
CA SER A 359 8.49 55.30 -20.54
C SER A 359 7.05 55.06 -20.06
N GLU A 360 6.81 55.20 -18.74
CA GLU A 360 5.48 55.04 -18.16
C GLU A 360 4.50 56.11 -18.67
N GLY A 361 4.78 57.38 -18.41
CA GLY A 361 3.82 58.44 -18.69
C GLY A 361 2.98 58.85 -17.48
N VAL A 362 2.66 60.13 -17.35
CA VAL A 362 1.94 60.62 -16.18
C VAL A 362 0.59 59.93 -16.05
N ASP A 363 0.05 59.40 -17.17
CA ASP A 363 -1.22 58.70 -17.09
C ASP A 363 -1.08 57.38 -16.35
N ALA A 364 0.02 56.66 -16.54
CA ALA A 364 0.24 55.43 -15.80
C ALA A 364 0.55 55.71 -14.33
N LEU A 365 1.38 56.70 -14.07
CA LEU A 365 1.82 56.96 -12.69
C LEU A 365 0.66 57.42 -11.83
N GLN A 366 -0.29 58.13 -12.44
CA GLN A 366 -1.47 58.54 -11.70
C GLN A 366 -2.37 57.33 -11.39
N ALA A 367 -2.62 56.45 -12.36
CA ALA A 367 -3.52 55.33 -12.09
C ALA A 367 -2.95 54.40 -11.03
N ARG A 368 -1.63 54.19 -11.03
CA ARG A 368 -1.03 53.31 -10.04
C ARG A 368 -1.23 53.83 -8.62
N LEU A 369 -0.89 55.09 -8.38
CA LEU A 369 -1.05 55.63 -7.03
C LEU A 369 -2.52 55.65 -6.62
N ARG A 370 -3.39 56.10 -7.54
CA ARG A 370 -4.82 56.00 -7.27
C ARG A 370 -5.22 54.54 -7.07
N ARG A 371 -4.49 53.60 -7.66
CA ARG A 371 -4.78 52.21 -7.35
C ARG A 371 -4.47 51.91 -5.88
N ASP A 372 -3.31 52.32 -5.39
CA ASP A 372 -2.97 51.94 -4.02
C ASP A 372 -3.86 52.67 -3.01
N LEU A 373 -4.34 53.87 -3.37
CA LEU A 373 -5.30 54.61 -2.56
C LEU A 373 -6.63 53.89 -2.49
N ASP A 374 -7.13 53.46 -3.65
CA ASP A 374 -8.40 52.77 -3.74
C ASP A 374 -8.37 51.38 -3.08
N ASN A 375 -7.23 50.68 -3.17
CA ASN A 375 -7.12 49.37 -2.54
C ASN A 375 -7.02 49.47 -1.02
N ALA A 376 -6.53 50.61 -0.50
CA ALA A 376 -6.42 50.79 0.94
C ALA A 376 -7.74 51.26 1.55
N GLN A 377 -8.61 51.87 0.74
CA GLN A 377 -9.99 52.09 1.15
C GLN A 377 -10.78 50.78 1.18
N TRP A 378 -10.47 49.85 0.27
CA TRP A 378 -11.19 48.58 0.25
C TRP A 378 -10.89 47.76 1.50
N LEU A 379 -9.60 47.60 1.83
CA LEU A 379 -9.22 46.79 2.97
C LEU A 379 -9.64 47.44 4.29
N ALA A 380 -9.66 48.78 4.36
CA ALA A 380 -10.19 49.46 5.53
C ALA A 380 -11.67 49.20 5.72
N GLY A 381 -12.42 48.97 4.63
CA GLY A 381 -13.85 48.76 4.74
C GLY A 381 -14.20 47.36 5.21
N GLN A 382 -13.41 46.36 4.81
CA GLN A 382 -13.52 45.04 5.42
C GLN A 382 -13.14 45.11 6.90
N VAL A 383 -11.96 45.69 7.20
CA VAL A 383 -11.44 45.69 8.56
C VAL A 383 -12.41 46.39 9.51
N GLU A 384 -12.95 47.53 9.09
CA GLU A 384 -13.96 48.20 9.91
C GLU A 384 -15.08 47.23 10.27
N ALA A 385 -15.61 46.51 9.28
CA ALA A 385 -16.85 45.76 9.44
C ALA A 385 -16.66 44.35 10.02
N ALA A 386 -15.53 43.70 9.78
CA ALA A 386 -15.26 42.45 10.48
C ALA A 386 -15.31 42.67 11.98
N ALA A 387 -16.03 41.82 12.69
CA ALA A 387 -15.99 41.92 14.14
C ALA A 387 -14.61 41.54 14.64
N GLU A 388 -14.30 42.01 15.86
CA GLU A 388 -13.01 41.74 16.50
C GLU A 388 -11.86 42.55 15.88
N TRP A 389 -12.06 43.09 14.68
CA TRP A 389 -11.02 43.86 14.01
C TRP A 389 -11.32 45.35 14.09
N GLU A 390 -10.27 46.15 14.05
CA GLU A 390 -10.43 47.59 14.14
C GLU A 390 -9.32 48.29 13.37
N VAL A 391 -9.62 49.48 12.84
CA VAL A 391 -8.63 50.40 12.30
C VAL A 391 -8.42 51.48 13.34
N LEU A 392 -7.15 51.86 13.56
CA LEU A 392 -6.81 52.74 14.67
C LEU A 392 -6.56 54.18 14.26
N ALA A 393 -6.59 54.49 12.96
CA ALA A 393 -6.19 55.79 12.46
C ALA A 393 -6.93 56.02 11.14
N PRO A 394 -6.99 57.28 10.69
CA PRO A 394 -7.62 57.54 9.39
C PRO A 394 -6.80 56.96 8.22
N VAL A 395 -7.49 56.55 7.17
CA VAL A 395 -6.84 56.10 5.95
C VAL A 395 -6.86 57.22 4.89
N GLN A 396 -6.08 58.28 5.11
CA GLN A 396 -5.96 59.39 4.18
C GLN A 396 -4.91 59.13 3.09
N LEU A 397 -4.11 58.08 3.22
CA LEU A 397 -3.24 57.70 2.11
C LEU A 397 -3.49 56.25 1.73
N GLN A 398 -2.45 55.41 1.77
CA GLN A 398 -2.61 54.00 1.43
C GLN A 398 -2.11 53.09 2.55
N THR A 399 -1.98 53.61 3.76
CA THR A 399 -1.53 52.83 4.91
C THR A 399 -2.68 52.68 5.92
N LEU A 400 -2.81 51.48 6.47
CA LEU A 400 -3.81 51.16 7.50
C LEU A 400 -3.13 50.74 8.79
N CYS A 401 -3.64 51.24 9.91
CA CYS A 401 -3.19 50.80 11.23
C CYS A 401 -4.29 49.92 11.82
N ILE A 402 -4.06 48.60 11.80
CA ILE A 402 -5.08 47.62 12.19
C ILE A 402 -4.60 46.80 13.38
N ARG A 403 -5.57 46.14 14.02
CA ARG A 403 -5.39 45.31 15.19
C ARG A 403 -6.58 44.37 15.26
N HIS A 404 -6.36 43.18 15.82
CA HIS A 404 -7.43 42.24 16.12
C HIS A 404 -7.60 42.10 17.63
N ARG A 405 -8.85 42.09 18.09
CA ARG A 405 -9.16 42.22 19.52
C ARG A 405 -9.92 41.02 20.07
N PRO A 406 -9.23 39.96 20.50
CA PRO A 406 -9.93 38.89 21.23
C PRO A 406 -10.74 39.50 22.37
N ALA A 407 -11.90 38.93 22.63
CA ALA A 407 -12.73 39.48 23.69
C ALA A 407 -12.00 39.33 25.01
N GLY A 408 -12.05 40.38 25.84
CA GLY A 408 -11.45 40.38 27.15
C GLY A 408 -9.95 40.67 27.19
N LEU A 409 -9.29 40.80 26.05
CA LEU A 409 -7.83 40.78 25.98
C LEU A 409 -7.31 42.22 25.90
N GLU A 410 -6.70 42.68 27.00
CA GLU A 410 -6.30 44.06 27.12
C GLU A 410 -4.81 44.15 27.48
N GLY A 411 -4.23 45.30 27.17
CA GLY A 411 -2.91 45.62 27.70
C GLY A 411 -1.82 44.72 27.16
N GLU A 412 -0.84 44.41 28.03
CA GLU A 412 0.34 43.63 27.64
C GLU A 412 -0.05 42.36 26.90
N ALA A 413 -1.02 41.62 27.42
CA ALA A 413 -1.43 40.37 26.78
C ALA A 413 -1.76 40.61 25.32
N LEU A 414 -2.54 41.65 25.04
CA LEU A 414 -2.91 41.98 23.68
C LEU A 414 -1.68 42.35 22.86
N ASP A 415 -0.81 43.22 23.41
CA ASP A 415 0.48 43.51 22.77
C ASP A 415 1.22 42.23 22.38
N ALA A 416 1.21 41.22 23.25
CA ALA A 416 1.80 39.94 22.87
C ALA A 416 0.98 39.26 21.78
N HIS A 417 -0.36 39.29 21.89
CA HIS A 417 -1.20 38.70 20.85
C HIS A 417 -0.94 39.36 19.50
N THR A 418 -0.59 40.65 19.48
CA THR A 418 -0.55 41.36 18.21
C THR A 418 0.77 41.14 17.45
N LYS A 419 1.90 41.17 18.14
CA LYS A 419 3.16 40.90 17.46
C LYS A 419 3.35 39.40 17.26
N GLY A 420 2.64 38.59 18.08
CA GLY A 420 2.62 37.17 17.86
C GLY A 420 2.10 36.84 16.48
N TRP A 421 0.85 37.22 16.21
CA TRP A 421 0.32 36.88 14.90
C TRP A 421 1.01 37.67 13.79
N ALA A 422 1.57 38.86 14.10
CA ALA A 422 2.30 39.60 13.08
C ALA A 422 3.57 38.87 12.68
N GLU A 423 4.29 38.31 13.65
CA GLU A 423 5.46 37.50 13.37
C GLU A 423 5.06 36.16 12.75
N ARG A 424 3.89 35.63 13.10
CA ARG A 424 3.49 34.37 12.47
C ARG A 424 3.13 34.59 11.01
N LEU A 425 2.38 35.66 10.68
CA LEU A 425 2.05 35.91 9.27
C LEU A 425 3.32 36.13 8.43
N ASN A 426 4.26 36.94 8.93
CA ASN A 426 5.50 37.23 8.23
C ASN A 426 6.33 35.95 7.99
N ALA A 427 6.38 35.04 8.98
CA ALA A 427 7.16 33.82 8.88
C ALA A 427 6.53 32.80 7.94
N SER A 428 5.24 32.93 7.65
CA SER A 428 4.60 31.99 6.76
C SER A 428 5.06 32.16 5.32
N GLY A 429 5.47 33.38 4.95
CA GLY A 429 5.80 33.73 3.58
C GLY A 429 4.68 34.43 2.82
N ALA A 430 3.47 34.47 3.36
CA ALA A 430 2.35 35.00 2.58
C ALA A 430 2.41 36.51 2.44
N ALA A 431 2.85 37.23 3.46
CA ALA A 431 2.88 38.68 3.35
C ALA A 431 4.02 39.25 4.19
N TYR A 432 4.29 40.53 4.00
CA TYR A 432 5.25 41.28 4.83
C TYR A 432 4.53 42.47 5.45
N VAL A 433 4.40 42.46 6.80
CA VAL A 433 3.81 43.55 7.59
C VAL A 433 4.78 44.03 8.67
N THR A 434 4.66 45.32 9.02
CA THR A 434 5.55 45.96 10.00
C THR A 434 4.79 46.33 11.27
N PRO A 435 4.89 45.53 12.33
CA PRO A 435 4.35 45.95 13.62
C PRO A 435 4.92 47.29 14.04
N ALA A 436 4.08 48.10 14.67
CA ALA A 436 4.49 49.43 15.14
C ALA A 436 3.54 49.86 16.25
N THR A 437 4.04 50.73 17.13
CA THR A 437 3.29 51.21 18.29
C THR A 437 2.49 52.46 18.01
N LEU A 438 1.35 52.57 18.67
CA LEU A 438 0.48 53.73 18.54
C LEU A 438 -0.22 53.94 19.88
N ASP A 439 0.01 55.09 20.50
CA ASP A 439 -0.65 55.46 21.76
C ASP A 439 -0.32 54.50 22.90
N GLY A 440 0.92 53.99 22.92
CA GLY A 440 1.30 53.07 23.98
C GLY A 440 0.82 51.65 23.81
N ARG A 441 0.28 51.30 22.64
CA ARG A 441 -0.16 49.95 22.31
C ARG A 441 0.46 49.51 20.99
N TRP A 442 0.69 48.21 20.88
CA TRP A 442 1.17 47.65 19.63
C TRP A 442 0.03 47.39 18.66
N MET A 443 0.27 47.71 17.40
CA MET A 443 -0.64 47.41 16.29
C MET A 443 0.23 46.90 15.15
N VAL A 444 -0.35 46.82 13.95
CA VAL A 444 0.32 46.25 12.78
C VAL A 444 -0.03 47.09 11.57
N ARG A 445 1.00 47.42 10.78
CA ARG A 445 0.84 48.32 9.65
C ARG A 445 0.75 47.53 8.36
N VAL A 446 -0.14 47.96 7.49
CA VAL A 446 -0.30 47.38 6.18
C VAL A 446 -0.07 48.54 5.20
N SER A 447 1.10 48.57 4.55
CA SER A 447 1.44 49.64 3.62
C SER A 447 1.33 49.12 2.20
N ILE A 448 0.38 49.66 1.46
CA ILE A 448 -0.07 49.10 0.20
C ILE A 448 0.48 49.95 -0.92
N GLY A 449 1.38 49.38 -1.73
CA GLY A 449 1.97 50.12 -2.82
C GLY A 449 3.16 49.49 -3.54
N ALA A 450 3.64 48.34 -3.11
CA ALA A 450 4.57 47.59 -3.95
C ALA A 450 4.01 47.53 -5.36
N LEU A 451 4.91 47.65 -6.34
CA LEU A 451 4.49 47.81 -7.75
C LEU A 451 3.38 46.86 -8.20
N PRO A 452 3.44 45.56 -7.95
CA PRO A 452 2.45 44.65 -8.54
C PRO A 452 1.25 44.36 -7.64
N THR A 453 1.04 45.15 -6.57
CA THR A 453 -0.05 44.92 -5.63
C THR A 453 -1.36 45.46 -6.19
N GLU A 454 -2.22 44.56 -6.64
CA GLU A 454 -3.52 44.94 -7.20
C GLU A 454 -4.62 44.30 -6.36
N ARG A 455 -5.86 44.58 -6.74
CA ARG A 455 -6.99 44.28 -5.86
C ARG A 455 -7.08 42.78 -5.57
N GLY A 456 -6.59 41.94 -6.49
CA GLY A 456 -6.56 40.50 -6.20
C GLY A 456 -5.64 40.15 -5.06
N ASP A 457 -4.46 40.79 -4.99
CA ASP A 457 -3.51 40.49 -3.93
C ASP A 457 -4.02 40.98 -2.57
N VAL A 458 -4.66 42.15 -2.55
CA VAL A 458 -5.13 42.72 -1.28
C VAL A 458 -6.29 41.90 -0.71
N GLN A 459 -7.16 41.38 -1.57
CA GLN A 459 -8.15 40.42 -1.11
C GLN A 459 -7.48 39.25 -0.40
N ARG A 460 -6.50 38.63 -1.03
CA ARG A 460 -5.81 37.50 -0.41
C ARG A 460 -5.24 37.90 0.95
N LEU A 461 -4.51 39.02 1.01
CA LEU A 461 -3.97 39.49 2.27
C LEU A 461 -5.06 39.58 3.33
N TRP A 462 -6.26 40.02 2.95
CA TRP A 462 -7.30 40.08 3.97
C TRP A 462 -7.74 38.69 4.41
N ALA A 463 -7.54 37.68 3.56
CA ALA A 463 -7.89 36.30 3.94
C ALA A 463 -6.79 35.68 4.80
N ARG A 464 -5.51 35.95 4.49
CA ARG A 464 -4.43 35.46 5.33
C ARG A 464 -4.47 36.11 6.70
N LEU A 465 -4.84 37.40 6.77
CA LEU A 465 -4.93 38.06 8.06
C LEU A 465 -5.96 37.41 8.98
N GLN A 466 -7.16 37.09 8.46
CA GLN A 466 -8.17 36.44 9.29
C GLN A 466 -7.69 35.05 9.72
N ASP A 467 -7.13 34.29 8.78
CA ASP A 467 -6.75 32.91 9.01
C ASP A 467 -5.55 32.74 9.93
N VAL A 468 -4.64 33.72 9.97
CA VAL A 468 -3.45 33.58 10.80
C VAL A 468 -3.82 33.63 12.27
N ILE A 469 -4.99 34.20 12.59
CA ILE A 469 -5.47 34.26 13.95
C ILE A 469 -6.08 32.93 14.37
N LYS A 470 -6.78 32.28 13.45
CA LYS A 470 -7.35 30.96 13.69
C LYS A 470 -6.29 29.87 13.64
N GLY A 471 -5.01 30.23 13.54
CA GLY A 471 -3.95 29.24 13.46
C GLY A 471 -3.71 28.67 12.08
N LEU A 472 -4.23 29.30 11.02
CA LEU A 472 -4.02 28.84 9.65
C LEU A 472 -3.00 29.72 8.95
N GLU A 473 -1.89 29.12 8.52
CA GLU A 473 -0.80 29.78 7.80
C GLU A 473 -0.60 29.11 6.45
N HIS A 474 -0.20 29.91 5.45
CA HIS A 474 -0.11 29.44 4.08
C HIS A 474 1.34 29.51 3.57
N HIS A 475 1.82 28.39 3.00
CA HIS A 475 3.13 28.29 2.37
C HIS A 475 2.96 28.05 0.87
N HIS A 476 4.01 28.35 0.14
CA HIS A 476 3.92 28.45 -1.31
C HIS A 476 4.06 27.07 -1.96
N ALA B 2 47.56 -20.19 -18.55
CA ALA B 2 46.87 -20.54 -19.78
C ALA B 2 47.09 -19.51 -20.91
N THR B 3 47.23 -20.01 -22.14
CA THR B 3 47.26 -19.14 -23.32
C THR B 3 45.86 -18.60 -23.61
N PRO B 4 45.74 -17.55 -24.43
CA PRO B 4 44.40 -17.04 -24.76
C PRO B 4 43.50 -18.09 -25.38
N GLU B 5 44.05 -19.14 -25.94
CA GLU B 5 43.15 -20.10 -26.54
C GLU B 5 43.03 -21.35 -25.72
N GLN B 6 44.07 -21.65 -24.91
CA GLN B 6 43.78 -22.51 -23.77
C GLN B 6 42.62 -21.94 -22.95
N PHE B 7 42.64 -20.63 -22.65
CA PHE B 7 41.60 -20.04 -21.82
C PHE B 7 40.25 -20.11 -22.50
N ARG B 8 40.24 -20.12 -23.83
CA ARG B 8 38.96 -20.20 -24.53
C ARG B 8 38.44 -21.63 -24.61
N GLN B 9 39.33 -22.63 -24.63
CA GLN B 9 38.89 -23.99 -24.38
C GLN B 9 38.29 -24.11 -22.98
N TYR B 10 38.90 -23.44 -22.00
CA TYR B 10 38.40 -23.47 -20.64
C TYR B 10 37.18 -22.58 -20.49
N GLY B 11 37.13 -21.47 -21.24
CA GLY B 11 35.98 -20.59 -21.14
C GLY B 11 34.67 -21.30 -21.44
N HIS B 12 34.64 -22.01 -22.57
CA HIS B 12 33.37 -22.63 -22.99
C HIS B 12 32.96 -23.74 -22.02
N GLN B 13 33.93 -24.44 -21.42
CA GLN B 13 33.56 -25.46 -20.45
C GLN B 13 32.91 -24.85 -19.21
N LEU B 14 33.36 -23.66 -18.82
CA LEU B 14 32.84 -22.99 -17.65
C LEU B 14 31.51 -22.32 -17.96
N ILE B 15 31.39 -21.69 -19.14
CA ILE B 15 30.08 -21.21 -19.58
C ILE B 15 29.04 -22.33 -19.51
N ASP B 16 29.41 -23.53 -19.92
CA ASP B 16 28.44 -24.62 -19.86
C ASP B 16 28.11 -24.96 -18.41
N LEU B 17 29.14 -25.09 -17.57
CA LEU B 17 28.90 -25.44 -16.17
C LEU B 17 27.96 -24.43 -15.50
N ILE B 18 28.17 -23.14 -15.74
CA ILE B 18 27.34 -22.10 -15.12
C ILE B 18 25.92 -22.08 -15.71
N ALA B 19 25.79 -22.45 -16.99
CA ALA B 19 24.47 -22.48 -17.61
C ALA B 19 23.63 -23.65 -17.09
N ASP B 20 24.26 -24.79 -16.81
CA ASP B 20 23.56 -25.92 -16.21
C ASP B 20 23.25 -25.65 -14.73
N TYR B 21 24.14 -24.95 -14.02
CA TYR B 21 23.83 -24.58 -12.64
C TYR B 21 22.54 -23.76 -12.59
N ARG B 22 22.55 -22.56 -13.17
CA ARG B 22 21.39 -21.66 -13.20
C ARG B 22 20.10 -22.38 -13.60
N GLN B 23 20.22 -23.33 -14.53
CA GLN B 23 19.08 -24.09 -15.01
C GLN B 23 18.50 -25.00 -13.93
N THR B 24 19.36 -25.74 -13.23
CA THR B 24 18.93 -26.81 -12.33
C THR B 24 19.13 -26.46 -10.86
N VAL B 25 19.25 -25.17 -10.51
CA VAL B 25 19.61 -24.80 -9.15
C VAL B 25 18.50 -25.20 -8.19
N GLY B 26 17.24 -25.00 -8.60
CA GLY B 26 16.11 -25.32 -7.73
C GLY B 26 16.13 -26.74 -7.19
N GLU B 27 16.79 -27.66 -7.91
CA GLU B 27 16.90 -29.07 -7.49
C GLU B 27 17.83 -29.27 -6.31
N ARG B 28 18.41 -28.25 -5.80
CA ARG B 28 19.35 -28.55 -4.74
C ARG B 28 18.80 -28.11 -3.40
N PRO B 29 19.40 -28.53 -2.29
CA PRO B 29 19.14 -27.85 -1.03
C PRO B 29 19.57 -26.39 -1.10
N VAL B 30 18.63 -25.49 -0.76
CA VAL B 30 18.91 -24.05 -0.76
C VAL B 30 20.17 -23.76 0.07
N MET B 31 20.19 -24.19 1.33
CA MET B 31 21.31 -23.91 2.24
C MET B 31 22.27 -25.10 2.25
N ALA B 32 23.56 -24.81 2.39
CA ALA B 32 24.59 -25.83 2.41
C ALA B 32 24.30 -26.89 3.47
N GLN B 33 24.54 -28.15 3.11
CA GLN B 33 24.37 -29.24 4.08
C GLN B 33 25.71 -29.86 4.47
N VAL B 34 26.66 -29.03 4.88
CA VAL B 34 27.98 -29.49 5.29
C VAL B 34 28.24 -29.01 6.70
N GLU B 35 29.35 -29.47 7.25
CA GLU B 35 29.80 -29.07 8.57
C GLU B 35 31.02 -28.15 8.49
N PRO B 36 31.24 -27.33 9.51
CA PRO B 36 32.47 -26.51 9.52
C PRO B 36 33.72 -27.39 9.39
N GLY B 37 34.60 -27.01 8.48
CA GLY B 37 35.83 -27.73 8.28
C GLY B 37 35.84 -28.68 7.12
N TYR B 38 34.67 -28.97 6.52
CA TYR B 38 34.60 -29.97 5.47
C TYR B 38 35.58 -29.68 4.33
N LEU B 39 35.68 -28.42 3.91
CA LEU B 39 36.49 -28.11 2.74
C LEU B 39 37.98 -28.00 3.07
N LYS B 40 38.34 -27.27 4.13
CA LYS B 40 39.75 -27.19 4.52
C LYS B 40 40.34 -28.59 4.76
N ALA B 41 39.59 -29.47 5.42
CA ALA B 41 40.04 -30.85 5.58
C ALA B 41 40.20 -31.55 4.24
N ALA B 42 39.39 -31.16 3.26
CA ALA B 42 39.39 -31.80 1.95
C ALA B 42 40.40 -31.21 0.98
N LEU B 43 41.05 -30.10 1.32
CA LEU B 43 41.94 -29.45 0.37
C LEU B 43 43.40 -29.71 0.74
N PRO B 44 44.33 -29.56 -0.20
CA PRO B 44 45.75 -29.69 0.17
C PRO B 44 46.13 -28.65 1.20
N ALA B 45 47.29 -28.85 1.83
CA ALA B 45 47.70 -27.84 2.78
C ALA B 45 48.61 -26.77 2.18
N THR B 46 49.12 -26.99 0.95
CA THR B 46 49.98 -26.02 0.26
C THR B 46 49.60 -25.92 -1.21
N ALA B 47 49.90 -24.76 -1.79
CA ALA B 47 49.78 -24.60 -3.23
C ALA B 47 50.63 -25.64 -3.96
N PRO B 48 50.33 -25.94 -5.22
CA PRO B 48 51.12 -26.92 -5.99
C PRO B 48 52.28 -26.25 -6.69
N GLN B 49 53.40 -26.99 -6.76
CA GLN B 49 54.64 -26.43 -7.31
C GLN B 49 54.50 -26.20 -8.81
N GLN B 50 53.93 -27.17 -9.52
CA GLN B 50 53.72 -27.05 -10.95
C GLN B 50 52.23 -27.09 -11.26
N GLY B 51 51.84 -26.39 -12.32
CA GLY B 51 50.44 -26.22 -12.61
C GLY B 51 49.74 -27.56 -12.74
N GLU B 52 48.43 -27.56 -12.38
CA GLU B 52 47.51 -28.69 -12.39
C GLU B 52 46.45 -28.49 -13.49
N PRO B 53 46.01 -29.56 -14.16
CA PRO B 53 45.07 -29.39 -15.27
C PRO B 53 43.74 -28.80 -14.81
N PHE B 54 43.12 -28.05 -15.72
CA PHE B 54 41.85 -27.36 -15.47
C PHE B 54 40.67 -28.32 -15.31
N ALA B 55 40.75 -29.51 -15.89
CA ALA B 55 39.77 -30.54 -15.54
C ALA B 55 39.86 -30.91 -14.06
N ALA B 56 41.07 -30.87 -13.51
CA ALA B 56 41.23 -31.23 -12.10
C ALA B 56 40.47 -30.23 -11.23
N ILE B 57 40.69 -28.95 -11.47
CA ILE B 57 39.91 -27.91 -10.80
C ILE B 57 38.42 -28.21 -10.92
N LEU B 58 37.89 -28.35 -12.15
CA LEU B 58 36.44 -28.44 -12.36
C LEU B 58 35.85 -29.65 -11.63
N ASP B 59 36.50 -30.81 -11.69
CA ASP B 59 36.19 -31.91 -10.79
C ASP B 59 36.06 -31.41 -9.35
N ASP B 60 37.15 -30.87 -8.80
CA ASP B 60 37.13 -30.28 -7.47
C ASP B 60 36.02 -29.23 -7.33
N VAL B 61 35.66 -28.54 -8.42
CA VAL B 61 34.59 -27.54 -8.30
C VAL B 61 33.23 -28.22 -8.12
N ASN B 62 33.01 -29.34 -8.82
CA ASN B 62 31.77 -30.09 -8.68
C ASN B 62 31.72 -30.87 -7.36
N ASN B 63 32.85 -31.45 -6.93
CA ASN B 63 32.88 -32.45 -5.88
C ASN B 63 33.21 -31.88 -4.50
N LEU B 64 33.90 -30.74 -4.43
CA LEU B 64 34.22 -30.12 -3.16
C LEU B 64 33.50 -28.79 -2.94
N VAL B 65 33.29 -28.01 -3.99
CA VAL B 65 32.83 -26.64 -3.84
C VAL B 65 31.30 -26.56 -3.90
N MET B 66 30.66 -27.32 -4.78
CA MET B 66 29.22 -27.26 -4.91
C MET B 66 28.45 -27.73 -3.66
N PRO B 67 28.89 -28.73 -2.89
CA PRO B 67 28.16 -29.08 -1.65
C PRO B 67 28.27 -28.05 -0.52
N GLY B 68 29.22 -27.12 -0.60
CA GLY B 68 29.36 -26.12 0.44
C GLY B 68 28.92 -24.76 -0.04
N LEU B 69 27.86 -24.74 -0.84
CA LEU B 69 27.21 -23.52 -1.28
C LEU B 69 25.80 -23.45 -0.69
N SER B 70 25.47 -22.31 -0.09
CA SER B 70 24.08 -21.88 0.01
C SER B 70 23.76 -21.13 -1.28
N HIS B 71 22.62 -21.42 -1.88
CA HIS B 71 22.33 -20.98 -3.25
C HIS B 71 21.43 -19.76 -3.22
N TRP B 72 22.01 -18.60 -3.50
CA TRP B 72 21.27 -17.35 -3.42
C TRP B 72 20.36 -17.13 -4.61
N GLN B 73 20.64 -17.80 -5.72
CA GLN B 73 19.95 -17.56 -6.97
C GLN B 73 18.91 -18.63 -7.28
N HIS B 74 18.32 -19.24 -6.24
CA HIS B 74 17.43 -20.40 -6.03
C HIS B 74 15.98 -19.96 -5.94
N PRO B 75 15.05 -20.64 -6.61
CA PRO B 75 13.64 -20.26 -6.53
C PRO B 75 13.10 -20.27 -5.12
N ASP B 76 13.71 -21.04 -4.22
CA ASP B 76 13.25 -21.21 -2.86
C ASP B 76 14.15 -20.52 -1.83
N PHE B 77 14.98 -19.56 -2.26
CA PHE B 77 15.76 -18.76 -1.33
C PHE B 77 14.91 -17.58 -0.87
N TYR B 78 14.74 -17.43 0.45
CA TYR B 78 13.94 -16.36 1.02
C TYR B 78 14.70 -15.59 2.11
N GLY B 79 16.01 -15.80 2.23
CA GLY B 79 16.75 -15.30 3.36
C GLY B 79 17.20 -13.85 3.21
N TYR B 80 17.55 -13.26 4.35
CA TYR B 80 18.19 -11.94 4.38
C TYR B 80 17.42 -10.97 3.51
N PHE B 81 18.08 -10.48 2.48
CA PHE B 81 17.48 -9.86 1.32
C PHE B 81 18.12 -10.51 0.10
N PRO B 82 17.43 -10.54 -1.02
CA PRO B 82 18.03 -11.17 -2.21
C PRO B 82 19.38 -10.55 -2.55
N SER B 83 20.22 -11.35 -3.23
CA SER B 83 21.47 -10.85 -3.83
C SER B 83 21.44 -11.24 -5.31
N ASN B 84 20.80 -10.40 -6.12
CA ASN B 84 20.23 -10.85 -7.38
C ASN B 84 21.21 -10.68 -8.52
N GLY B 85 21.35 -11.73 -9.32
CA GLY B 85 22.37 -11.78 -10.34
C GLY B 85 21.84 -12.15 -11.70
N THR B 86 21.17 -11.20 -12.36
CA THR B 86 20.70 -11.43 -13.71
C THR B 86 21.85 -11.85 -14.60
N LEU B 87 21.59 -12.85 -15.44
CA LEU B 87 22.62 -13.40 -16.32
C LEU B 87 23.14 -12.37 -17.31
N SER B 88 22.34 -11.36 -17.65
CA SER B 88 22.85 -10.29 -18.50
C SER B 88 23.94 -9.51 -17.80
N SER B 89 23.76 -9.24 -16.50
CA SER B 89 24.78 -8.57 -15.70
C SER B 89 25.98 -9.47 -15.42
N VAL B 90 25.75 -10.78 -15.28
CA VAL B 90 26.88 -11.72 -15.16
C VAL B 90 27.71 -11.67 -16.44
N LEU B 91 27.04 -11.56 -17.60
CA LEU B 91 27.74 -11.38 -18.87
C LEU B 91 28.50 -10.06 -18.94
N GLY B 92 27.98 -8.99 -18.33
CA GLY B 92 28.77 -7.79 -18.18
C GLY B 92 30.01 -7.99 -17.35
N ASP B 93 29.90 -8.83 -16.30
CA ASP B 93 31.04 -9.02 -15.40
C ASP B 93 32.16 -9.83 -16.03
N PHE B 94 31.80 -10.84 -16.81
CA PHE B 94 32.78 -11.52 -17.65
C PHE B 94 33.60 -10.50 -18.44
N LEU B 95 32.92 -9.60 -19.15
CA LEU B 95 33.66 -8.70 -20.03
C LEU B 95 34.56 -7.76 -19.24
N SER B 96 34.11 -7.30 -18.08
CA SER B 96 34.95 -6.45 -17.25
C SER B 96 36.18 -7.19 -16.76
N THR B 97 36.04 -8.48 -16.41
CA THR B 97 37.20 -9.21 -15.92
C THR B 97 38.14 -9.59 -17.06
N GLY B 98 37.59 -10.06 -18.19
CA GLY B 98 38.44 -10.50 -19.27
C GLY B 98 39.14 -9.36 -19.98
N LEU B 99 38.52 -8.18 -19.98
CA LEU B 99 39.17 -7.00 -20.56
C LEU B 99 40.41 -6.62 -19.78
N GLY B 100 40.28 -6.44 -18.47
CA GLY B 100 41.44 -6.35 -17.61
C GLY B 100 41.79 -4.96 -17.20
N VAL B 101 41.01 -3.99 -17.62
CA VAL B 101 41.31 -2.58 -17.43
C VAL B 101 41.09 -2.17 -15.97
N LEU B 102 41.71 -1.07 -15.61
CA LEU B 102 41.53 -0.49 -14.29
C LEU B 102 41.33 1.00 -14.47
N GLY B 103 40.41 1.56 -13.71
CA GLY B 103 40.26 2.99 -13.65
C GLY B 103 40.94 3.60 -12.43
N LEU B 104 42.17 4.08 -12.63
CA LEU B 104 42.85 4.96 -11.69
C LEU B 104 42.61 6.42 -12.04
N SER B 105 42.20 6.68 -13.28
CA SER B 105 41.91 8.00 -13.83
C SER B 105 41.12 7.80 -15.10
N TRP B 106 40.62 8.92 -15.65
CA TRP B 106 39.94 8.86 -16.93
C TRP B 106 40.86 8.31 -18.01
N GLN B 107 42.07 8.85 -18.10
CA GLN B 107 42.99 8.44 -19.16
C GLN B 107 43.34 6.96 -19.05
N SER B 108 43.41 6.41 -17.84
CA SER B 108 43.76 4.99 -17.67
C SER B 108 42.71 4.03 -18.21
N SER B 109 41.58 4.56 -18.75
CA SER B 109 40.55 3.93 -19.56
C SER B 109 39.33 4.84 -19.58
N PRO B 110 39.12 5.60 -20.65
CA PRO B 110 37.94 6.48 -20.70
C PRO B 110 36.62 5.74 -20.69
N ALA B 111 36.54 4.62 -21.42
CA ALA B 111 35.24 3.98 -21.58
C ALA B 111 34.68 3.53 -20.24
N LEU B 112 35.56 3.18 -19.29
CA LEU B 112 35.14 2.73 -17.97
C LEU B 112 34.42 3.83 -17.20
N SER B 113 35.02 5.03 -17.16
CA SER B 113 34.39 6.06 -16.34
C SER B 113 33.18 6.65 -17.06
N GLU B 114 33.31 6.94 -18.35
CA GLU B 114 32.20 7.53 -19.08
C GLU B 114 30.99 6.62 -19.08
N LEU B 115 31.19 5.31 -19.27
CA LEU B 115 30.05 4.41 -19.16
C LEU B 115 29.39 4.54 -17.80
N GLU B 116 30.19 4.45 -16.72
CA GLU B 116 29.66 4.56 -15.37
C GLU B 116 28.94 5.88 -15.15
N GLU B 117 29.40 6.95 -15.80
CA GLU B 117 28.68 8.23 -15.73
C GLU B 117 27.32 8.11 -16.38
N THR B 118 27.28 7.52 -17.58
CA THR B 118 26.03 7.38 -18.32
C THR B 118 25.03 6.48 -17.58
N THR B 119 25.45 5.25 -17.25
CA THR B 119 24.53 4.28 -16.66
C THR B 119 24.00 4.74 -15.30
N LEU B 120 24.82 5.42 -14.51
CA LEU B 120 24.34 5.99 -13.25
C LEU B 120 23.31 7.09 -13.49
N ASP B 121 23.53 7.95 -14.51
CA ASP B 121 22.49 8.90 -14.85
C ASP B 121 21.26 8.18 -15.41
N TRP B 122 21.46 7.16 -16.24
CA TRP B 122 20.35 6.32 -16.69
C TRP B 122 19.46 5.93 -15.51
N LEU B 123 20.07 5.34 -14.46
CA LEU B 123 19.33 4.79 -13.33
C LEU B 123 18.80 5.88 -12.42
N ARG B 124 19.53 7.01 -12.31
CA ARG B 124 19.06 8.15 -11.53
C ARG B 124 17.68 8.58 -11.99
N GLN B 125 17.51 8.62 -13.32
CA GLN B 125 16.25 8.96 -13.95
C GLN B 125 15.19 7.89 -13.72
N LEU B 126 15.60 6.61 -13.78
CA LEU B 126 14.70 5.46 -13.57
C LEU B 126 14.16 5.39 -12.15
N LEU B 127 14.87 5.99 -11.20
CA LEU B 127 14.51 6.03 -9.79
C LEU B 127 13.67 7.26 -9.44
N GLY B 128 13.42 8.14 -10.39
CA GLY B 128 12.65 9.34 -10.12
C GLY B 128 13.40 10.44 -9.42
N LEU B 129 14.73 10.42 -9.43
CA LEU B 129 15.53 11.39 -8.68
C LEU B 129 15.76 12.63 -9.54
N SER B 130 15.78 13.80 -8.89
CA SER B 130 15.88 15.05 -9.61
C SER B 130 17.26 15.20 -10.24
N GLY B 131 17.44 16.28 -10.98
CA GLY B 131 18.67 16.49 -11.72
C GLY B 131 19.85 16.95 -10.90
N GLN B 132 19.64 17.37 -9.64
CA GLN B 132 20.73 17.75 -8.73
C GLN B 132 21.50 16.56 -8.19
N TRP B 133 21.06 15.33 -8.51
CA TRP B 133 21.72 14.14 -8.01
C TRP B 133 22.73 13.62 -9.04
N SER B 134 23.82 13.07 -8.53
CA SER B 134 24.90 12.55 -9.34
C SER B 134 25.49 11.43 -8.49
N GLY B 135 25.88 10.32 -9.13
CA GLY B 135 26.23 9.11 -8.40
C GLY B 135 27.61 8.56 -8.73
N VAL B 136 28.05 7.60 -7.92
CA VAL B 136 29.22 6.76 -8.20
C VAL B 136 28.94 5.35 -7.68
N ILE B 137 29.60 4.35 -8.25
CA ILE B 137 29.41 2.97 -7.79
C ILE B 137 30.42 2.66 -6.69
N GLN B 138 29.94 2.38 -5.49
CA GLN B 138 30.77 1.83 -4.44
C GLN B 138 30.63 0.31 -4.44
N ASP B 139 31.39 -0.34 -3.55
CA ASP B 139 31.30 -1.79 -3.51
C ASP B 139 30.09 -2.27 -2.73
N THR B 140 29.71 -1.55 -1.66
CA THR B 140 28.67 -1.98 -0.73
C THR B 140 27.97 -0.75 -0.15
N ALA B 141 26.76 -0.96 0.35
CA ALA B 141 26.10 0.10 1.12
C ALA B 141 26.92 0.48 2.34
N SER B 142 27.47 -0.55 3.02
CA SER B 142 28.36 -0.36 4.16
C SER B 142 29.38 0.74 3.87
N THR B 143 30.20 0.53 2.82
CA THR B 143 31.17 1.56 2.44
C THR B 143 30.48 2.90 2.18
N SER B 144 29.33 2.85 1.50
CA SER B 144 28.59 4.05 1.10
C SER B 144 28.14 4.85 2.31
N THR B 145 27.68 4.18 3.36
CA THR B 145 27.25 4.91 4.54
C THR B 145 28.43 5.50 5.30
N LEU B 146 29.58 4.82 5.21
CA LEU B 146 30.83 5.36 5.73
C LEU B 146 31.25 6.60 4.96
N VAL B 147 31.14 6.56 3.63
CA VAL B 147 31.43 7.75 2.80
C VAL B 147 30.57 8.90 3.26
N ALA B 148 29.29 8.63 3.53
CA ALA B 148 28.28 9.62 3.89
C ALA B 148 28.44 10.15 5.31
N LEU B 149 28.93 9.30 6.23
CA LEU B 149 29.21 9.74 7.59
C LEU B 149 30.55 10.44 7.70
N ILE B 150 31.52 10.05 6.87
CA ILE B 150 32.73 10.86 6.73
C ILE B 150 32.40 12.21 6.08
N SER B 151 31.53 12.20 5.06
CA SER B 151 31.05 13.45 4.47
C SER B 151 30.35 14.32 5.51
N ALA B 152 29.45 13.71 6.28
CA ALA B 152 28.79 14.39 7.39
C ALA B 152 29.77 15.04 8.36
N ARG B 153 30.69 14.24 8.89
CA ARG B 153 31.74 14.76 9.76
C ARG B 153 32.37 16.00 9.15
N GLU B 154 32.77 15.88 7.88
CA GLU B 154 33.56 16.92 7.25
C GLU B 154 32.79 18.23 7.12
N ARG B 155 31.50 18.15 6.86
CA ARG B 155 30.68 19.35 6.78
C ARG B 155 30.65 20.08 8.11
N ALA B 156 30.28 19.35 9.18
CA ALA B 156 30.04 19.97 10.47
C ALA B 156 31.32 20.45 11.14
N THR B 157 32.48 19.88 10.77
CA THR B 157 33.76 20.28 11.34
C THR B 157 34.60 21.20 10.43
N ASP B 158 34.01 21.74 9.35
CA ASP B 158 34.71 22.65 8.41
C ASP B 158 35.97 22.03 7.81
N TYR B 159 35.95 20.71 7.55
CA TYR B 159 37.05 20.02 6.87
C TYR B 159 38.28 19.92 7.79
N ALA B 160 38.05 19.51 9.04
CA ALA B 160 39.12 19.34 10.01
C ALA B 160 40.19 18.38 9.55
N LEU B 161 39.86 17.49 8.63
CA LEU B 161 40.80 16.44 8.24
C LEU B 161 42.13 17.01 7.76
N VAL B 162 42.13 18.22 7.19
CA VAL B 162 43.38 18.89 6.86
C VAL B 162 43.93 19.68 8.05
N ARG B 163 43.34 19.49 9.23
CA ARG B 163 43.86 20.11 10.46
C ARG B 163 44.02 19.08 11.57
N GLY B 164 43.41 19.33 12.73
CA GLY B 164 43.56 18.41 13.84
C GLY B 164 42.68 17.19 13.77
N GLY B 165 41.74 17.19 12.83
CA GLY B 165 40.86 16.07 12.69
C GLY B 165 39.92 15.96 13.88
N LEU B 166 39.43 14.72 14.08
CA LEU B 166 38.30 14.52 14.99
C LEU B 166 38.65 14.83 16.44
N GLN B 167 39.89 14.56 16.87
CA GLN B 167 40.24 14.66 18.29
C GLN B 167 40.41 16.09 18.76
N ALA B 168 40.53 17.04 17.84
CA ALA B 168 40.62 18.43 18.25
C ALA B 168 39.28 19.14 18.25
N GLU B 169 38.16 18.40 18.02
CA GLU B 169 36.87 19.07 18.03
C GLU B 169 36.38 19.32 19.44
N PRO B 170 35.86 20.52 19.73
CA PRO B 170 35.50 20.82 21.13
C PRO B 170 34.22 20.13 21.61
N LYS B 171 33.41 19.58 20.72
CA LYS B 171 32.08 19.12 21.05
C LYS B 171 31.83 17.75 20.42
N PRO B 172 31.27 16.80 21.17
CA PRO B 172 30.94 15.48 20.60
C PRO B 172 30.01 15.58 19.40
N LEU B 173 30.42 14.98 18.29
CA LEU B 173 29.61 14.95 17.07
C LEU B 173 28.64 13.78 17.15
N ILE B 174 27.32 14.09 17.19
CA ILE B 174 26.29 13.09 17.37
C ILE B 174 25.76 12.64 16.02
N VAL B 175 25.34 11.38 15.96
CA VAL B 175 24.71 10.76 14.79
C VAL B 175 23.39 10.15 15.23
N TYR B 176 22.31 10.53 14.57
CA TYR B 176 20.98 10.06 14.93
C TYR B 176 20.48 9.03 13.91
N VAL B 177 20.26 7.81 14.38
CA VAL B 177 19.72 6.74 13.55
C VAL B 177 18.50 6.12 14.23
N SER B 178 17.59 5.58 13.39
CA SER B 178 16.48 4.78 13.89
C SER B 178 16.99 3.54 14.62
N ALA B 179 16.29 3.16 15.69
CA ALA B 179 16.69 2.00 16.50
C ALA B 179 16.56 0.69 15.74
N HIS B 180 15.98 0.72 14.53
CA HIS B 180 15.93 -0.41 13.61
C HIS B 180 16.90 -0.25 12.44
N ALA B 181 17.75 0.77 12.47
CA ALA B 181 18.73 0.94 11.41
C ALA B 181 19.74 -0.21 11.40
N HIS B 182 20.08 -0.67 10.18
CA HIS B 182 21.03 -1.76 9.96
C HIS B 182 22.31 -1.54 10.75
N SER B 183 22.93 -2.65 11.14
CA SER B 183 24.16 -2.61 11.93
C SER B 183 25.34 -2.03 11.18
N SER B 184 25.25 -1.94 9.84
CA SER B 184 26.30 -1.26 9.09
C SER B 184 26.32 0.24 9.36
N VAL B 185 25.17 0.82 9.71
CA VAL B 185 25.09 2.26 10.00
C VAL B 185 25.86 2.58 11.27
N ASP B 186 25.76 1.70 12.27
CA ASP B 186 26.49 1.89 13.53
C ASP B 186 27.98 1.71 13.30
N LYS B 187 28.37 0.60 12.65
CA LYS B 187 29.77 0.38 12.29
C LYS B 187 30.36 1.60 11.61
N ALA B 188 29.71 2.07 10.55
CA ALA B 188 30.26 3.16 9.76
C ALA B 188 30.55 4.38 10.63
N ALA B 189 29.61 4.73 11.51
CA ALA B 189 29.91 5.73 12.53
C ALA B 189 31.21 5.41 13.26
N LEU B 190 31.35 4.16 13.74
CA LEU B 190 32.49 3.79 14.58
C LEU B 190 33.80 3.85 13.80
N LEU B 191 33.79 3.41 12.54
CA LEU B 191 34.98 3.49 11.71
C LEU B 191 35.33 4.94 11.36
N ALA B 192 34.35 5.84 11.34
CA ALA B 192 34.64 7.26 11.18
C ALA B 192 34.96 7.94 12.49
N GLY B 193 34.95 7.21 13.61
CA GLY B 193 35.44 7.72 14.87
C GLY B 193 34.42 8.31 15.83
N PHE B 194 33.12 8.12 15.60
CA PHE B 194 32.12 8.89 16.33
C PHE B 194 31.99 8.46 17.78
N GLY B 195 32.25 7.20 18.10
CA GLY B 195 32.04 6.73 19.46
C GLY B 195 30.65 6.18 19.65
N ARG B 196 30.51 5.01 20.28
CA ARG B 196 29.17 4.48 20.52
C ARG B 196 28.31 5.46 21.31
N ASP B 197 28.90 6.09 22.32
CA ASP B 197 28.20 7.09 23.13
C ASP B 197 27.46 8.10 22.27
N ASN B 198 27.99 8.40 21.10
CA ASN B 198 27.59 9.54 20.28
C ASN B 198 26.54 9.18 19.26
N ILE B 199 26.13 7.91 19.22
CA ILE B 199 25.11 7.43 18.30
C ILE B 199 23.84 7.26 19.11
N ARG B 200 22.84 8.07 18.84
CA ARG B 200 21.57 8.00 19.56
C ARG B 200 20.56 7.27 18.68
N LEU B 201 20.07 6.15 19.19
CA LEU B 201 19.00 5.40 18.57
C LEU B 201 17.71 6.13 18.90
N ILE B 202 16.93 6.45 17.86
CA ILE B 202 15.67 7.16 17.98
C ILE B 202 14.57 6.12 18.05
N PRO B 203 13.68 6.18 19.03
CA PRO B 203 12.61 5.18 19.12
C PRO B 203 11.70 5.21 17.91
N THR B 204 11.01 4.09 17.70
CA THR B 204 10.18 3.83 16.53
C THR B 204 8.70 3.85 16.90
N ASP B 205 7.86 3.78 15.86
CA ASP B 205 6.41 3.80 15.98
C ASP B 205 5.82 2.40 15.82
N GLU B 206 4.48 2.35 15.75
CA GLU B 206 3.79 1.09 15.52
C GLU B 206 4.30 0.36 14.28
N ARG B 207 4.70 1.09 13.26
CA ARG B 207 5.20 0.47 12.03
C ARG B 207 6.72 0.43 11.99
N TYR B 208 7.37 0.60 13.15
CA TYR B 208 8.81 0.53 13.34
C TYR B 208 9.57 1.59 12.55
N ALA B 209 8.87 2.63 12.11
CA ALA B 209 9.48 3.82 11.53
C ALA B 209 9.82 4.84 12.63
N LEU B 210 10.98 5.48 12.50
CA LEU B 210 11.43 6.43 13.53
C LEU B 210 10.43 7.58 13.70
N ARG B 211 10.28 8.04 14.95
CA ARG B 211 9.41 9.20 15.24
C ARG B 211 10.23 10.49 15.09
N PRO B 212 9.97 11.31 14.07
CA PRO B 212 10.62 12.64 13.98
C PRO B 212 10.51 13.47 15.24
N GLU B 213 9.38 13.37 15.96
CA GLU B 213 9.26 14.02 17.26
C GLU B 213 10.36 13.60 18.23
N ALA B 214 10.78 12.33 18.16
CA ALA B 214 11.88 11.92 19.04
C ALA B 214 13.20 12.47 18.54
N LEU B 215 13.39 12.51 17.21
CA LEU B 215 14.58 13.13 16.62
C LEU B 215 14.77 14.55 17.17
N GLN B 216 13.81 15.43 16.91
CA GLN B 216 13.85 16.78 17.46
C GLN B 216 13.82 16.84 18.99
N ALA B 217 13.37 15.80 19.68
CA ALA B 217 13.62 15.80 21.11
C ALA B 217 15.11 15.52 21.37
N ALA B 218 15.62 14.42 20.81
CA ALA B 218 17.04 14.10 20.97
C ALA B 218 17.93 15.25 20.54
N ILE B 219 17.57 15.97 19.46
CA ILE B 219 18.46 17.00 18.93
C ILE B 219 18.52 18.22 19.85
N GLU B 220 17.39 18.60 20.45
CA GLU B 220 17.40 19.71 21.38
C GLU B 220 18.17 19.34 22.63
N GLN B 221 18.06 18.09 23.06
CA GLN B 221 18.69 17.70 24.31
C GLN B 221 20.21 17.75 24.23
N ASP B 222 20.79 17.47 23.04
CA ASP B 222 22.25 17.47 22.92
C ASP B 222 22.78 18.90 22.81
N LEU B 223 22.04 19.79 22.13
CA LEU B 223 22.35 21.21 22.20
C LEU B 223 22.23 21.72 23.63
N ALA B 224 21.28 21.20 24.39
CA ALA B 224 21.15 21.50 25.80
C ALA B 224 22.05 20.62 26.65
N ALA B 225 22.90 19.85 26.02
CA ALA B 225 24.02 19.25 26.70
C ALA B 225 25.33 19.85 26.22
N GLY B 226 25.32 20.60 25.12
CA GLY B 226 26.58 21.11 24.58
C GLY B 226 27.23 20.21 23.56
N ASN B 227 26.69 19.02 23.33
CA ASN B 227 27.22 18.24 22.22
C ASN B 227 26.82 18.94 20.91
N GLN B 228 27.37 18.46 19.80
CA GLN B 228 27.13 19.11 18.51
C GLN B 228 26.49 18.09 17.59
N PRO B 229 25.19 18.18 17.34
CA PRO B 229 24.56 17.26 16.40
C PRO B 229 25.17 17.46 15.01
N CYS B 230 25.38 16.34 14.31
CA CYS B 230 26.09 16.31 13.03
C CYS B 230 25.27 15.71 11.90
N ALA B 231 24.67 14.52 12.07
CA ALA B 231 24.04 13.81 10.96
C ALA B 231 22.89 12.91 11.39
N VAL B 232 21.89 12.82 10.50
CA VAL B 232 20.79 11.87 10.63
C VAL B 232 20.96 10.78 9.59
N VAL B 233 20.64 9.52 9.94
CA VAL B 233 20.59 8.43 8.96
C VAL B 233 19.20 7.80 9.02
N ALA B 234 18.45 7.93 7.93
CA ALA B 234 17.10 7.37 7.81
C ALA B 234 17.13 6.15 6.90
N THR B 235 16.24 5.20 7.18
CA THR B 235 16.23 3.92 6.49
C THR B 235 14.90 3.74 5.77
N THR B 236 14.96 3.65 4.45
CA THR B 236 13.82 3.36 3.59
C THR B 236 13.85 1.87 3.25
N GLY B 237 13.27 1.06 4.14
CA GLY B 237 13.25 -0.37 3.96
C GLY B 237 14.23 -1.01 4.91
N THR B 238 13.85 -1.14 6.17
CA THR B 238 14.82 -1.63 7.14
C THR B 238 14.98 -3.14 6.95
N THR B 239 16.03 -3.67 7.56
CA THR B 239 16.35 -5.08 7.30
C THR B 239 15.35 -6.03 7.97
N THR B 240 14.85 -5.66 9.15
CA THR B 240 13.98 -6.59 9.86
C THR B 240 12.64 -6.61 9.16
N THR B 241 11.91 -5.50 9.23
CA THR B 241 10.52 -5.46 8.79
C THR B 241 10.29 -4.61 7.54
N THR B 242 11.35 -4.16 6.86
CA THR B 242 11.26 -3.15 5.79
C THR B 242 10.36 -1.97 6.19
N ALA B 243 10.63 -1.42 7.38
CA ALA B 243 10.01 -0.16 7.78
C ALA B 243 10.53 1.01 6.92
N LEU B 244 9.77 2.10 6.97
CA LEU B 244 9.92 3.21 6.04
C LEU B 244 10.00 4.53 6.80
N ASP B 245 11.20 4.89 7.27
CA ASP B 245 11.37 6.17 7.95
C ASP B 245 10.65 7.26 7.18
N PRO B 246 9.95 8.19 7.84
CA PRO B 246 9.34 9.30 7.09
C PRO B 246 10.39 10.35 6.83
N LEU B 247 10.73 10.54 5.54
CA LEU B 247 11.89 11.33 5.17
C LEU B 247 11.58 12.83 4.98
N ARG B 248 10.30 13.20 4.83
CA ARG B 248 10.03 14.63 4.66
C ARG B 248 10.09 15.31 6.02
N PRO B 249 9.38 14.84 7.05
CA PRO B 249 9.60 15.46 8.37
C PRO B 249 11.03 15.33 8.87
N VAL B 250 11.69 14.20 8.66
CA VAL B 250 13.09 14.06 9.09
C VAL B 250 14.00 14.96 8.29
N GLY B 251 13.66 15.21 7.03
CA GLY B 251 14.48 16.07 6.19
C GLY B 251 14.32 17.52 6.53
N GLU B 252 13.12 17.93 6.94
CA GLU B 252 12.89 19.30 7.36
C GLU B 252 13.61 19.58 8.70
N ILE B 253 13.73 18.56 9.56
CA ILE B 253 14.44 18.72 10.83
C ILE B 253 15.93 18.87 10.56
N ALA B 254 16.50 17.90 9.83
CA ALA B 254 17.92 17.94 9.47
C ALA B 254 18.30 19.22 8.73
N GLN B 255 17.39 19.78 7.94
CA GLN B 255 17.66 21.05 7.26
C GLN B 255 17.60 22.24 8.23
N ALA B 256 16.59 22.26 9.09
CA ALA B 256 16.48 23.37 10.04
C ALA B 256 17.61 23.39 11.07
N ASN B 257 18.33 22.28 11.26
CA ASN B 257 19.41 22.25 12.26
C ASN B 257 20.80 22.06 11.65
N GLY B 258 20.96 22.21 10.34
CA GLY B 258 22.29 22.12 9.73
C GLY B 258 22.98 20.77 9.85
N LEU B 259 22.23 19.67 9.74
CA LEU B 259 22.78 18.32 9.86
C LEU B 259 22.79 17.61 8.52
N TRP B 260 23.56 16.54 8.45
CA TRP B 260 23.61 15.75 7.23
C TRP B 260 22.51 14.69 7.25
N LEU B 261 21.72 14.65 6.18
CA LEU B 261 20.72 13.60 6.00
C LEU B 261 21.30 12.62 4.97
N HIS B 262 21.71 11.46 5.46
CA HIS B 262 22.04 10.34 4.59
C HIS B 262 20.94 9.28 4.71
N VAL B 263 20.42 8.82 3.56
CA VAL B 263 19.31 7.88 3.52
C VAL B 263 19.82 6.51 3.09
N ASP B 264 19.51 5.48 3.89
CA ASP B 264 19.95 4.10 3.63
C ASP B 264 18.81 3.36 2.93
N SER B 265 18.73 3.50 1.62
CA SER B 265 17.74 2.79 0.81
C SER B 265 18.38 1.64 0.05
N ALA B 266 19.27 0.88 0.71
CA ALA B 266 19.93 -0.26 0.12
C ALA B 266 18.94 -1.24 -0.52
N MET B 267 18.02 -1.79 0.27
CA MET B 267 17.14 -2.80 -0.29
C MET B 267 16.08 -2.13 -1.13
N ALA B 268 15.19 -1.36 -0.48
CA ALA B 268 14.00 -0.82 -1.11
C ALA B 268 14.29 0.25 -2.15
N GLY B 269 15.55 0.66 -2.32
CA GLY B 269 15.86 1.62 -3.38
C GLY B 269 15.43 1.16 -4.75
N SER B 270 15.56 -0.14 -5.04
CA SER B 270 15.23 -0.65 -6.36
C SER B 270 13.77 -0.43 -6.70
N ALA B 271 12.88 -0.52 -5.71
CA ALA B 271 11.45 -0.36 -5.98
C ALA B 271 11.12 1.03 -6.49
N MET B 272 12.03 1.97 -6.37
CA MET B 272 11.74 3.33 -6.84
C MET B 272 11.85 3.47 -8.36
N ILE B 273 12.18 2.40 -9.08
CA ILE B 273 11.91 2.39 -10.51
C ILE B 273 10.43 2.17 -10.77
N LEU B 274 9.65 1.80 -9.75
CA LEU B 274 8.22 1.64 -9.91
C LEU B 274 7.53 2.93 -9.49
N PRO B 275 6.85 3.62 -10.41
CA PRO B 275 6.26 4.93 -10.07
C PRO B 275 5.21 4.89 -8.98
N GLU B 276 4.48 3.80 -8.87
CA GLU B 276 3.52 3.63 -7.80
C GLU B 276 4.13 3.45 -6.42
N CYS B 277 5.46 3.27 -6.28
CA CYS B 277 6.05 3.05 -4.96
C CYS B 277 6.80 4.25 -4.39
N ARG B 278 7.02 5.31 -5.20
CA ARG B 278 7.79 6.46 -4.79
C ARG B 278 7.11 7.32 -3.73
N TRP B 279 5.93 6.94 -3.24
CA TRP B 279 5.48 7.48 -1.96
C TRP B 279 6.48 7.14 -0.86
N MET B 280 7.08 5.93 -0.93
CA MET B 280 8.04 5.53 0.08
C MET B 280 9.19 6.50 0.22
N TRP B 281 9.52 7.22 -0.85
CA TRP B 281 10.67 8.12 -0.86
C TRP B 281 10.31 9.58 -0.68
N ASP B 282 9.09 9.90 -0.28
CA ASP B 282 8.79 11.31 -0.24
C ASP B 282 9.67 12.02 0.76
N GLY B 283 10.26 13.14 0.33
CA GLY B 283 11.20 13.91 1.11
C GLY B 283 12.63 13.72 0.67
N ILE B 284 12.91 12.69 -0.14
CA ILE B 284 14.28 12.29 -0.47
C ILE B 284 15.04 13.45 -1.10
N GLU B 285 14.33 14.36 -1.78
CA GLU B 285 14.96 15.57 -2.33
C GLU B 285 15.53 16.45 -1.23
N LEU B 286 15.16 16.22 0.01
CA LEU B 286 15.71 16.98 1.12
C LEU B 286 17.03 16.40 1.63
N ALA B 287 17.42 15.25 1.11
CA ALA B 287 18.54 14.46 1.63
C ALA B 287 19.83 14.83 0.92
N ASP B 288 20.93 14.74 1.67
CA ASP B 288 22.27 15.04 1.15
C ASP B 288 22.84 13.86 0.38
N SER B 289 22.63 12.64 0.84
CA SER B 289 23.10 11.45 0.12
C SER B 289 22.04 10.37 0.17
N VAL B 290 22.18 9.39 -0.72
CA VAL B 290 21.30 8.22 -0.74
C VAL B 290 22.06 7.08 -1.38
N VAL B 291 21.83 5.86 -0.91
CA VAL B 291 22.52 4.70 -1.42
C VAL B 291 21.49 3.61 -1.71
N VAL B 292 21.62 3.01 -2.88
CA VAL B 292 20.78 1.89 -3.26
C VAL B 292 21.68 0.79 -3.80
N ASN B 293 21.34 -0.45 -3.48
CA ASN B 293 22.17 -1.60 -3.87
C ASN B 293 21.53 -2.22 -5.10
N ALA B 294 21.97 -1.80 -6.27
CA ALA B 294 21.54 -2.49 -7.47
C ALA B 294 21.91 -3.96 -7.43
N HIS B 295 22.90 -4.34 -6.62
CA HIS B 295 23.25 -5.73 -6.48
C HIS B 295 22.37 -6.48 -5.49
N LYS B 296 21.24 -5.92 -5.05
CA LYS B 296 20.39 -6.66 -4.12
C LYS B 296 19.16 -7.22 -4.84
N TRP B 297 18.16 -6.37 -5.05
CA TRP B 297 16.87 -6.73 -5.62
C TRP B 297 16.80 -6.42 -7.11
N LEU B 298 17.27 -5.24 -7.53
CA LEU B 298 17.25 -4.85 -8.94
C LEU B 298 17.83 -5.93 -9.85
N GLY B 299 18.97 -6.53 -9.46
CA GLY B 299 19.47 -7.69 -10.17
C GLY B 299 20.85 -7.61 -10.80
N VAL B 300 21.63 -6.54 -10.54
CA VAL B 300 23.01 -6.49 -11.03
C VAL B 300 23.89 -7.31 -10.08
N ALA B 301 24.79 -8.13 -10.63
CA ALA B 301 25.61 -9.01 -9.79
C ALA B 301 26.48 -8.23 -8.81
N PHE B 302 26.55 -8.70 -7.56
CA PHE B 302 27.47 -8.14 -6.57
C PHE B 302 28.89 -8.17 -7.11
N ASP B 303 29.69 -7.10 -6.92
CA ASP B 303 29.37 -5.82 -6.27
C ASP B 303 28.92 -4.71 -7.21
N CYS B 304 27.89 -3.96 -6.81
CA CYS B 304 27.55 -2.73 -7.50
C CYS B 304 26.64 -1.99 -6.52
N SER B 305 27.22 -1.11 -5.72
CA SER B 305 26.51 -0.27 -4.76
C SER B 305 26.54 1.16 -5.26
N ILE B 306 25.36 1.77 -5.34
CA ILE B 306 25.16 3.08 -5.94
C ILE B 306 25.00 4.09 -4.81
N TYR B 307 25.73 5.20 -4.92
CA TYR B 307 25.75 6.28 -3.95
C TYR B 307 25.51 7.59 -4.70
N TYR B 308 24.49 8.35 -4.29
CA TYR B 308 24.08 9.57 -4.98
C TYR B 308 24.16 10.76 -4.03
N VAL B 309 24.83 11.83 -4.47
CA VAL B 309 24.92 13.07 -3.70
C VAL B 309 24.35 14.20 -4.54
N ARG B 310 23.80 15.19 -3.84
CA ARG B 310 23.44 16.45 -4.44
C ARG B 310 24.58 17.46 -4.42
N ASP B 311 25.62 17.21 -3.62
CA ASP B 311 26.77 18.09 -3.46
C ASP B 311 28.02 17.29 -3.76
N PRO B 312 28.26 16.95 -5.02
CA PRO B 312 29.49 16.21 -5.36
C PRO B 312 30.77 16.99 -5.08
N GLN B 313 30.71 18.33 -5.14
CA GLN B 313 31.87 19.13 -4.79
C GLN B 313 32.31 18.90 -3.36
N HIS B 314 31.38 18.57 -2.46
CA HIS B 314 31.81 18.27 -1.10
C HIS B 314 32.33 16.84 -0.99
N LEU B 315 31.80 15.93 -1.81
CA LEU B 315 32.37 14.60 -1.86
C LEU B 315 33.82 14.66 -2.34
N ILE B 316 34.05 15.31 -3.48
CA ILE B 316 35.40 15.42 -4.03
C ILE B 316 36.34 16.09 -3.02
N ARG B 317 35.89 17.17 -2.38
CA ARG B 317 36.73 17.85 -1.40
C ARG B 317 37.22 16.89 -0.31
N VAL B 318 36.31 16.05 0.20
CA VAL B 318 36.68 15.15 1.30
C VAL B 318 37.60 14.04 0.81
N MET B 319 37.17 13.31 -0.22
CA MET B 319 37.88 12.10 -0.62
C MET B 319 39.16 12.40 -1.36
N SER B 320 39.25 13.52 -2.05
CA SER B 320 40.54 14.01 -2.51
C SER B 320 41.30 14.81 -1.44
N THR B 321 40.81 14.84 -0.19
CA THR B 321 41.38 15.60 0.92
C THR B 321 41.83 16.99 0.48
N ASN B 322 41.11 17.59 -0.45
CA ASN B 322 41.39 18.92 -0.95
C ASN B 322 40.17 19.81 -0.81
N PRO B 323 39.97 20.42 0.36
CA PRO B 323 38.74 21.24 0.56
C PRO B 323 38.72 22.56 -0.20
N SER B 324 39.84 22.99 -0.79
CA SER B 324 39.84 24.21 -1.61
C SER B 324 39.20 24.01 -2.97
N TYR B 325 38.72 22.81 -3.27
CA TYR B 325 38.30 22.45 -4.62
C TYR B 325 36.95 23.08 -4.96
N LEU B 326 36.86 23.64 -6.16
CA LEU B 326 35.63 24.21 -6.69
C LEU B 326 35.26 23.45 -7.95
N GLN B 327 33.99 23.00 -8.02
CA GLN B 327 33.53 22.26 -9.20
C GLN B 327 33.43 23.15 -10.43
N SER B 328 33.22 24.44 -10.25
CA SER B 328 32.98 25.36 -11.36
C SER B 328 34.27 25.88 -11.98
N ALA B 329 35.39 25.79 -11.28
CA ALA B 329 36.65 26.26 -11.83
C ALA B 329 37.19 25.26 -12.86
N LYS B 335 35.38 14.01 -15.05
CA LYS B 335 35.10 13.26 -13.82
C LYS B 335 36.24 12.27 -13.50
N ASN B 336 36.50 12.11 -12.19
CA ASN B 336 37.62 11.35 -11.66
C ASN B 336 37.03 10.60 -10.47
N LEU B 337 36.46 9.41 -10.74
CA LEU B 337 35.76 8.64 -9.72
C LEU B 337 36.67 8.29 -8.54
N ARG B 338 37.98 8.36 -8.74
CA ARG B 338 38.99 8.34 -7.69
C ARG B 338 38.58 9.22 -6.52
N ASP B 339 38.04 10.42 -6.82
CA ASP B 339 37.59 11.41 -5.83
C ASP B 339 36.16 11.17 -5.35
N TRP B 340 35.49 10.11 -5.80
CA TRP B 340 34.10 9.87 -5.40
C TRP B 340 33.96 8.71 -4.42
N GLY B 341 35.04 8.30 -3.78
CA GLY B 341 34.95 7.22 -2.82
C GLY B 341 36.30 6.85 -2.27
N ILE B 342 36.32 5.77 -1.48
CA ILE B 342 37.53 5.32 -0.81
C ILE B 342 38.53 4.79 -1.85
N PRO B 343 38.21 3.76 -2.63
CA PRO B 343 39.23 3.21 -3.53
C PRO B 343 39.62 4.18 -4.64
N LEU B 344 40.92 4.23 -4.91
CA LEU B 344 41.38 5.06 -6.00
C LEU B 344 41.32 4.33 -7.33
N GLY B 345 41.10 3.03 -7.30
CA GLY B 345 40.98 2.22 -8.50
C GLY B 345 39.67 1.44 -8.50
N ARG B 346 39.13 1.27 -9.70
CA ARG B 346 37.88 0.57 -9.88
C ARG B 346 38.03 -0.33 -11.09
N ARG B 347 37.28 -1.43 -11.06
CA ARG B 347 37.13 -2.23 -12.26
C ARG B 347 35.90 -1.76 -13.04
N PHE B 348 35.63 -2.46 -14.14
CA PHE B 348 34.62 -2.03 -15.10
C PHE B 348 33.23 -2.58 -14.72
N ARG B 349 32.78 -2.14 -13.54
CA ARG B 349 31.46 -2.49 -13.01
C ARG B 349 30.32 -1.86 -13.78
N ALA B 350 30.59 -0.76 -14.49
CA ALA B 350 29.59 -0.16 -15.35
C ALA B 350 29.20 -1.06 -16.51
N LEU B 351 30.07 -1.99 -16.89
CA LEU B 351 29.65 -2.99 -17.85
C LEU B 351 28.43 -3.77 -17.33
N LYS B 352 28.42 -4.10 -16.05
CA LYS B 352 27.33 -4.91 -15.50
C LYS B 352 26.01 -4.14 -15.57
N LEU B 353 25.99 -2.90 -15.09
CA LEU B 353 24.75 -2.12 -15.15
C LEU B 353 24.32 -1.92 -16.59
N TRP B 354 25.26 -1.59 -17.46
CA TRP B 354 24.94 -1.36 -18.85
C TRP B 354 24.25 -2.57 -19.46
N PHE B 355 24.84 -3.76 -19.29
CA PHE B 355 24.28 -4.97 -19.89
C PHE B 355 22.91 -5.30 -19.33
N MET B 356 22.70 -5.11 -18.03
CA MET B 356 21.40 -5.48 -17.45
C MET B 356 20.33 -4.49 -17.88
N LEU B 357 20.61 -3.19 -17.72
CA LEU B 357 19.66 -2.16 -18.13
C LEU B 357 19.25 -2.32 -19.58
N ARG B 358 20.20 -2.64 -20.46
CA ARG B 358 19.86 -2.86 -21.87
C ARG B 358 19.13 -4.19 -22.08
N SER B 359 19.84 -5.31 -21.87
CA SER B 359 19.34 -6.62 -22.29
C SER B 359 17.90 -6.86 -21.80
N GLU B 360 17.67 -6.69 -20.49
CA GLU B 360 16.34 -6.86 -19.92
C GLU B 360 15.36 -5.80 -20.42
N GLY B 361 15.65 -4.53 -20.14
CA GLY B 361 14.69 -3.46 -20.42
C GLY B 361 13.85 -3.11 -19.21
N VAL B 362 13.53 -1.81 -19.07
CA VAL B 362 12.79 -1.32 -17.92
C VAL B 362 11.44 -1.99 -17.81
N ASP B 363 10.90 -2.50 -18.92
CA ASP B 363 9.62 -3.19 -18.85
C ASP B 363 9.75 -4.52 -18.08
N ALA B 364 10.88 -5.23 -18.27
CA ALA B 364 11.08 -6.46 -17.52
C ALA B 364 11.38 -6.19 -16.06
N LEU B 365 12.23 -5.20 -15.78
CA LEU B 365 12.66 -4.94 -14.41
C LEU B 365 11.49 -4.48 -13.56
N GLN B 366 10.56 -3.76 -14.16
CA GLN B 366 9.38 -3.37 -13.42
C GLN B 366 8.49 -4.57 -13.10
N ALA B 367 8.24 -5.47 -14.08
CA ALA B 367 7.35 -6.59 -13.81
C ALA B 367 7.92 -7.51 -12.75
N ARG B 368 9.25 -7.72 -12.76
CA ARG B 368 9.86 -8.61 -11.76
C ARG B 368 9.64 -8.08 -10.35
N LEU B 369 9.96 -6.80 -10.10
CA LEU B 369 9.79 -6.26 -8.76
C LEU B 369 8.31 -6.21 -8.37
N ARG B 370 7.44 -5.79 -9.29
CA ARG B 370 6.01 -5.90 -9.04
C ARG B 370 5.62 -7.35 -8.82
N ARG B 371 6.38 -8.29 -9.39
CA ARG B 371 6.11 -9.69 -9.08
C ARG B 371 6.39 -9.98 -7.62
N ASP B 372 7.56 -9.57 -7.12
CA ASP B 372 7.90 -9.95 -5.75
C ASP B 372 7.02 -9.21 -4.75
N LEU B 373 6.53 -8.01 -5.12
CA LEU B 373 5.57 -7.29 -4.29
C LEU B 373 4.22 -8.01 -4.24
N ASP B 374 3.74 -8.44 -5.40
CA ASP B 374 2.46 -9.14 -5.48
C ASP B 374 2.53 -10.52 -4.83
N ASN B 375 3.67 -11.21 -4.91
CA ASN B 375 3.78 -12.52 -4.29
C ASN B 375 3.85 -12.44 -2.77
N ALA B 376 4.33 -11.31 -2.23
CA ALA B 376 4.44 -11.14 -0.78
C ALA B 376 3.14 -10.66 -0.17
N GLN B 377 2.26 -10.07 -0.98
CA GLN B 377 0.88 -9.85 -0.56
C GLN B 377 0.11 -11.17 -0.54
N TRP B 378 0.41 -12.08 -1.47
CA TRP B 378 -0.31 -13.35 -1.50
C TRP B 378 -0.02 -14.17 -0.25
N LEU B 379 1.26 -14.33 0.09
CA LEU B 379 1.63 -15.13 1.25
C LEU B 379 1.22 -14.46 2.56
N ALA B 380 1.18 -13.12 2.60
CA ALA B 380 0.67 -12.44 3.77
C ALA B 380 -0.81 -12.72 3.99
N GLY B 381 -1.55 -12.93 2.90
CA GLY B 381 -2.99 -13.17 3.02
C GLY B 381 -3.34 -14.55 3.49
N GLN B 382 -2.57 -15.56 3.04
CA GLN B 382 -2.66 -16.89 3.66
C GLN B 382 -2.29 -16.82 5.14
N VAL B 383 -1.13 -16.21 5.45
CA VAL B 383 -0.60 -16.22 6.82
C VAL B 383 -1.56 -15.53 7.77
N GLU B 384 -2.11 -14.37 7.36
CA GLU B 384 -3.12 -13.70 8.17
C GLU B 384 -4.24 -14.67 8.56
N ALA B 385 -4.76 -15.41 7.57
CA ALA B 385 -5.99 -16.18 7.72
C ALA B 385 -5.79 -17.57 8.31
N ALA B 386 -4.65 -18.21 8.08
CA ALA B 386 -4.41 -19.48 8.77
C ALA B 386 -4.45 -19.25 10.27
N ALA B 387 -5.19 -20.09 10.98
CA ALA B 387 -5.13 -20.00 12.43
C ALA B 387 -3.74 -20.38 12.91
N GLU B 388 -3.43 -19.96 14.13
CA GLU B 388 -2.12 -20.26 14.74
C GLU B 388 -1.02 -19.38 14.14
N TRP B 389 -1.23 -18.83 12.96
CA TRP B 389 -0.21 -18.05 12.28
C TRP B 389 -0.50 -16.57 12.37
N GLU B 390 0.56 -15.77 12.29
CA GLU B 390 0.42 -14.32 12.41
C GLU B 390 1.53 -13.63 11.64
N VAL B 391 1.23 -12.45 11.10
CA VAL B 391 2.23 -11.53 10.58
C VAL B 391 2.43 -10.44 11.62
N LEU B 392 3.70 -10.08 11.85
CA LEU B 392 4.05 -9.20 12.97
C LEU B 392 4.32 -7.77 12.57
N ALA B 393 4.26 -7.45 11.28
CA ALA B 393 4.64 -6.14 10.78
C ALA B 393 3.95 -5.91 9.44
N PRO B 394 3.89 -4.66 8.99
CA PRO B 394 3.26 -4.40 7.69
C PRO B 394 4.06 -4.97 6.52
N VAL B 395 3.36 -5.38 5.46
CA VAL B 395 4.02 -5.82 4.23
C VAL B 395 3.97 -4.72 3.17
N GLN B 396 4.75 -3.65 3.38
CA GLN B 396 4.90 -2.53 2.44
C GLN B 396 5.96 -2.80 1.37
N LEU B 397 6.77 -3.84 1.52
CA LEU B 397 7.63 -4.24 0.41
C LEU B 397 7.37 -5.70 0.08
N GLN B 398 8.42 -6.53 0.05
CA GLN B 398 8.27 -7.94 -0.30
C GLN B 398 8.77 -8.85 0.83
N THR B 399 8.92 -8.32 2.04
CA THR B 399 9.35 -9.09 3.18
C THR B 399 8.21 -9.24 4.19
N LEU B 400 8.08 -10.43 4.77
CA LEU B 400 7.07 -10.75 5.78
C LEU B 400 7.74 -11.19 7.08
N CYS B 401 7.25 -10.68 8.21
CA CYS B 401 7.69 -11.13 9.51
C CYS B 401 6.58 -12.00 10.09
N ILE B 402 6.80 -13.32 10.09
CA ILE B 402 5.78 -14.30 10.48
C ILE B 402 6.25 -15.13 11.66
N ARG B 403 5.28 -15.82 12.27
CA ARG B 403 5.48 -16.64 13.45
C ARG B 403 4.29 -17.57 13.55
N HIS B 404 4.50 -18.77 14.12
CA HIS B 404 3.44 -19.71 14.41
C HIS B 404 3.24 -19.84 15.92
N ARG B 405 1.98 -19.83 16.35
CA ARG B 405 1.66 -19.72 17.77
C ARG B 405 0.90 -20.93 18.29
N PRO B 406 1.61 -21.96 18.76
CA PRO B 406 0.92 -23.03 19.51
C PRO B 406 0.13 -22.41 20.65
N ALA B 407 -1.05 -22.98 20.91
CA ALA B 407 -1.87 -22.41 21.98
C ALA B 407 -1.14 -22.57 23.29
N GLY B 408 -1.20 -21.52 24.13
CA GLY B 408 -0.59 -21.53 25.45
C GLY B 408 0.89 -21.23 25.49
N LEU B 409 1.55 -21.09 24.35
CA LEU B 409 3.00 -21.12 24.27
C LEU B 409 3.56 -19.71 24.21
N GLU B 410 4.17 -19.27 25.30
CA GLU B 410 4.60 -17.89 25.44
C GLU B 410 6.08 -17.82 25.79
N GLY B 411 6.67 -16.67 25.47
CA GLY B 411 7.98 -16.33 26.01
C GLY B 411 9.09 -17.20 25.45
N GLU B 412 10.04 -17.52 26.33
CA GLU B 412 11.22 -18.31 25.95
C GLU B 412 10.82 -19.57 25.18
N ALA B 413 9.85 -20.32 25.71
CA ALA B 413 9.43 -21.55 25.06
C ALA B 413 9.10 -21.31 23.59
N LEU B 414 8.30 -20.26 23.33
CA LEU B 414 7.91 -19.92 21.97
C LEU B 414 9.14 -19.54 21.14
N ASP B 415 10.01 -18.68 21.70
CA ASP B 415 11.29 -18.37 21.07
C ASP B 415 12.04 -19.65 20.67
N ALA B 416 12.05 -20.66 21.55
CA ALA B 416 12.64 -21.94 21.18
C ALA B 416 11.83 -22.61 20.08
N HIS B 417 10.50 -22.60 20.18
CA HIS B 417 9.66 -23.21 19.15
C HIS B 417 9.92 -22.56 17.79
N THR B 418 10.27 -21.27 17.77
CA THR B 418 10.31 -20.56 16.49
C THR B 418 11.62 -20.76 15.73
N LYS B 419 12.77 -20.71 16.41
CA LYS B 419 14.02 -21.00 15.73
C LYS B 419 14.18 -22.50 15.52
N GLY B 420 13.51 -23.31 16.34
CA GLY B 420 13.46 -24.74 16.15
C GLY B 420 12.97 -25.05 14.75
N TRP B 421 11.72 -24.69 14.47
CA TRP B 421 11.18 -25.03 13.16
C TRP B 421 11.84 -24.23 12.05
N ALA B 422 12.42 -23.06 12.36
CA ALA B 422 13.14 -22.32 11.34
C ALA B 422 14.42 -23.04 10.95
N GLU B 423 15.13 -23.61 11.94
CA GLU B 423 16.31 -24.41 11.64
C GLU B 423 15.92 -25.75 11.03
N ARG B 424 14.75 -26.31 11.39
CA ARG B 424 14.33 -27.55 10.72
C ARG B 424 14.03 -27.31 9.26
N LEU B 425 13.30 -26.22 8.94
CA LEU B 425 12.96 -25.98 7.54
C LEU B 425 14.22 -25.76 6.71
N ASN B 426 15.15 -24.93 7.21
CA ASN B 426 16.43 -24.68 6.54
C ASN B 426 17.21 -25.97 6.30
N ALA B 427 17.25 -26.87 7.29
CA ALA B 427 18.04 -28.10 7.17
C ALA B 427 17.40 -29.11 6.22
N SER B 428 16.12 -28.96 5.91
CA SER B 428 15.47 -29.92 5.04
C SER B 428 15.90 -29.73 3.59
N GLY B 429 16.31 -28.51 3.22
CA GLY B 429 16.64 -28.16 1.87
C GLY B 429 15.54 -27.47 1.08
N ALA B 430 14.33 -27.42 1.61
CA ALA B 430 13.22 -26.90 0.82
C ALA B 430 13.29 -25.38 0.67
N ALA B 431 13.72 -24.67 1.70
CA ALA B 431 13.76 -23.21 1.60
C ALA B 431 14.88 -22.66 2.48
N TYR B 432 15.18 -21.38 2.26
CA TYR B 432 16.12 -20.64 3.11
C TYR B 432 15.39 -19.46 3.73
N VAL B 433 15.25 -19.47 5.07
CA VAL B 433 14.67 -18.36 5.85
C VAL B 433 15.64 -17.87 6.92
N THR B 434 15.52 -16.59 7.28
CA THR B 434 16.40 -15.94 8.26
C THR B 434 15.66 -15.56 9.54
N PRO B 435 15.75 -16.36 10.60
CA PRO B 435 15.19 -15.95 11.89
C PRO B 435 15.77 -14.61 12.32
N ALA B 436 14.92 -13.80 12.96
CA ALA B 436 15.33 -12.47 13.42
C ALA B 436 14.39 -12.06 14.56
N THR B 437 14.89 -11.18 15.42
CA THR B 437 14.13 -10.71 16.58
C THR B 437 13.35 -9.44 16.28
N LEU B 438 12.20 -9.32 16.96
CA LEU B 438 11.33 -8.16 16.85
C LEU B 438 10.65 -7.97 18.20
N ASP B 439 10.87 -6.80 18.81
CA ASP B 439 10.21 -6.44 20.08
C ASP B 439 10.54 -7.42 21.20
N GLY B 440 11.77 -7.94 21.21
CA GLY B 440 12.15 -8.84 22.27
C GLY B 440 11.70 -10.27 22.10
N ARG B 441 11.12 -10.62 20.95
CA ARG B 441 10.69 -11.97 20.62
C ARG B 441 11.32 -12.42 19.31
N TRP B 442 11.51 -13.72 19.17
CA TRP B 442 12.02 -14.27 17.93
C TRP B 442 10.88 -14.52 16.96
N MET B 443 11.12 -14.16 15.70
CA MET B 443 10.24 -14.51 14.59
C MET B 443 11.11 -15.03 13.45
N VAL B 444 10.54 -15.08 12.24
CA VAL B 444 11.19 -15.67 11.08
C VAL B 444 10.85 -14.84 9.85
N ARG B 445 11.86 -14.56 9.04
CA ARG B 445 11.74 -13.65 7.91
C ARG B 445 11.66 -14.44 6.62
N VAL B 446 10.77 -13.99 5.74
CA VAL B 446 10.59 -14.56 4.42
C VAL B 446 10.80 -13.39 3.46
N SER B 447 11.97 -13.33 2.81
CA SER B 447 12.31 -12.26 1.88
C SER B 447 12.19 -12.78 0.47
N ILE B 448 11.24 -12.24 -0.26
CA ILE B 448 10.78 -12.82 -1.51
C ILE B 448 11.34 -11.98 -2.65
N GLY B 449 12.22 -12.55 -3.46
CA GLY B 449 12.81 -11.81 -4.54
C GLY B 449 14.00 -12.41 -5.27
N ALA B 450 14.48 -13.59 -4.85
CA ALA B 450 15.41 -14.32 -5.70
C ALA B 450 14.88 -14.35 -7.12
N LEU B 451 15.79 -14.23 -8.09
CA LEU B 451 15.40 -14.09 -9.50
C LEU B 451 14.28 -15.04 -9.94
N PRO B 452 14.34 -16.34 -9.69
CA PRO B 452 13.35 -17.24 -10.28
C PRO B 452 12.15 -17.54 -9.38
N THR B 453 11.91 -16.74 -8.33
CA THR B 453 10.81 -16.98 -7.39
C THR B 453 9.50 -16.45 -7.96
N GLU B 454 8.65 -17.35 -8.42
CA GLU B 454 7.34 -16.99 -8.96
C GLU B 454 6.24 -17.61 -8.10
N ARG B 455 4.98 -17.31 -8.47
CA ARG B 455 3.86 -17.63 -7.60
C ARG B 455 3.78 -19.12 -7.32
N GLY B 456 4.26 -19.96 -8.25
CA GLY B 456 4.30 -21.39 -7.97
C GLY B 456 5.20 -21.74 -6.79
N ASP B 457 6.38 -21.11 -6.73
CA ASP B 457 7.33 -21.43 -5.66
C ASP B 457 6.83 -20.95 -4.30
N VAL B 458 6.19 -19.77 -4.26
CA VAL B 458 5.72 -19.20 -3.00
C VAL B 458 4.56 -20.01 -2.43
N GLN B 459 3.68 -20.53 -3.29
CA GLN B 459 2.69 -21.48 -2.82
C GLN B 459 3.35 -22.66 -2.12
N ARG B 460 4.34 -23.28 -2.76
CA ARG B 460 5.05 -24.40 -2.13
C ARG B 460 5.60 -24.00 -0.77
N LEU B 461 6.35 -22.91 -0.72
CA LEU B 461 6.89 -22.42 0.55
C LEU B 461 5.81 -22.34 1.62
N TRP B 462 4.62 -21.88 1.24
CA TRP B 462 3.57 -21.82 2.25
C TRP B 462 3.14 -23.22 2.68
N ALA B 463 3.31 -24.23 1.82
CA ALA B 463 2.98 -25.61 2.20
C ALA B 463 4.08 -26.24 3.05
N ARG B 464 5.34 -25.95 2.74
CA ARG B 464 6.43 -26.43 3.59
C ARG B 464 6.36 -25.80 4.97
N LEU B 465 6.03 -24.51 5.05
CA LEU B 465 5.98 -23.87 6.36
C LEU B 465 4.94 -24.51 7.27
N GLN B 466 3.74 -24.82 6.75
CA GLN B 466 2.73 -25.48 7.56
C GLN B 466 3.18 -26.88 7.96
N ASP B 467 3.73 -27.62 7.00
CA ASP B 467 4.10 -29.02 7.23
C ASP B 467 5.28 -29.16 8.18
N VAL B 468 6.10 -28.12 8.31
CA VAL B 468 7.29 -28.27 9.13
C VAL B 468 6.94 -28.20 10.62
N ILE B 469 5.79 -27.58 10.96
CA ILE B 469 5.34 -27.62 12.35
C ILE B 469 4.78 -29.00 12.67
N LYS B 470 4.07 -29.60 11.72
CA LYS B 470 3.51 -30.93 11.94
C LYS B 470 4.58 -32.00 11.93
N GLY B 471 5.86 -31.65 11.83
CA GLY B 471 6.92 -32.64 11.73
C GLY B 471 7.12 -33.24 10.35
N LEU B 472 6.62 -32.57 9.30
CA LEU B 472 6.81 -33.02 7.92
C LEU B 472 7.87 -32.16 7.22
N GLU B 473 8.93 -32.81 6.74
CA GLU B 473 10.04 -32.15 6.04
C GLU B 473 10.27 -32.83 4.70
N HIS B 474 10.64 -32.02 3.70
CA HIS B 474 10.72 -32.45 2.31
C HIS B 474 12.16 -32.37 1.80
N HIS B 475 12.66 -33.51 1.28
CA HIS B 475 13.97 -33.62 0.64
C HIS B 475 13.81 -33.87 -0.85
N HIS B 476 14.83 -33.48 -1.60
CA HIS B 476 14.71 -33.42 -3.04
C HIS B 476 14.84 -34.81 -3.67
N ALA C 2 -7.36 -69.04 -21.26
CA ALA C 2 -8.04 -69.36 -22.51
C ALA C 2 -7.77 -68.33 -23.63
N THR C 3 -7.62 -68.83 -24.86
CA THR C 3 -7.61 -67.98 -26.03
C THR C 3 -9.02 -67.43 -26.28
N PRO C 4 -9.15 -66.38 -27.10
CA PRO C 4 -10.51 -65.95 -27.47
C PRO C 4 -11.31 -67.03 -28.20
N GLU C 5 -10.66 -67.91 -28.94
CA GLU C 5 -11.38 -69.02 -29.56
C GLU C 5 -11.73 -70.07 -28.53
N GLN C 6 -10.80 -70.37 -27.62
CA GLN C 6 -11.12 -71.24 -26.51
C GLN C 6 -12.31 -70.69 -25.70
N PHE C 7 -12.26 -69.39 -25.37
CA PHE C 7 -13.32 -68.80 -24.58
C PHE C 7 -14.66 -68.89 -25.28
N ARG C 8 -14.67 -68.89 -26.61
CA ARG C 8 -15.94 -68.95 -27.33
C ARG C 8 -16.50 -70.37 -27.34
N GLN C 9 -15.62 -71.37 -27.23
CA GLN C 9 -16.05 -72.76 -27.04
C GLN C 9 -16.62 -72.96 -25.64
N TYR C 10 -16.01 -72.28 -24.66
CA TYR C 10 -16.51 -72.27 -23.30
C TYR C 10 -17.73 -71.37 -23.17
N GLY C 11 -17.76 -70.26 -23.91
CA GLY C 11 -18.91 -69.38 -23.83
C GLY C 11 -20.21 -70.08 -24.16
N HIS C 12 -20.24 -70.80 -25.28
CA HIS C 12 -21.48 -71.44 -25.70
C HIS C 12 -21.90 -72.55 -24.73
N GLN C 13 -20.94 -73.22 -24.10
CA GLN C 13 -21.30 -74.24 -23.14
C GLN C 13 -21.96 -73.64 -21.90
N LEU C 14 -21.52 -72.45 -21.51
CA LEU C 14 -22.03 -71.79 -20.33
C LEU C 14 -23.38 -71.12 -20.62
N ILE C 15 -23.51 -70.50 -21.80
CA ILE C 15 -24.81 -70.02 -22.25
C ILE C 15 -25.85 -71.13 -22.18
N ASP C 16 -25.49 -72.33 -22.58
CA ASP C 16 -26.46 -73.42 -22.53
C ASP C 16 -26.77 -73.78 -21.08
N LEU C 17 -25.74 -73.93 -20.25
CA LEU C 17 -25.96 -74.27 -18.85
C LEU C 17 -26.91 -73.27 -18.18
N ILE C 18 -26.69 -71.97 -18.42
CA ILE C 18 -27.52 -70.93 -17.78
C ILE C 18 -28.94 -70.90 -18.38
N ALA C 19 -29.08 -71.31 -19.65
CA ALA C 19 -30.40 -71.34 -20.29
C ALA C 19 -31.25 -72.50 -19.76
N ASP C 20 -30.61 -73.64 -19.47
CA ASP C 20 -31.31 -74.76 -18.86
C ASP C 20 -31.60 -74.49 -17.39
N TYR C 21 -30.71 -73.79 -16.69
CA TYR C 21 -31.03 -73.43 -15.30
C TYR C 21 -32.30 -72.59 -15.26
N ARG C 22 -32.28 -71.39 -15.89
CA ARG C 22 -33.45 -70.50 -15.88
C ARG C 22 -34.74 -71.24 -16.26
N GLN C 23 -34.64 -72.18 -17.20
CA GLN C 23 -35.78 -72.96 -17.66
C GLN C 23 -36.35 -73.86 -16.56
N THR C 24 -35.50 -74.61 -15.88
CA THR C 24 -35.93 -75.66 -14.97
C THR C 24 -35.71 -75.31 -13.49
N VAL C 25 -35.61 -74.02 -13.18
CA VAL C 25 -35.25 -73.61 -11.82
C VAL C 25 -36.35 -74.01 -10.85
N GLY C 26 -37.62 -73.82 -11.25
CA GLY C 26 -38.75 -74.11 -10.36
C GLY C 26 -38.73 -75.53 -9.84
N GLU C 27 -38.10 -76.45 -10.57
CA GLU C 27 -37.98 -77.85 -10.20
C GLU C 27 -37.04 -78.08 -9.03
N ARG C 28 -36.46 -77.06 -8.49
CA ARG C 28 -35.53 -77.37 -7.42
C ARG C 28 -36.10 -76.93 -6.08
N PRO C 29 -35.50 -77.37 -4.97
CA PRO C 29 -35.75 -76.67 -3.70
C PRO C 29 -35.32 -75.21 -3.81
N VAL C 30 -36.22 -74.31 -3.42
CA VAL C 30 -35.92 -72.87 -3.42
C VAL C 30 -34.67 -72.58 -2.60
N MET C 31 -34.66 -73.01 -1.34
CA MET C 31 -33.54 -72.74 -0.44
C MET C 31 -32.58 -73.93 -0.44
N ALA C 32 -31.30 -73.63 -0.28
CA ALA C 32 -30.27 -74.67 -0.20
C ALA C 32 -30.61 -75.70 0.85
N GLN C 33 -30.33 -76.96 0.53
CA GLN C 33 -30.51 -78.08 1.47
C GLN C 33 -29.17 -78.73 1.80
N VAL C 34 -28.21 -77.87 2.19
CA VAL C 34 -26.87 -78.31 2.57
C VAL C 34 -26.60 -77.80 3.97
N GLU C 35 -25.50 -78.30 4.53
CA GLU C 35 -25.04 -77.95 5.86
C GLU C 35 -23.82 -77.02 5.78
N PRO C 36 -23.62 -76.17 6.79
CA PRO C 36 -22.40 -75.36 6.82
C PRO C 36 -21.16 -76.22 6.73
N GLY C 37 -20.25 -75.85 5.84
CA GLY C 37 -19.03 -76.59 5.63
C GLY C 37 -19.02 -77.54 4.45
N TYR C 38 -20.18 -77.79 3.84
CA TYR C 38 -20.26 -78.79 2.79
C TYR C 38 -19.29 -78.50 1.64
N LEU C 39 -19.17 -77.25 1.23
CA LEU C 39 -18.37 -76.95 0.05
C LEU C 39 -16.89 -76.81 0.38
N LYS C 40 -16.54 -76.08 1.44
CA LYS C 40 -15.13 -75.98 1.83
C LYS C 40 -14.51 -77.36 2.10
N ALA C 41 -15.26 -78.26 2.78
CA ALA C 41 -14.80 -79.64 2.93
C ALA C 41 -14.66 -80.33 1.58
N ALA C 42 -15.47 -79.93 0.59
CA ALA C 42 -15.49 -80.61 -0.69
C ALA C 42 -14.48 -80.04 -1.68
N LEU C 43 -13.85 -78.90 -1.37
CA LEU C 43 -12.95 -78.25 -2.30
C LEU C 43 -11.50 -78.53 -1.94
N PRO C 44 -10.56 -78.39 -2.88
CA PRO C 44 -9.15 -78.50 -2.50
C PRO C 44 -8.79 -77.47 -1.46
N ALA C 45 -7.62 -77.65 -0.84
CA ALA C 45 -7.18 -76.66 0.11
C ALA C 45 -6.28 -75.60 -0.50
N THR C 46 -5.73 -75.83 -1.71
CA THR C 46 -4.88 -74.85 -2.38
C THR C 46 -5.24 -74.76 -3.86
N ALA C 47 -4.90 -73.61 -4.44
CA ALA C 47 -5.04 -73.45 -5.89
C ALA C 47 -4.20 -74.48 -6.63
N PRO C 48 -4.55 -74.79 -7.88
CA PRO C 48 -3.75 -75.73 -8.68
C PRO C 48 -2.58 -75.06 -9.37
N GLN C 49 -1.46 -75.78 -9.43
CA GLN C 49 -0.23 -75.25 -10.02
C GLN C 49 -0.39 -75.02 -11.52
N GLN C 50 -0.95 -75.99 -12.23
CA GLN C 50 -1.18 -75.88 -13.66
C GLN C 50 -2.68 -75.90 -13.95
N GLY C 51 -3.06 -75.18 -15.00
CA GLY C 51 -4.48 -75.03 -15.29
C GLY C 51 -5.17 -76.37 -15.41
N GLU C 52 -6.47 -76.38 -15.04
CA GLU C 52 -7.41 -77.49 -15.07
C GLU C 52 -8.44 -77.28 -16.19
N PRO C 53 -8.90 -78.34 -16.84
CA PRO C 53 -9.84 -78.17 -17.95
C PRO C 53 -11.16 -77.57 -17.49
N PHE C 54 -11.80 -76.85 -18.40
CA PHE C 54 -13.07 -76.16 -18.15
C PHE C 54 -14.23 -77.14 -17.97
N ALA C 55 -14.16 -78.32 -18.58
CA ALA C 55 -15.09 -79.37 -18.23
C ALA C 55 -14.99 -79.73 -16.74
N ALA C 56 -13.79 -79.65 -16.18
CA ALA C 56 -13.65 -80.04 -14.77
C ALA C 56 -14.40 -79.05 -13.89
N ILE C 57 -14.19 -77.76 -14.12
CA ILE C 57 -14.97 -76.74 -13.44
C ILE C 57 -16.46 -77.03 -13.56
N LEU C 58 -16.98 -77.13 -14.79
CA LEU C 58 -18.43 -77.25 -15.00
C LEU C 58 -19.02 -78.46 -14.27
N ASP C 59 -18.34 -79.61 -14.35
CA ASP C 59 -18.67 -80.72 -13.47
C ASP C 59 -18.80 -80.23 -12.03
N ASP C 60 -17.71 -79.69 -11.48
CA ASP C 60 -17.74 -79.10 -10.14
C ASP C 60 -18.85 -78.07 -10.00
N VAL C 61 -19.20 -77.35 -11.08
CA VAL C 61 -20.28 -76.36 -10.98
C VAL C 61 -21.63 -77.05 -10.80
N ASN C 62 -21.84 -78.17 -11.49
CA ASN C 62 -23.10 -78.91 -11.36
C ASN C 62 -23.17 -79.66 -10.05
N ASN C 63 -22.03 -80.24 -9.60
CA ASN C 63 -22.02 -81.25 -8.56
C ASN C 63 -21.70 -80.68 -7.18
N LEU C 64 -20.99 -79.56 -7.10
CA LEU C 64 -20.66 -78.93 -5.83
C LEU C 64 -21.37 -77.60 -5.60
N VAL C 65 -21.60 -76.82 -6.64
CA VAL C 65 -22.05 -75.45 -6.50
C VAL C 65 -23.57 -75.37 -6.53
N MET C 66 -24.19 -76.13 -7.44
CA MET C 66 -25.65 -76.08 -7.58
C MET C 66 -26.42 -76.55 -6.34
N PRO C 67 -25.98 -77.55 -5.57
CA PRO C 67 -26.72 -77.90 -4.33
C PRO C 67 -26.59 -76.87 -3.20
N GLY C 68 -25.62 -75.96 -3.27
CA GLY C 68 -25.46 -74.95 -2.24
C GLY C 68 -25.91 -73.58 -2.70
N LEU C 69 -26.98 -73.57 -3.51
CA LEU C 69 -27.63 -72.35 -3.96
C LEU C 69 -29.03 -72.28 -3.38
N SER C 70 -29.36 -71.14 -2.78
CA SER C 70 -30.75 -70.72 -2.67
C SER C 70 -31.06 -69.94 -3.94
N HIS C 71 -32.22 -70.20 -4.54
CA HIS C 71 -32.52 -69.78 -5.92
C HIS C 71 -33.43 -68.55 -5.89
N TRP C 72 -32.86 -67.39 -6.18
CA TRP C 72 -33.61 -66.14 -6.11
C TRP C 72 -34.50 -65.92 -7.32
N GLN C 73 -34.19 -66.58 -8.43
CA GLN C 73 -34.86 -66.37 -9.70
C GLN C 73 -35.93 -67.44 -9.95
N HIS C 74 -36.54 -68.00 -8.84
CA HIS C 74 -37.41 -69.18 -8.70
C HIS C 74 -38.87 -68.77 -8.63
N PRO C 75 -39.80 -69.48 -9.29
CA PRO C 75 -41.21 -69.08 -9.20
C PRO C 75 -41.77 -69.10 -7.80
N ASP C 76 -41.16 -69.86 -6.89
CA ASP C 76 -41.62 -70.04 -5.51
C ASP C 76 -40.74 -69.33 -4.49
N PHE C 77 -39.91 -68.38 -4.93
CA PHE C 77 -39.14 -67.56 -4.01
C PHE C 77 -39.99 -66.38 -3.55
N TYR C 78 -40.12 -66.23 -2.23
CA TYR C 78 -40.92 -65.15 -1.65
C TYR C 78 -40.16 -64.40 -0.57
N GLY C 79 -38.87 -64.64 -0.45
CA GLY C 79 -38.12 -64.11 0.68
C GLY C 79 -37.69 -62.67 0.53
N TYR C 80 -37.35 -62.06 1.68
CA TYR C 80 -36.71 -60.76 1.73
C TYR C 80 -37.47 -59.78 0.85
N PHE C 81 -36.80 -59.32 -0.18
CA PHE C 81 -37.38 -58.68 -1.33
C PHE C 81 -36.75 -59.34 -2.55
N PRO C 82 -37.41 -59.35 -3.68
CA PRO C 82 -36.82 -59.98 -4.87
C PRO C 82 -35.46 -59.35 -5.22
N SER C 83 -34.61 -60.15 -5.87
CA SER C 83 -33.36 -59.67 -6.49
C SER C 83 -33.41 -60.05 -7.97
N ASN C 84 -34.06 -59.22 -8.77
CA ASN C 84 -34.62 -59.67 -10.03
C ASN C 84 -33.62 -59.50 -11.17
N GLY C 85 -33.50 -60.54 -11.99
CA GLY C 85 -32.49 -60.64 -13.01
C GLY C 85 -33.02 -60.99 -14.38
N THR C 86 -33.69 -60.03 -15.03
CA THR C 86 -34.15 -60.23 -16.40
C THR C 86 -32.99 -60.65 -17.30
N LEU C 87 -33.25 -61.69 -18.10
CA LEU C 87 -32.22 -62.24 -18.97
C LEU C 87 -31.74 -61.23 -20.01
N SER C 88 -32.52 -60.17 -20.27
CA SER C 88 -32.02 -59.12 -21.15
C SER C 88 -30.94 -58.31 -20.47
N SER C 89 -31.12 -58.05 -19.17
CA SER C 89 -30.10 -57.39 -18.35
C SER C 89 -28.90 -58.30 -18.09
N VAL C 90 -29.13 -59.61 -17.90
CA VAL C 90 -27.99 -60.52 -17.79
C VAL C 90 -27.16 -60.47 -19.07
N LEU C 91 -27.84 -60.40 -20.24
CA LEU C 91 -27.16 -60.22 -21.51
C LEU C 91 -26.38 -58.90 -21.57
N GLY C 92 -26.90 -57.83 -20.96
CA GLY C 92 -26.12 -56.62 -20.83
C GLY C 92 -24.87 -56.83 -20.00
N ASP C 93 -24.96 -57.67 -18.96
CA ASP C 93 -23.81 -57.86 -18.06
C ASP C 93 -22.69 -58.67 -18.71
N PHE C 94 -23.05 -59.67 -19.50
CA PHE C 94 -22.07 -60.35 -20.35
C PHE C 94 -21.25 -59.34 -21.12
N LEU C 95 -21.91 -58.42 -21.83
CA LEU C 95 -21.18 -57.54 -22.72
C LEU C 95 -20.29 -56.57 -21.94
N SER C 96 -20.73 -56.16 -20.76
CA SER C 96 -19.92 -55.27 -19.94
C SER C 96 -18.68 -56.01 -19.44
N THR C 97 -18.82 -57.29 -19.06
CA THR C 97 -17.64 -58.01 -18.58
C THR C 97 -16.72 -58.39 -19.73
N GLY C 98 -17.28 -58.88 -20.85
CA GLY C 98 -16.43 -59.32 -21.95
C GLY C 98 -15.73 -58.18 -22.65
N LEU C 99 -16.34 -56.99 -22.63
CA LEU C 99 -15.70 -55.82 -23.21
C LEU C 99 -14.45 -55.43 -22.43
N GLY C 100 -14.59 -55.28 -21.11
CA GLY C 100 -13.42 -55.18 -20.25
C GLY C 100 -13.07 -53.78 -19.86
N VAL C 101 -13.85 -52.81 -20.31
CA VAL C 101 -13.54 -51.40 -20.13
C VAL C 101 -13.75 -50.98 -18.68
N LEU C 102 -13.16 -49.85 -18.34
CA LEU C 102 -13.33 -49.28 -17.01
C LEU C 102 -13.54 -47.78 -17.15
N GLY C 103 -14.47 -47.25 -16.38
CA GLY C 103 -14.61 -45.81 -16.31
C GLY C 103 -13.93 -45.20 -15.11
N LEU C 104 -12.71 -44.68 -15.32
CA LEU C 104 -12.02 -43.82 -14.38
C LEU C 104 -12.26 -42.36 -14.71
N SER C 105 -12.70 -42.08 -15.94
CA SER C 105 -12.97 -40.77 -16.51
C SER C 105 -13.75 -40.97 -17.81
N TRP C 106 -14.25 -39.87 -18.36
CA TRP C 106 -14.97 -39.96 -19.62
C TRP C 106 -14.04 -40.48 -20.71
N GLN C 107 -12.83 -39.92 -20.81
CA GLN C 107 -11.90 -40.34 -21.86
C GLN C 107 -11.55 -41.81 -21.74
N SER C 108 -11.49 -42.34 -20.52
CA SER C 108 -11.17 -43.74 -20.27
C SER C 108 -12.17 -44.71 -20.88
N SER C 109 -13.32 -44.21 -21.39
CA SER C 109 -14.32 -44.86 -22.25
C SER C 109 -15.56 -43.98 -22.29
N PRO C 110 -15.76 -43.20 -23.36
CA PRO C 110 -16.94 -42.33 -23.40
C PRO C 110 -18.26 -43.07 -23.39
N ALA C 111 -18.34 -44.22 -24.08
CA ALA C 111 -19.63 -44.87 -24.24
C ALA C 111 -20.18 -45.32 -22.90
N LEU C 112 -19.30 -45.66 -21.94
CA LEU C 112 -19.73 -46.10 -20.61
C LEU C 112 -20.45 -44.98 -19.86
N SER C 113 -19.84 -43.78 -19.83
CA SER C 113 -20.46 -42.75 -19.01
C SER C 113 -21.68 -42.16 -19.72
N GLU C 114 -21.56 -41.91 -21.02
CA GLU C 114 -22.66 -41.28 -21.75
C GLU C 114 -23.89 -42.18 -21.79
N LEU C 115 -23.69 -43.50 -21.95
CA LEU C 115 -24.85 -44.38 -21.85
C LEU C 115 -25.49 -44.27 -20.47
N GLU C 116 -24.69 -44.40 -19.40
CA GLU C 116 -25.21 -44.29 -18.03
C GLU C 116 -25.92 -42.97 -17.80
N GLU C 117 -25.45 -41.90 -18.45
CA GLU C 117 -26.17 -40.63 -18.37
C GLU C 117 -27.53 -40.73 -19.04
N THR C 118 -27.57 -41.32 -20.23
CA THR C 118 -28.83 -41.43 -20.97
C THR C 118 -29.84 -42.31 -20.24
N THR C 119 -29.44 -43.56 -19.92
CA THR C 119 -30.36 -44.52 -19.32
C THR C 119 -30.88 -44.05 -17.96
N LEU C 120 -30.04 -43.38 -17.17
CA LEU C 120 -30.52 -42.82 -15.91
C LEU C 120 -31.55 -41.73 -16.15
N ASP C 121 -31.34 -40.87 -17.18
CA ASP C 121 -32.38 -39.92 -17.54
C ASP C 121 -33.61 -40.63 -18.12
N TRP C 122 -33.40 -41.68 -18.92
CA TRP C 122 -34.51 -42.52 -19.35
C TRP C 122 -35.40 -42.91 -18.17
N LEU C 123 -34.79 -43.51 -17.15
CA LEU C 123 -35.54 -44.03 -16.00
C LEU C 123 -36.06 -42.90 -15.10
N ARG C 124 -35.30 -41.80 -15.00
CA ARG C 124 -35.74 -40.65 -14.21
C ARG C 124 -37.13 -40.23 -14.64
N GLN C 125 -37.35 -40.24 -15.96
CA GLN C 125 -38.63 -39.87 -16.57
C GLN C 125 -39.68 -40.94 -16.35
N LEU C 126 -39.28 -42.23 -16.40
CA LEU C 126 -40.18 -43.35 -16.21
C LEU C 126 -40.73 -43.44 -14.79
N LEU C 127 -40.02 -42.84 -13.84
CA LEU C 127 -40.39 -42.79 -12.45
C LEU C 127 -41.21 -41.55 -12.09
N GLY C 128 -41.43 -40.66 -13.04
CA GLY C 128 -42.23 -39.47 -12.80
C GLY C 128 -41.50 -38.33 -12.11
N LEU C 129 -40.15 -38.33 -12.15
CA LEU C 129 -39.36 -37.37 -11.39
C LEU C 129 -39.09 -36.15 -12.23
N SER C 130 -39.09 -34.97 -11.59
CA SER C 130 -38.98 -33.72 -12.32
C SER C 130 -37.60 -33.59 -12.93
N GLY C 131 -37.41 -32.53 -13.71
CA GLY C 131 -36.16 -32.32 -14.42
C GLY C 131 -34.99 -31.92 -13.56
N GLN C 132 -35.20 -31.48 -12.32
CA GLN C 132 -34.15 -31.08 -11.40
C GLN C 132 -33.36 -32.26 -10.85
N TRP C 133 -33.79 -33.48 -11.16
CA TRP C 133 -33.15 -34.68 -10.68
C TRP C 133 -32.14 -35.20 -11.71
N SER C 134 -31.06 -35.77 -11.21
CA SER C 134 -29.97 -36.27 -12.00
C SER C 134 -29.40 -37.40 -11.16
N GLY C 135 -29.00 -38.51 -11.78
CA GLY C 135 -28.63 -39.71 -11.07
C GLY C 135 -27.25 -40.26 -11.39
N VAL C 136 -26.80 -41.23 -10.56
CA VAL C 136 -25.63 -42.05 -10.86
C VAL C 136 -25.91 -43.47 -10.36
N ILE C 137 -25.25 -44.46 -10.92
CA ILE C 137 -25.44 -45.84 -10.46
C ILE C 137 -24.43 -46.14 -9.36
N GLN C 138 -24.93 -46.44 -8.16
CA GLN C 138 -24.11 -46.97 -7.10
C GLN C 138 -24.25 -48.49 -7.09
N ASP C 139 -23.50 -49.16 -6.20
CA ASP C 139 -23.57 -50.61 -6.17
C ASP C 139 -24.77 -51.10 -5.39
N THR C 140 -25.17 -50.37 -4.33
CA THR C 140 -26.20 -50.81 -3.39
C THR C 140 -26.90 -49.59 -2.80
N ALA C 141 -28.12 -49.80 -2.31
CA ALA C 141 -28.79 -48.75 -1.56
C ALA C 141 -27.97 -48.37 -0.34
N SER C 142 -27.42 -49.39 0.35
CA SER C 142 -26.53 -49.19 1.50
C SER C 142 -25.50 -48.10 1.19
N THR C 143 -24.69 -48.31 0.15
CA THR C 143 -23.72 -47.28 -0.24
C THR C 143 -24.41 -45.96 -0.52
N SER C 144 -25.57 -46.00 -1.19
CA SER C 144 -26.29 -44.79 -1.58
C SER C 144 -26.73 -43.99 -0.37
N THR C 145 -27.16 -44.66 0.69
CA THR C 145 -27.60 -43.92 1.88
C THR C 145 -26.41 -43.35 2.63
N LEU C 146 -25.26 -44.02 2.54
CA LEU C 146 -24.01 -43.47 3.06
C LEU C 146 -23.62 -42.22 2.29
N VAL C 147 -23.74 -42.28 0.96
CA VAL C 147 -23.47 -41.10 0.13
C VAL C 147 -24.33 -39.93 0.57
N ALA C 148 -25.60 -40.22 0.89
CA ALA C 148 -26.58 -39.18 1.21
C ALA C 148 -26.42 -38.66 2.63
N LEU C 149 -25.93 -39.50 3.55
CA LEU C 149 -25.66 -39.07 4.92
C LEU C 149 -24.32 -38.36 5.03
N ILE C 150 -23.34 -38.75 4.19
CA ILE C 150 -22.13 -37.94 4.07
C ILE C 150 -22.48 -36.59 3.41
N SER C 151 -23.34 -36.60 2.38
CA SER C 151 -23.83 -35.36 1.78
C SER C 151 -24.52 -34.48 2.82
N ALA C 152 -25.41 -35.09 3.61
CA ALA C 152 -26.08 -34.40 4.71
C ALA C 152 -25.10 -33.77 5.69
N ARG C 153 -24.19 -34.58 6.22
CA ARG C 153 -23.14 -34.08 7.09
C ARG C 153 -22.49 -32.84 6.48
N GLU C 154 -22.07 -32.95 5.22
CA GLU C 154 -21.29 -31.88 4.62
C GLU C 154 -22.09 -30.59 4.49
N ARG C 155 -23.39 -30.68 4.24
CA ARG C 155 -24.18 -29.46 4.13
C ARG C 155 -24.22 -28.73 5.46
N ALA C 156 -24.57 -29.45 6.53
CA ALA C 156 -24.80 -28.84 7.83
C ALA C 156 -23.51 -28.35 8.49
N THR C 157 -22.36 -28.94 8.14
CA THR C 157 -21.08 -28.55 8.70
C THR C 157 -20.25 -27.64 7.78
N ASP C 158 -20.81 -27.14 6.67
CA ASP C 158 -20.13 -26.19 5.75
C ASP C 158 -18.88 -26.79 5.11
N TYR C 159 -18.92 -28.11 4.85
CA TYR C 159 -17.81 -28.81 4.17
C TYR C 159 -16.59 -28.89 5.08
N ALA C 160 -16.82 -29.32 6.32
CA ALA C 160 -15.75 -29.47 7.31
C ALA C 160 -14.68 -30.46 6.88
N LEU C 161 -15.01 -31.34 5.92
CA LEU C 161 -14.06 -32.38 5.56
C LEU C 161 -12.74 -31.81 5.06
N VAL C 162 -12.75 -30.59 4.51
CA VAL C 162 -11.49 -29.92 4.17
C VAL C 162 -10.95 -29.13 5.37
N ARG C 163 -11.56 -29.31 6.54
CA ARG C 163 -11.04 -28.70 7.76
C ARG C 163 -10.90 -29.70 8.89
N GLY C 164 -11.51 -29.42 10.04
CA GLY C 164 -11.35 -30.31 11.16
C GLY C 164 -12.18 -31.58 11.10
N GLY C 165 -13.13 -31.62 10.18
CA GLY C 165 -13.94 -32.80 10.07
C GLY C 165 -14.96 -32.87 11.21
N LEU C 166 -15.43 -34.10 11.44
CA LEU C 166 -16.56 -34.29 12.36
C LEU C 166 -16.21 -33.95 13.80
N GLN C 167 -14.98 -34.27 14.25
CA GLN C 167 -14.64 -34.18 15.67
C GLN C 167 -14.46 -32.75 16.14
N ALA C 168 -14.41 -31.79 15.20
CA ALA C 168 -14.26 -30.40 15.57
C ALA C 168 -15.59 -29.68 15.58
N GLU C 169 -16.73 -30.40 15.38
CA GLU C 169 -18.06 -29.78 15.38
C GLU C 169 -18.52 -29.48 16.79
N PRO C 170 -18.95 -28.25 17.09
CA PRO C 170 -19.36 -27.91 18.46
C PRO C 170 -20.62 -28.63 18.95
N LYS C 171 -21.45 -29.15 18.05
CA LYS C 171 -22.78 -29.65 18.39
C LYS C 171 -23.01 -31.03 17.76
N PRO C 172 -23.57 -31.98 18.50
CA PRO C 172 -23.91 -33.30 17.93
C PRO C 172 -24.85 -33.20 16.73
N LEU C 173 -24.46 -33.85 15.63
CA LEU C 173 -25.28 -33.86 14.42
C LEU C 173 -26.26 -35.03 14.48
N ILE C 174 -27.57 -34.72 14.57
CA ILE C 174 -28.61 -35.72 14.73
C ILE C 174 -29.10 -36.18 13.37
N VAL C 175 -29.50 -37.46 13.31
CA VAL C 175 -30.15 -38.06 12.14
C VAL C 175 -31.46 -38.68 12.59
N TYR C 176 -32.54 -38.31 11.91
CA TYR C 176 -33.89 -38.76 12.27
C TYR C 176 -34.40 -39.77 11.25
N VAL C 177 -34.63 -40.99 11.70
CA VAL C 177 -35.16 -42.05 10.86
C VAL C 177 -36.40 -42.66 11.51
N SER C 178 -37.27 -43.23 10.68
CA SER C 178 -38.40 -44.02 11.19
C SER C 178 -37.90 -45.25 11.92
N ALA C 179 -38.59 -45.62 13.00
CA ALA C 179 -38.19 -46.78 13.81
C ALA C 179 -38.30 -48.09 13.06
N HIS C 180 -38.91 -48.08 11.86
CA HIS C 180 -38.95 -49.22 10.96
C HIS C 180 -37.99 -49.06 9.77
N ALA C 181 -37.17 -48.01 9.76
CA ALA C 181 -36.16 -47.86 8.71
C ALA C 181 -35.19 -49.03 8.72
N HIS C 182 -34.81 -49.47 7.51
CA HIS C 182 -33.85 -50.56 7.30
C HIS C 182 -32.58 -50.36 8.10
N SER C 183 -31.95 -51.46 8.45
CA SER C 183 -30.73 -51.43 9.26
C SER C 183 -29.54 -50.84 8.50
N SER C 184 -29.63 -50.76 7.17
CA SER C 184 -28.57 -50.09 6.40
C SER C 184 -28.53 -48.60 6.68
N VAL C 185 -29.67 -48.00 6.99
CA VAL C 185 -29.76 -46.56 7.27
C VAL C 185 -28.98 -46.22 8.53
N ASP C 186 -29.10 -47.08 9.54
CA ASP C 186 -28.38 -46.87 10.79
C ASP C 186 -26.89 -47.08 10.60
N LYS C 187 -26.53 -48.19 9.95
CA LYS C 187 -25.11 -48.43 9.69
C LYS C 187 -24.50 -47.24 8.97
N ALA C 188 -25.16 -46.75 7.91
CA ALA C 188 -24.59 -45.68 7.10
C ALA C 188 -24.28 -44.45 7.96
N ALA C 189 -25.22 -44.06 8.83
CA ALA C 189 -24.93 -43.07 9.86
C ALA C 189 -23.64 -43.40 10.58
N LEU C 190 -23.51 -44.63 11.08
CA LEU C 190 -22.37 -44.98 11.92
C LEU C 190 -21.06 -44.95 11.14
N LEU C 191 -21.07 -45.44 9.90
CA LEU C 191 -19.89 -45.35 9.05
C LEU C 191 -19.54 -43.90 8.70
N ALA C 192 -20.53 -42.99 8.64
CA ALA C 192 -20.16 -41.59 8.47
C ALA C 192 -19.90 -40.87 9.78
N GLY C 193 -19.92 -41.58 10.91
CA GLY C 193 -19.42 -41.03 12.16
C GLY C 193 -20.45 -40.49 13.14
N PHE C 194 -21.75 -40.66 12.90
CA PHE C 194 -22.74 -39.89 13.65
C PHE C 194 -22.88 -40.36 15.10
N GLY C 195 -22.61 -41.63 15.38
CA GLY C 195 -22.81 -42.13 16.74
C GLY C 195 -24.21 -42.65 16.97
N ARG C 196 -24.37 -43.81 17.62
CA ARG C 196 -25.73 -44.33 17.85
C ARG C 196 -26.58 -43.33 18.63
N ASP C 197 -25.98 -42.72 19.65
CA ASP C 197 -26.68 -41.70 20.44
C ASP C 197 -27.41 -40.70 19.57
N ASN C 198 -26.86 -40.41 18.38
CA ASN C 198 -27.26 -39.26 17.58
C ASN C 198 -28.32 -39.61 16.57
N ILE C 199 -28.77 -40.87 16.56
CA ILE C 199 -29.79 -41.36 15.64
C ILE C 199 -31.05 -41.55 16.46
N ARG C 200 -32.06 -40.71 16.23
CA ARG C 200 -33.33 -40.85 16.94
C ARG C 200 -34.34 -41.56 16.04
N LEU C 201 -34.79 -42.71 16.53
CA LEU C 201 -35.88 -43.44 15.91
C LEU C 201 -37.17 -42.69 16.22
N ILE C 202 -37.92 -42.37 15.18
CA ILE C 202 -39.18 -41.65 15.29
C ILE C 202 -40.27 -42.72 15.36
N PRO C 203 -41.19 -42.63 16.33
CA PRO C 203 -42.27 -43.61 16.42
C PRO C 203 -43.15 -43.59 15.18
N THR C 204 -43.88 -44.68 15.01
CA THR C 204 -44.70 -44.94 13.83
C THR C 204 -46.18 -44.95 14.20
N ASP C 205 -47.03 -44.98 13.18
CA ASP C 205 -48.48 -44.97 13.30
C ASP C 205 -49.05 -46.38 13.15
N GLU C 206 -50.35 -46.48 13.06
CA GLU C 206 -50.99 -47.77 12.95
C GLU C 206 -50.64 -48.48 11.63
N ARG C 207 -50.19 -47.75 10.60
CA ARG C 207 -49.70 -48.37 9.38
C ARG C 207 -48.18 -48.37 9.32
N TYR C 208 -47.55 -48.20 10.48
CA TYR C 208 -46.10 -48.26 10.66
C TYR C 208 -45.34 -47.20 9.87
N ALA C 209 -46.02 -46.15 9.43
CA ALA C 209 -45.38 -44.97 8.84
C ALA C 209 -45.03 -43.98 9.95
N LEU C 210 -43.87 -43.33 9.83
CA LEU C 210 -43.43 -42.39 10.86
C LEU C 210 -44.43 -41.24 11.02
N ARG C 211 -44.58 -40.75 12.26
CA ARG C 211 -45.44 -39.60 12.52
C ARG C 211 -44.66 -38.31 12.39
N PRO C 212 -44.92 -37.47 11.37
CA PRO C 212 -44.28 -36.15 11.27
C PRO C 212 -44.40 -35.32 12.54
N GLU C 213 -45.51 -35.45 13.27
CA GLU C 213 -45.65 -34.79 14.56
C GLU C 213 -44.56 -35.20 15.54
N ALA C 214 -44.09 -36.44 15.46
CA ALA C 214 -42.99 -36.85 16.34
C ALA C 214 -41.66 -36.29 15.84
N LEU C 215 -41.44 -36.29 14.53
CA LEU C 215 -40.25 -35.68 13.94
C LEU C 215 -40.06 -34.25 14.47
N GLN C 216 -41.06 -33.40 14.25
CA GLN C 216 -41.03 -32.03 14.76
C GLN C 216 -41.03 -31.96 16.28
N ALA C 217 -41.49 -33.00 16.97
CA ALA C 217 -41.25 -33.02 18.41
C ALA C 217 -39.77 -33.29 18.69
N ALA C 218 -39.27 -34.41 18.16
CA ALA C 218 -37.85 -34.73 18.31
C ALA C 218 -36.95 -33.58 17.85
N ILE C 219 -37.32 -32.88 16.77
CA ILE C 219 -36.43 -31.84 16.24
C ILE C 219 -36.38 -30.62 17.15
N GLU C 220 -37.52 -30.23 17.75
CA GLU C 220 -37.50 -29.09 18.65
C GLU C 220 -36.74 -29.44 19.92
N GLN C 221 -36.86 -30.68 20.37
CA GLN C 221 -36.24 -31.07 21.64
C GLN C 221 -34.72 -31.02 21.58
N ASP C 222 -34.12 -31.30 20.42
CA ASP C 222 -32.66 -31.25 20.31
C ASP C 222 -32.13 -29.84 20.10
N LEU C 223 -32.88 -28.98 19.39
CA LEU C 223 -32.59 -27.56 19.44
C LEU C 223 -32.67 -27.06 20.88
N ALA C 224 -33.68 -27.55 21.62
CA ALA C 224 -33.81 -27.25 23.04
C ALA C 224 -32.89 -28.11 23.88
N ALA C 225 -32.03 -28.87 23.25
CA ALA C 225 -30.92 -29.49 23.93
C ALA C 225 -29.60 -28.91 23.46
N GLY C 226 -29.59 -28.11 22.38
CA GLY C 226 -28.34 -27.62 21.85
C GLY C 226 -27.65 -28.57 20.90
N ASN C 227 -28.22 -29.75 20.65
CA ASN C 227 -27.70 -30.55 19.57
C ASN C 227 -28.09 -29.86 18.26
N GLN C 228 -27.55 -30.33 17.13
CA GLN C 228 -27.76 -29.67 15.84
C GLN C 228 -28.40 -30.71 14.91
N PRO C 229 -29.72 -30.62 14.69
CA PRO C 229 -30.32 -31.56 13.74
C PRO C 229 -29.70 -31.38 12.37
N CYS C 230 -29.44 -32.50 11.68
CA CYS C 230 -28.77 -32.52 10.37
C CYS C 230 -29.61 -33.13 9.25
N ALA C 231 -30.20 -34.32 9.44
CA ALA C 231 -30.81 -35.02 8.31
C ALA C 231 -31.97 -35.90 8.72
N VAL C 232 -32.95 -36.02 7.82
CA VAL C 232 -34.06 -36.96 7.95
C VAL C 232 -33.91 -38.05 6.90
N VAL C 233 -34.21 -39.29 7.27
CA VAL C 233 -34.26 -40.39 6.30
C VAL C 233 -35.64 -41.02 6.37
N ALA C 234 -36.40 -40.89 5.29
CA ALA C 234 -37.73 -41.48 5.18
C ALA C 234 -37.71 -42.68 4.24
N THR C 235 -38.56 -43.65 4.52
CA THR C 235 -38.57 -44.92 3.80
C THR C 235 -39.91 -45.07 3.10
N THR C 236 -39.85 -45.18 1.77
CA THR C 236 -41.03 -45.45 0.95
C THR C 236 -40.99 -46.95 0.61
N GLY C 237 -41.58 -47.74 1.50
CA GLY C 237 -41.61 -49.18 1.33
C GLY C 237 -40.63 -49.84 2.26
N THR C 238 -41.00 -49.95 3.55
CA THR C 238 -40.04 -50.46 4.51
C THR C 238 -39.87 -51.96 4.29
N THR C 239 -38.82 -52.52 4.92
CA THR C 239 -38.53 -53.91 4.62
C THR C 239 -39.51 -54.86 5.29
N THR C 240 -39.99 -54.53 6.50
CA THR C 240 -40.88 -55.44 7.20
C THR C 240 -42.22 -55.43 6.48
N THR C 241 -42.96 -54.32 6.58
CA THR C 241 -44.34 -54.28 6.12
C THR C 241 -44.57 -53.42 4.88
N THR C 242 -43.51 -53.03 4.16
CA THR C 242 -43.56 -52.00 3.12
C THR C 242 -44.45 -50.82 3.54
N ALA C 243 -44.19 -50.27 4.72
CA ALA C 243 -44.83 -49.02 5.13
C ALA C 243 -44.34 -47.85 4.28
N LEU C 244 -45.08 -46.74 4.35
CA LEU C 244 -44.97 -45.63 3.41
C LEU C 244 -44.88 -44.29 4.13
N ASP C 245 -43.68 -43.95 4.62
CA ASP C 245 -43.48 -42.66 5.28
C ASP C 245 -44.18 -41.56 4.50
N PRO C 246 -44.89 -40.64 5.15
CA PRO C 246 -45.51 -39.53 4.41
C PRO C 246 -44.45 -38.45 4.16
N LEU C 247 -44.10 -38.27 2.88
CA LEU C 247 -42.94 -37.46 2.52
C LEU C 247 -43.28 -35.98 2.31
N ARG C 248 -44.56 -35.63 2.17
CA ARG C 248 -44.83 -34.22 1.98
C ARG C 248 -44.78 -33.53 3.35
N PRO C 249 -45.49 -33.99 4.39
CA PRO C 249 -45.26 -33.39 5.70
C PRO C 249 -43.82 -33.48 6.18
N VAL C 250 -43.16 -34.63 5.99
CA VAL C 250 -41.78 -34.76 6.46
C VAL C 250 -40.86 -33.85 5.64
N GLY C 251 -41.22 -33.58 4.40
CA GLY C 251 -40.41 -32.78 3.52
C GLY C 251 -40.55 -31.31 3.85
N GLU C 252 -41.77 -30.90 4.21
CA GLU C 252 -41.99 -29.54 4.66
C GLU C 252 -41.28 -29.27 5.98
N ILE C 253 -41.13 -30.28 6.84
CA ILE C 253 -40.44 -30.10 8.11
C ILE C 253 -38.95 -29.95 7.87
N ALA C 254 -38.37 -30.90 7.14
CA ALA C 254 -36.94 -30.87 6.79
C ALA C 254 -36.56 -29.60 6.06
N GLN C 255 -37.47 -29.03 5.26
CA GLN C 255 -37.21 -27.76 4.58
C GLN C 255 -37.28 -26.59 5.54
N ALA C 256 -38.29 -26.56 6.40
CA ALA C 256 -38.40 -25.49 7.37
C ALA C 256 -37.25 -25.46 8.39
N ASN C 257 -36.52 -26.56 8.57
CA ASN C 257 -35.47 -26.61 9.58
C ASN C 257 -34.07 -26.77 9.00
N GLY C 258 -33.90 -26.61 7.69
CA GLY C 258 -32.57 -26.71 7.10
C GLY C 258 -31.90 -28.07 7.23
N LEU C 259 -32.64 -29.15 7.06
CA LEU C 259 -32.09 -30.50 7.18
C LEU C 259 -32.11 -31.22 5.84
N TRP C 260 -31.32 -32.28 5.75
CA TRP C 260 -31.26 -33.08 4.54
C TRP C 260 -32.39 -34.12 4.57
N LEU C 261 -33.18 -34.16 3.49
CA LEU C 261 -34.17 -35.21 3.33
C LEU C 261 -33.60 -36.21 2.31
N HIS C 262 -33.18 -37.36 2.80
CA HIS C 262 -32.84 -38.48 1.95
C HIS C 262 -33.95 -39.52 2.06
N VAL C 263 -34.42 -40.03 0.91
CA VAL C 263 -35.55 -40.96 0.87
C VAL C 263 -35.06 -42.33 0.41
N ASP C 264 -35.31 -43.36 1.22
CA ASP C 264 -34.87 -44.74 0.96
C ASP C 264 -36.04 -45.45 0.26
N SER C 265 -36.09 -45.31 -1.06
CA SER C 265 -37.09 -46.01 -1.86
C SER C 265 -36.46 -47.17 -2.63
N ALA C 266 -35.63 -47.96 -1.93
CA ALA C 266 -34.94 -49.08 -2.55
C ALA C 266 -35.92 -50.05 -3.22
N MET C 267 -36.83 -50.63 -2.43
CA MET C 267 -37.72 -51.65 -2.98
C MET C 267 -38.80 -50.94 -3.80
N ALA C 268 -39.68 -50.19 -3.13
CA ALA C 268 -40.87 -49.65 -3.78
C ALA C 268 -40.56 -48.58 -4.82
N GLY C 269 -39.31 -48.17 -5.00
CA GLY C 269 -39.01 -47.22 -6.06
C GLY C 269 -39.45 -47.67 -7.43
N SER C 270 -39.31 -48.97 -7.72
CA SER C 270 -39.65 -49.50 -9.05
C SER C 270 -41.11 -49.25 -9.40
N ALA C 271 -42.01 -49.35 -8.41
CA ALA C 271 -43.44 -49.16 -8.65
C ALA C 271 -43.76 -47.78 -9.19
N MET C 272 -42.84 -46.83 -9.06
CA MET C 272 -43.12 -45.47 -9.50
C MET C 272 -43.00 -45.32 -11.01
N ILE C 273 -42.68 -46.40 -11.73
CA ILE C 273 -42.96 -46.40 -13.17
C ILE C 273 -44.43 -46.60 -13.43
N LEU C 274 -45.21 -46.98 -12.41
CA LEU C 274 -46.65 -47.19 -12.56
C LEU C 274 -47.36 -45.91 -12.15
N PRO C 275 -48.01 -45.20 -13.08
CA PRO C 275 -48.65 -43.92 -12.73
C PRO C 275 -49.72 -44.02 -11.66
N GLU C 276 -50.36 -45.17 -11.55
CA GLU C 276 -51.33 -45.45 -10.51
C GLU C 276 -50.72 -45.47 -9.11
N CYS C 277 -49.39 -45.65 -8.97
CA CYS C 277 -48.80 -45.78 -7.63
C CYS C 277 -48.02 -44.57 -7.12
N ARG C 278 -47.84 -43.50 -7.93
CA ARG C 278 -47.06 -42.34 -7.48
C ARG C 278 -47.74 -41.51 -6.39
N TRP C 279 -48.94 -41.86 -5.92
CA TRP C 279 -49.38 -41.31 -4.64
C TRP C 279 -48.38 -41.67 -3.54
N MET C 280 -47.80 -42.87 -3.61
CA MET C 280 -46.84 -43.28 -2.59
C MET C 280 -45.69 -42.31 -2.44
N TRP C 281 -45.35 -41.59 -3.51
CA TRP C 281 -44.19 -40.70 -3.52
C TRP C 281 -44.54 -39.24 -3.32
N ASP C 282 -45.75 -38.91 -2.91
CA ASP C 282 -46.07 -37.50 -2.89
C ASP C 282 -45.20 -36.78 -1.87
N GLY C 283 -44.63 -35.65 -2.29
CA GLY C 283 -43.66 -34.90 -1.51
C GLY C 283 -42.24 -35.09 -1.99
N ILE C 284 -42.00 -36.13 -2.79
CA ILE C 284 -40.63 -36.53 -3.13
C ILE C 284 -39.84 -35.39 -3.74
N GLU C 285 -40.53 -34.46 -4.43
CA GLU C 285 -39.91 -33.27 -4.97
C GLU C 285 -39.35 -32.37 -3.88
N LEU C 286 -39.72 -32.61 -2.64
CA LEU C 286 -39.20 -31.84 -1.52
C LEU C 286 -37.88 -32.38 -1.00
N ALA C 287 -37.47 -33.55 -1.49
CA ALA C 287 -36.36 -34.33 -0.99
C ALA C 287 -35.06 -33.95 -1.70
N ASP C 288 -33.94 -34.08 -0.96
CA ASP C 288 -32.62 -33.78 -1.49
C ASP C 288 -32.05 -34.96 -2.30
N SER C 289 -32.25 -36.18 -1.83
CA SER C 289 -31.76 -37.36 -2.54
C SER C 289 -32.84 -38.45 -2.50
N VAL C 290 -32.69 -39.44 -3.38
CA VAL C 290 -33.57 -40.60 -3.42
C VAL C 290 -32.81 -41.74 -4.06
N VAL C 291 -33.03 -42.95 -3.53
CA VAL C 291 -32.33 -44.13 -4.02
C VAL C 291 -33.36 -45.19 -4.38
N VAL C 292 -33.16 -45.84 -5.53
CA VAL C 292 -34.05 -46.87 -6.03
C VAL C 292 -33.17 -48.01 -6.51
N ASN C 293 -33.52 -49.23 -6.15
CA ASN C 293 -32.72 -50.40 -6.50
C ASN C 293 -33.38 -51.02 -7.73
N ALA C 294 -32.92 -50.62 -8.90
CA ALA C 294 -33.33 -51.31 -10.10
C ALA C 294 -32.95 -52.77 -10.06
N HIS C 295 -31.92 -53.14 -9.30
CA HIS C 295 -31.59 -54.54 -9.17
C HIS C 295 -32.48 -55.29 -8.18
N LYS C 296 -33.60 -54.73 -7.76
CA LYS C 296 -34.45 -55.48 -6.84
C LYS C 296 -35.69 -56.04 -7.52
N TRP C 297 -36.72 -55.21 -7.70
CA TRP C 297 -38.00 -55.57 -8.28
C TRP C 297 -38.05 -55.27 -9.78
N LEU C 298 -37.56 -54.10 -10.18
CA LEU C 298 -37.60 -53.69 -11.58
C LEU C 298 -37.03 -54.76 -12.51
N GLY C 299 -35.91 -55.37 -12.15
CA GLY C 299 -35.42 -56.54 -12.89
C GLY C 299 -34.03 -56.43 -13.48
N VAL C 300 -33.23 -55.38 -13.23
CA VAL C 300 -31.85 -55.32 -13.69
C VAL C 300 -30.97 -56.16 -12.76
N ALA C 301 -30.05 -56.95 -13.30
CA ALA C 301 -29.24 -57.82 -12.44
C ALA C 301 -28.38 -57.03 -11.47
N PHE C 302 -28.33 -57.49 -10.21
CA PHE C 302 -27.40 -56.94 -9.22
C PHE C 302 -25.98 -57.00 -9.77
N ASP C 303 -25.17 -55.94 -9.57
CA ASP C 303 -25.48 -54.67 -8.89
C ASP C 303 -25.93 -53.55 -9.83
N CYS C 304 -26.89 -52.77 -9.38
CA CYS C 304 -27.30 -51.57 -10.10
C CYS C 304 -28.23 -50.78 -9.19
N SER C 305 -27.65 -49.92 -8.35
CA SER C 305 -28.37 -49.10 -7.40
C SER C 305 -28.36 -47.68 -7.91
N ILE C 306 -29.53 -47.06 -7.98
CA ILE C 306 -29.70 -45.74 -8.58
C ILE C 306 -29.86 -44.71 -7.47
N TYR C 307 -29.08 -43.62 -7.56
CA TYR C 307 -29.08 -42.52 -6.61
C TYR C 307 -29.33 -41.25 -7.38
N TYR C 308 -30.35 -40.48 -6.97
CA TYR C 308 -30.76 -39.26 -7.66
C TYR C 308 -30.68 -38.08 -6.71
N VAL C 309 -30.04 -37.01 -7.15
CA VAL C 309 -29.93 -35.79 -6.37
C VAL C 309 -30.49 -34.64 -7.19
N ARG C 310 -31.05 -33.67 -6.49
CA ARG C 310 -31.42 -32.39 -7.09
C ARG C 310 -30.26 -31.38 -7.09
N ASP C 311 -29.23 -31.64 -6.30
CA ASP C 311 -28.08 -30.75 -6.14
C ASP C 311 -26.82 -31.56 -6.44
N PRO C 312 -26.59 -31.90 -7.71
CA PRO C 312 -25.35 -32.62 -8.06
C PRO C 312 -24.08 -31.82 -7.78
N GLN C 313 -24.16 -30.48 -7.81
CA GLN C 313 -23.01 -29.66 -7.47
C GLN C 313 -22.54 -29.92 -6.04
N HIS C 314 -23.48 -30.23 -5.14
CA HIS C 314 -23.05 -30.55 -3.79
C HIS C 314 -22.54 -31.98 -3.68
N LEU C 315 -23.08 -32.89 -4.48
CA LEU C 315 -22.51 -34.23 -4.52
C LEU C 315 -21.07 -34.18 -5.00
N ILE C 316 -20.85 -33.51 -6.14
CA ILE C 316 -19.51 -33.38 -6.69
C ILE C 316 -18.56 -32.68 -5.72
N ARG C 317 -19.03 -31.62 -5.04
CA ARG C 317 -18.16 -30.94 -4.08
C ARG C 317 -17.66 -31.89 -3.00
N VAL C 318 -18.55 -32.77 -2.50
CA VAL C 318 -18.18 -33.64 -1.39
C VAL C 318 -17.25 -34.76 -1.87
N MET C 319 -17.69 -35.51 -2.88
CA MET C 319 -16.98 -36.72 -3.27
C MET C 319 -15.70 -36.43 -4.02
N SER C 320 -15.60 -35.31 -4.72
CA SER C 320 -14.31 -34.83 -5.19
C SER C 320 -13.55 -34.05 -4.12
N THR C 321 -14.05 -34.00 -2.88
CA THR C 321 -13.46 -33.22 -1.77
C THR C 321 -13.00 -31.84 -2.22
N ASN C 322 -13.76 -31.25 -3.14
CA ASN C 322 -13.47 -29.91 -3.65
C ASN C 322 -14.70 -29.03 -3.50
N PRO C 323 -14.90 -28.40 -2.33
CA PRO C 323 -16.12 -27.61 -2.11
C PRO C 323 -16.15 -26.28 -2.87
N SER C 324 -15.06 -25.85 -3.48
CA SER C 324 -15.04 -24.63 -4.27
C SER C 324 -15.69 -24.82 -5.65
N TYR C 325 -16.20 -26.02 -5.94
CA TYR C 325 -16.64 -26.37 -7.28
C TYR C 325 -17.96 -25.71 -7.63
N LEU C 326 -18.04 -25.17 -8.84
CA LEU C 326 -19.26 -24.60 -9.39
C LEU C 326 -19.64 -25.38 -10.64
N GLN C 327 -20.90 -25.80 -10.73
CA GLN C 327 -21.38 -26.51 -11.91
C GLN C 327 -21.45 -25.62 -13.13
N SER C 328 -21.70 -24.32 -12.94
CA SER C 328 -21.93 -23.41 -14.06
C SER C 328 -20.64 -22.92 -14.70
N ALA C 329 -19.51 -23.03 -14.01
CA ALA C 329 -18.25 -22.59 -14.57
C ALA C 329 -17.69 -23.62 -15.55
N LYS C 335 -19.52 -34.79 -17.78
CA LYS C 335 -19.78 -35.52 -16.54
C LYS C 335 -18.65 -36.52 -16.22
N ASN C 336 -18.38 -36.68 -14.92
CA ASN C 336 -17.27 -37.46 -14.37
C ASN C 336 -17.84 -38.21 -13.18
N LEU C 337 -18.43 -39.39 -13.44
CA LEU C 337 -19.12 -40.17 -12.42
C LEU C 337 -18.23 -40.52 -11.24
N ARG C 338 -16.91 -40.47 -11.43
CA ARG C 338 -15.93 -40.48 -10.37
C ARG C 338 -16.33 -39.58 -9.20
N ASP C 339 -16.84 -38.38 -9.51
CA ASP C 339 -17.27 -37.41 -8.50
C ASP C 339 -18.72 -37.64 -8.02
N TRP C 340 -19.38 -38.71 -8.46
CA TRP C 340 -20.77 -38.94 -8.05
C TRP C 340 -20.90 -40.12 -7.10
N GLY C 341 -19.82 -40.51 -6.43
CA GLY C 341 -19.92 -41.57 -5.45
C GLY C 341 -18.56 -41.99 -4.95
N ILE C 342 -18.56 -43.05 -4.15
CA ILE C 342 -17.34 -43.50 -3.48
C ILE C 342 -16.35 -44.03 -4.52
N PRO C 343 -16.66 -45.07 -5.31
CA PRO C 343 -15.62 -45.62 -6.21
C PRO C 343 -15.23 -44.63 -7.32
N LEU C 344 -13.93 -44.56 -7.57
CA LEU C 344 -13.44 -43.73 -8.66
C LEU C 344 -13.54 -44.45 -9.99
N GLY C 345 -13.81 -45.76 -9.96
CA GLY C 345 -13.90 -46.56 -11.15
C GLY C 345 -15.19 -47.37 -11.18
N ARG C 346 -15.71 -47.54 -12.37
CA ARG C 346 -16.95 -48.26 -12.57
C ARG C 346 -16.81 -49.15 -13.78
N ARG C 347 -17.56 -50.24 -13.77
CA ARG C 347 -17.71 -51.05 -14.96
C ARG C 347 -18.94 -50.59 -15.75
N PHE C 348 -19.22 -51.29 -16.84
CA PHE C 348 -20.24 -50.85 -17.80
C PHE C 348 -21.63 -51.40 -17.40
N ARG C 349 -22.06 -50.99 -16.20
CA ARG C 349 -23.36 -51.33 -15.66
C ARG C 349 -24.50 -50.68 -16.44
N ALA C 350 -24.22 -49.59 -17.15
CA ALA C 350 -25.23 -48.97 -18.00
C ALA C 350 -25.64 -49.87 -19.16
N LEU C 351 -24.78 -50.82 -19.55
CA LEU C 351 -25.22 -51.80 -20.53
C LEU C 351 -26.45 -52.57 -20.01
N LYS C 352 -26.43 -52.93 -18.72
CA LYS C 352 -27.52 -53.72 -18.18
C LYS C 352 -28.85 -52.96 -18.24
N LEU C 353 -28.87 -51.72 -17.75
CA LEU C 353 -30.10 -50.94 -17.80
C LEU C 353 -30.55 -50.73 -19.24
N TRP C 354 -29.60 -50.41 -20.11
CA TRP C 354 -29.92 -50.16 -21.51
C TRP C 354 -30.61 -51.38 -22.12
N PHE C 355 -30.00 -52.56 -21.97
CA PHE C 355 -30.55 -53.77 -22.58
C PHE C 355 -31.95 -54.10 -22.03
N MET C 356 -32.15 -53.92 -20.72
CA MET C 356 -33.44 -54.29 -20.14
C MET C 356 -34.52 -53.32 -20.56
N LEU C 357 -34.25 -52.02 -20.39
CA LEU C 357 -35.20 -50.98 -20.78
C LEU C 357 -35.61 -51.14 -22.24
N ARG C 358 -34.66 -51.45 -23.13
CA ARG C 358 -34.99 -51.67 -24.54
C ARG C 358 -35.73 -53.00 -24.73
N SER C 359 -35.01 -54.12 -24.54
CA SER C 359 -35.52 -55.42 -24.96
C SER C 359 -36.94 -55.65 -24.48
N GLU C 360 -37.18 -55.52 -23.17
CA GLU C 360 -38.52 -55.68 -22.59
C GLU C 360 -39.52 -54.63 -23.09
N GLY C 361 -39.25 -53.35 -22.81
CA GLY C 361 -40.22 -52.29 -23.08
C GLY C 361 -41.04 -51.92 -21.84
N VAL C 362 -41.36 -50.63 -21.73
CA VAL C 362 -42.09 -50.13 -20.56
C VAL C 362 -43.44 -50.80 -20.45
N ASP C 363 -43.97 -51.32 -21.56
CA ASP C 363 -45.24 -52.02 -21.51
C ASP C 363 -45.10 -53.34 -20.75
N ALA C 364 -43.98 -54.05 -20.95
CA ALA C 364 -43.77 -55.29 -20.19
C ALA C 364 -43.45 -55.00 -18.73
N LEU C 365 -42.61 -54.00 -18.47
CA LEU C 365 -42.16 -53.75 -17.09
C LEU C 365 -43.33 -53.29 -16.24
N GLN C 366 -44.30 -52.63 -16.86
CA GLN C 366 -45.48 -52.22 -16.10
C GLN C 366 -46.38 -53.41 -15.78
N ALA C 367 -46.61 -54.31 -16.75
CA ALA C 367 -47.51 -55.44 -16.48
C ALA C 367 -46.94 -56.36 -15.42
N ARG C 368 -45.62 -56.57 -15.43
CA ARG C 368 -45.00 -57.43 -14.44
C ARG C 368 -45.20 -56.90 -13.02
N LEU C 369 -44.89 -55.63 -12.80
CA LEU C 369 -45.04 -55.08 -11.44
C LEU C 369 -46.51 -55.05 -11.04
N ARG C 370 -47.39 -54.61 -11.95
CA ARG C 370 -48.82 -54.71 -11.69
C ARG C 370 -49.24 -56.16 -11.48
N ARG C 371 -48.51 -57.11 -12.09
CA ARG C 371 -48.78 -58.51 -11.76
C ARG C 371 -48.51 -58.78 -10.28
N ASP C 372 -47.33 -58.40 -9.81
CA ASP C 372 -46.99 -58.79 -8.44
C ASP C 372 -47.87 -58.04 -7.43
N LEU C 373 -48.34 -56.84 -7.78
CA LEU C 373 -49.28 -56.11 -6.94
C LEU C 373 -50.64 -56.81 -6.87
N ASP C 374 -51.13 -57.24 -8.03
CA ASP C 374 -52.41 -57.94 -8.14
C ASP C 374 -52.36 -59.31 -7.47
N ASN C 375 -51.22 -60.00 -7.56
CA ASN C 375 -51.10 -61.33 -6.95
C ASN C 375 -51.02 -61.24 -5.41
N ALA C 376 -50.50 -60.13 -4.88
CA ALA C 376 -50.41 -59.92 -3.44
C ALA C 376 -51.74 -59.46 -2.85
N GLN C 377 -52.58 -58.85 -3.67
CA GLN C 377 -53.98 -58.62 -3.29
C GLN C 377 -54.75 -59.94 -3.24
N TRP C 378 -54.44 -60.88 -4.15
CA TRP C 378 -55.17 -62.14 -4.18
C TRP C 378 -54.88 -62.97 -2.94
N LEU C 379 -53.60 -63.12 -2.58
CA LEU C 379 -53.25 -63.93 -1.42
C LEU C 379 -53.65 -63.26 -0.11
N ALA C 380 -53.68 -61.92 -0.08
CA ALA C 380 -54.19 -61.22 1.11
C ALA C 380 -55.65 -61.52 1.35
N GLY C 381 -56.41 -61.74 0.28
CA GLY C 381 -57.85 -61.95 0.41
C GLY C 381 -58.21 -63.35 0.83
N GLN C 382 -57.42 -64.35 0.42
CA GLN C 382 -57.50 -65.68 1.00
C GLN C 382 -57.14 -65.63 2.49
N VAL C 383 -55.97 -65.07 2.82
CA VAL C 383 -55.45 -65.07 4.19
C VAL C 383 -56.43 -64.37 5.12
N GLU C 384 -56.96 -63.21 4.70
CA GLU C 384 -57.98 -62.54 5.51
C GLU C 384 -59.10 -63.49 5.87
N ALA C 385 -59.60 -64.24 4.88
CA ALA C 385 -60.86 -64.97 5.03
C ALA C 385 -60.67 -66.36 5.61
N ALA C 386 -59.53 -67.01 5.39
CA ALA C 386 -59.28 -68.28 6.07
C ALA C 386 -59.34 -68.06 7.58
N ALA C 387 -60.01 -68.95 8.29
CA ALA C 387 -59.99 -68.85 9.74
C ALA C 387 -58.61 -69.17 10.26
N GLU C 388 -58.31 -68.65 11.46
CA GLU C 388 -57.04 -68.89 12.13
C GLU C 388 -55.88 -68.15 11.46
N TRP C 389 -56.09 -67.60 10.27
CA TRP C 389 -55.05 -66.83 9.60
C TRP C 389 -55.34 -65.34 9.69
N GLU C 390 -54.28 -64.54 9.63
CA GLU C 390 -54.43 -63.10 9.72
C GLU C 390 -53.30 -62.42 8.95
N VAL C 391 -53.62 -61.24 8.40
CA VAL C 391 -52.62 -60.32 7.87
C VAL C 391 -52.43 -59.23 8.92
N LEU C 392 -51.17 -58.86 9.16
CA LEU C 392 -50.83 -57.98 10.28
C LEU C 392 -50.57 -56.54 9.87
N ALA C 393 -50.61 -56.23 8.58
CA ALA C 393 -50.23 -54.92 8.07
C ALA C 393 -50.94 -54.69 6.74
N PRO C 394 -51.03 -53.45 6.29
CA PRO C 394 -51.64 -53.19 4.98
C PRO C 394 -50.81 -53.76 3.83
N VAL C 395 -51.50 -54.17 2.75
CA VAL C 395 -50.83 -54.62 1.52
C VAL C 395 -50.88 -53.50 0.47
N GLN C 396 -50.10 -52.44 0.69
CA GLN C 396 -49.96 -51.32 -0.25
C GLN C 396 -48.91 -51.59 -1.33
N LEU C 397 -48.08 -52.62 -1.17
CA LEU C 397 -47.21 -53.04 -2.27
C LEU C 397 -47.46 -54.50 -2.60
N GLN C 398 -46.42 -55.33 -2.64
CA GLN C 398 -46.60 -56.74 -2.97
C GLN C 398 -46.11 -57.66 -1.85
N THR C 399 -45.97 -57.14 -0.64
CA THR C 399 -45.53 -57.93 0.51
C THR C 399 -46.68 -58.08 1.50
N LEU C 400 -46.79 -59.28 2.09
CA LEU C 400 -47.78 -59.58 3.12
C LEU C 400 -47.11 -60.01 4.42
N CYS C 401 -47.61 -59.50 5.53
CA CYS C 401 -47.19 -59.95 6.86
C CYS C 401 -48.30 -60.83 7.44
N ILE C 402 -48.09 -62.15 7.39
CA ILE C 402 -49.10 -63.12 7.77
C ILE C 402 -48.63 -63.93 8.96
N ARG C 403 -49.60 -64.56 9.61
CA ARG C 403 -49.42 -65.40 10.78
C ARG C 403 -50.60 -66.34 10.84
N HIS C 404 -50.39 -67.52 11.42
CA HIS C 404 -51.48 -68.46 11.70
C HIS C 404 -51.67 -68.61 13.20
N ARG C 405 -52.93 -68.61 13.63
CA ARG C 405 -53.24 -68.49 15.05
C ARG C 405 -54.01 -69.71 15.57
N PRO C 406 -53.32 -70.73 16.08
CA PRO C 406 -54.01 -71.81 16.77
C PRO C 406 -54.82 -71.22 17.93
N ALA C 407 -56.00 -71.78 18.16
CA ALA C 407 -56.82 -71.25 19.25
C ALA C 407 -56.04 -71.38 20.55
N GLY C 408 -56.11 -70.33 21.38
CA GLY C 408 -55.50 -70.34 22.69
C GLY C 408 -54.02 -70.04 22.75
N LEU C 409 -53.34 -69.90 21.61
CA LEU C 409 -51.88 -69.91 21.56
C LEU C 409 -51.34 -68.49 21.48
N GLU C 410 -50.75 -68.02 22.58
CA GLU C 410 -50.34 -66.64 22.73
C GLU C 410 -48.86 -66.56 23.06
N GLY C 411 -48.26 -65.41 22.72
CA GLY C 411 -46.95 -65.08 23.23
C GLY C 411 -45.85 -66.00 22.71
N GLU C 412 -44.90 -66.30 23.61
CA GLU C 412 -43.71 -67.08 23.25
C GLU C 412 -44.06 -68.35 22.49
N ALA C 413 -45.05 -69.10 23.02
CA ALA C 413 -45.44 -70.35 22.36
C ALA C 413 -45.78 -70.11 20.90
N LEU C 414 -46.58 -69.07 20.63
CA LEU C 414 -46.96 -68.74 19.27
C LEU C 414 -45.72 -68.36 18.45
N ASP C 415 -44.86 -67.51 19.00
CA ASP C 415 -43.57 -67.20 18.38
C ASP C 415 -42.83 -68.47 17.98
N ALA C 416 -42.81 -69.49 18.85
CA ALA C 416 -42.20 -70.77 18.47
C ALA C 416 -43.01 -71.46 17.38
N HIS C 417 -44.35 -71.43 17.50
CA HIS C 417 -45.19 -72.02 16.47
C HIS C 417 -44.95 -71.38 15.10
N THR C 418 -44.60 -70.09 15.09
CA THR C 418 -44.57 -69.37 13.83
C THR C 418 -43.26 -69.60 13.05
N LYS C 419 -42.11 -69.56 13.73
CA LYS C 419 -40.86 -69.85 13.04
C LYS C 419 -40.67 -71.34 12.84
N GLY C 420 -41.32 -72.14 13.69
CA GLY C 420 -41.39 -73.57 13.48
C GLY C 420 -41.93 -73.89 12.10
N TRP C 421 -43.17 -73.46 11.82
CA TRP C 421 -43.72 -73.80 10.52
C TRP C 421 -43.04 -73.03 9.39
N ALA C 422 -42.49 -71.85 9.69
CA ALA C 422 -41.75 -71.11 8.67
C ALA C 422 -40.48 -71.84 8.28
N GLU C 423 -39.78 -72.43 9.26
CA GLU C 423 -38.62 -73.24 8.96
C GLU C 423 -39.00 -74.59 8.37
N ARG C 424 -40.18 -75.12 8.74
CA ARG C 424 -40.64 -76.35 8.10
C ARG C 424 -40.87 -76.14 6.61
N LEU C 425 -41.62 -75.08 6.25
CA LEU C 425 -41.91 -74.83 4.84
C LEU C 425 -40.64 -74.60 4.03
N ASN C 426 -39.72 -73.79 4.57
CA ASN C 426 -38.45 -73.52 3.90
C ASN C 426 -37.65 -74.80 3.65
N ALA C 427 -37.60 -75.72 4.62
CA ALA C 427 -36.82 -76.95 4.49
C ALA C 427 -37.45 -77.96 3.54
N SER C 428 -38.75 -77.81 3.25
CA SER C 428 -39.39 -78.76 2.35
C SER C 428 -38.93 -78.57 0.91
N GLY C 429 -38.53 -77.34 0.54
CA GLY C 429 -38.21 -76.99 -0.83
C GLY C 429 -39.31 -76.29 -1.60
N ALA C 430 -40.53 -76.23 -1.06
CA ALA C 430 -41.63 -75.71 -1.87
C ALA C 430 -41.58 -74.20 -2.01
N ALA C 431 -41.12 -73.49 -0.99
CA ALA C 431 -41.12 -72.03 -1.08
C ALA C 431 -40.00 -71.47 -0.22
N TYR C 432 -39.70 -70.19 -0.42
CA TYR C 432 -38.75 -69.46 0.42
C TYR C 432 -39.46 -68.26 1.04
N VAL C 433 -39.58 -68.27 2.39
CA VAL C 433 -40.20 -67.18 3.17
C VAL C 433 -39.24 -66.69 4.26
N THR C 434 -39.35 -65.40 4.61
CA THR C 434 -38.46 -64.78 5.59
C THR C 434 -39.20 -64.40 6.87
N PRO C 435 -39.10 -65.18 7.94
CA PRO C 435 -39.65 -64.76 9.23
C PRO C 435 -39.07 -63.43 9.65
N ALA C 436 -39.91 -62.61 10.30
CA ALA C 436 -39.51 -61.28 10.76
C ALA C 436 -40.46 -60.85 11.87
N THR C 437 -39.98 -59.96 12.74
CA THR C 437 -40.73 -59.50 13.91
C THR C 437 -41.54 -58.24 13.62
N LEU C 438 -42.70 -58.13 14.27
CA LEU C 438 -43.57 -56.98 14.17
C LEU C 438 -44.26 -56.78 15.50
N ASP C 439 -44.03 -55.62 16.13
CA ASP C 439 -44.67 -55.25 17.40
C ASP C 439 -44.38 -56.26 18.51
N GLY C 440 -43.14 -56.75 18.54
CA GLY C 440 -42.74 -57.66 19.59
C GLY C 440 -43.20 -59.08 19.43
N ARG C 441 -43.76 -59.44 18.28
CA ARG C 441 -44.18 -60.80 17.95
C ARG C 441 -43.53 -61.25 16.64
N TRP C 442 -43.35 -62.54 16.52
CA TRP C 442 -42.86 -63.10 15.26
C TRP C 442 -44.00 -63.34 14.29
N MET C 443 -43.77 -62.99 13.02
CA MET C 443 -44.64 -63.30 11.91
C MET C 443 -43.77 -63.85 10.78
N VAL C 444 -44.37 -63.99 9.59
CA VAL C 444 -43.72 -64.54 8.40
C VAL C 444 -44.05 -63.66 7.21
N ARG C 445 -43.03 -63.37 6.40
CA ARG C 445 -43.16 -62.43 5.29
C ARG C 445 -43.25 -63.19 3.98
N VAL C 446 -44.12 -62.71 3.09
CA VAL C 446 -44.31 -63.30 1.77
C VAL C 446 -44.07 -62.18 0.77
N SER C 447 -42.87 -62.13 0.16
CA SER C 447 -42.53 -61.08 -0.78
C SER C 447 -42.65 -61.62 -2.19
N ILE C 448 -43.62 -61.08 -2.93
CA ILE C 448 -44.07 -61.65 -4.18
C ILE C 448 -43.51 -60.79 -5.31
N GLY C 449 -42.59 -61.36 -6.09
CA GLY C 449 -42.04 -60.65 -7.22
C GLY C 449 -40.87 -61.27 -7.95
N ALA C 450 -40.38 -62.44 -7.51
CA ALA C 450 -39.46 -63.17 -8.35
C ALA C 450 -40.00 -63.22 -9.78
N LEU C 451 -39.09 -63.09 -10.75
CA LEU C 451 -39.49 -62.93 -12.15
C LEU C 451 -40.60 -63.88 -12.61
N PRO C 452 -40.54 -65.18 -12.35
CA PRO C 452 -41.55 -66.07 -12.93
C PRO C 452 -42.73 -66.36 -12.02
N THR C 453 -42.97 -65.56 -10.97
CA THR C 453 -44.06 -65.79 -10.01
C THR C 453 -45.37 -65.27 -10.59
N GLU C 454 -46.20 -66.18 -11.08
CA GLU C 454 -47.49 -65.81 -11.65
C GLU C 454 -48.60 -66.41 -10.79
N ARG C 455 -49.85 -66.11 -11.16
CA ARG C 455 -50.98 -66.43 -10.27
C ARG C 455 -51.07 -67.92 -9.98
N GLY C 456 -50.60 -68.77 -10.90
CA GLY C 456 -50.56 -70.19 -10.62
C GLY C 456 -49.65 -70.54 -9.46
N ASP C 457 -48.48 -69.89 -9.40
CA ASP C 457 -47.52 -70.21 -8.34
C ASP C 457 -48.01 -69.75 -6.97
N VAL C 458 -48.65 -68.58 -6.92
CA VAL C 458 -49.13 -68.02 -5.65
C VAL C 458 -50.29 -68.84 -5.09
N GLN C 459 -51.14 -69.35 -5.97
CA GLN C 459 -52.15 -70.29 -5.53
C GLN C 459 -51.50 -71.47 -4.80
N ARG C 460 -50.56 -72.14 -5.46
CA ARG C 460 -49.81 -73.24 -4.84
C ARG C 460 -49.29 -72.83 -3.46
N LEU C 461 -48.54 -71.73 -3.41
CA LEU C 461 -48.00 -71.25 -2.15
C LEU C 461 -49.08 -71.17 -1.08
N TRP C 462 -50.27 -70.74 -1.45
CA TRP C 462 -51.32 -70.67 -0.43
C TRP C 462 -51.74 -72.07 0.01
N ALA C 463 -51.55 -73.08 -0.84
CA ALA C 463 -51.88 -74.45 -0.46
C ALA C 463 -50.77 -75.08 0.39
N ARG C 464 -49.51 -74.78 0.08
CA ARG C 464 -48.42 -75.24 0.92
C ARG C 464 -48.49 -74.61 2.30
N LEU C 465 -48.83 -73.32 2.37
CA LEU C 465 -48.93 -72.64 3.65
C LEU C 465 -49.95 -73.31 4.58
N GLN C 466 -51.16 -73.61 4.07
CA GLN C 466 -52.14 -74.28 4.90
C GLN C 466 -51.68 -75.69 5.27
N ASP C 467 -51.13 -76.42 4.29
CA ASP C 467 -50.76 -77.81 4.48
C ASP C 467 -49.59 -77.96 5.45
N VAL C 468 -48.72 -76.96 5.54
CA VAL C 468 -47.53 -77.11 6.38
C VAL C 468 -47.92 -77.00 7.84
N ILE C 469 -49.04 -76.33 8.14
CA ILE C 469 -49.54 -76.29 9.51
C ILE C 469 -50.08 -77.67 9.91
N LYS C 470 -50.79 -78.32 8.99
CA LYS C 470 -51.36 -79.63 9.27
C LYS C 470 -50.34 -80.74 9.23
N GLY C 471 -49.05 -80.42 9.16
CA GLY C 471 -48.01 -81.42 9.09
C GLY C 471 -47.75 -82.01 7.72
N LEU C 472 -48.23 -81.37 6.65
CA LEU C 472 -47.96 -81.87 5.30
C LEU C 472 -46.96 -80.99 4.57
N GLU C 473 -45.86 -81.62 4.13
CA GLU C 473 -44.80 -80.97 3.38
C GLU C 473 -44.62 -81.65 2.02
N HIS C 474 -44.25 -80.85 1.02
CA HIS C 474 -44.15 -81.33 -0.35
C HIS C 474 -42.71 -81.24 -0.87
N HIS C 475 -42.21 -82.35 -1.41
CA HIS C 475 -40.91 -82.42 -2.06
C HIS C 475 -41.05 -82.69 -3.54
N HIS C 476 -40.04 -82.28 -4.29
CA HIS C 476 -40.14 -82.20 -5.74
C HIS C 476 -39.97 -83.59 -6.36
#